data_1UYV
#
_entry.id   1UYV
#
_cell.length_a   247.170
_cell.length_b   123.730
_cell.length_c   145.640
_cell.angle_alpha   90.00
_cell.angle_beta   94.20
_cell.angle_gamma   90.00
#
_symmetry.space_group_name_H-M   'C 1 2 1'
#
loop_
_entity.id
_entity.type
_entity.pdbx_description
1 polymer 'ACETYL-COA CARBOXYLASE'
2 water water
#
_entity_poly.entity_id   1
_entity_poly.type   'polypeptide(L)'
_entity_poly.pdbx_seq_one_letter_code
;PIATPYPVKEWLQPKRYKAHLMGTTYVYDFPELFRQASSSQWKNFSADVKLTDDFFISNELIEDENGELTEVEREPGANA
IGMVAFKITVKTPEYPRGRQFVVVANDITFKIGSFGPQEDEFFNKVTEYARKRGIPRIYLAANSGARIGMAEEIVPLFQV
AWNDAANPDKGFQYLYLTSEGMETLKKFDKENSVLTERTVINGEERFVIKTIIGSEDGLGVECIRGSGLIAGATSRAYHD
IFTITLVTCRSVGIGAYLVRLGQRAIQVEGQPIILTGAPAINKMLGREVYTSNLQLGGTQIMYNNGVSHLTAVDDLAGVE
KIVEWMSYVPAKRNMPVPILETKDTWDRPVDFTPTNDETYDVRWMIEGRETESGFEYGLFDKGSFFETLSGWAKGVVVGR
ARLGGIPLGVIGVETRTVENLIPADPANPNSAETLIQEPGQVWHPNSAFKTAQAINDFNNGEQLPMMILANWRGFSGGQR
DMFNEILKYGSFIVDALVDYKQPIIIYIPPTGELRGGSWVVVDPTINADQMEMYADVNARAGVLEPQGMVGIKFRREKLL
DTMNRLDDKYRELRSQLSNKSLAPEVHQQISKQLADRERELLPIYGQISLQFADLHDRSSRMVAKGVISKELEWTEARRF
FFWRLRRRLNEEYLIKRLSHQVGEASRLEKIARIRSWYPASVDHEDDRQVATWIEENYKTLDDKLKGLKLESFAQDLAKK
IRSDHDNAIDGLSEVIK
;
_entity_poly.pdbx_strand_id   A,B,C
#
# COMPACT_ATOMS: atom_id res chain seq x y z
N PRO A 1 11.88 66.64 39.46
CA PRO A 1 11.03 67.59 40.21
C PRO A 1 11.36 67.57 41.70
N ILE A 2 10.38 67.18 42.51
CA ILE A 2 10.54 67.10 43.96
C ILE A 2 9.68 65.98 44.57
N ALA A 3 10.33 65.00 45.18
CA ALA A 3 9.64 63.87 45.81
C ALA A 3 8.75 63.12 44.83
N THR A 4 9.36 62.32 43.98
CA THR A 4 8.64 61.53 43.01
C THR A 4 8.58 60.08 43.46
N PRO A 5 7.58 59.31 42.97
CA PRO A 5 7.42 57.89 43.33
C PRO A 5 8.73 57.12 43.30
N TYR A 6 9.40 57.14 42.15
CA TYR A 6 10.66 56.45 42.00
C TYR A 6 11.81 57.44 41.80
N PRO A 7 13.06 56.95 41.84
CA PRO A 7 14.25 57.79 41.65
C PRO A 7 14.26 58.57 40.33
N VAL A 8 14.40 59.89 40.41
CA VAL A 8 14.43 60.77 39.22
C VAL A 8 15.61 60.40 38.33
N LYS A 9 15.32 59.97 37.10
CA LYS A 9 16.37 59.57 36.16
C LYS A 9 17.07 60.74 35.48
N GLU A 10 16.42 61.90 35.46
CA GLU A 10 17.00 63.08 34.84
C GLU A 10 17.94 63.78 35.82
N TRP A 11 18.04 63.23 37.03
CA TRP A 11 18.93 63.75 38.07
C TRP A 11 20.14 62.82 38.21
N LEU A 12 19.87 61.53 38.37
CA LEU A 12 20.91 60.52 38.50
C LEU A 12 21.81 60.66 37.28
N GLN A 13 21.19 61.12 36.19
CA GLN A 13 21.85 61.33 34.92
C GLN A 13 21.06 62.40 34.15
N PRO A 14 21.41 63.69 34.37
CA PRO A 14 20.80 64.88 33.75
C PRO A 14 20.85 64.84 32.23
N LYS A 15 21.74 63.99 31.71
CA LYS A 15 21.90 63.82 30.27
C LYS A 15 20.53 63.48 29.70
N ARG A 16 19.78 62.66 30.42
CA ARG A 16 18.46 62.26 29.98
C ARG A 16 17.54 63.47 29.77
N TYR A 17 17.80 64.56 30.50
CA TYR A 17 16.98 65.75 30.37
C TYR A 17 17.35 66.55 29.11
N LYS A 18 18.65 66.62 28.82
CA LYS A 18 19.11 67.33 27.63
C LYS A 18 18.53 66.69 26.38
N ALA A 19 18.61 65.37 26.31
CA ALA A 19 18.09 64.64 25.16
C ALA A 19 16.64 65.04 24.92
N HIS A 20 15.84 64.93 25.97
CA HIS A 20 14.42 65.27 25.88
C HIS A 20 14.21 66.69 25.36
N LEU A 21 15.01 67.62 25.84
CA LEU A 21 14.90 69.02 25.40
C LEU A 21 15.22 69.10 23.92
N MET A 22 16.10 68.21 23.46
CA MET A 22 16.52 68.13 22.05
C MET A 22 15.42 67.49 21.23
N GLY A 23 14.41 66.95 21.93
CA GLY A 23 13.30 66.32 21.25
C GLY A 23 13.59 64.90 20.79
N THR A 24 14.45 64.20 21.52
CA THR A 24 14.78 62.83 21.16
C THR A 24 14.91 61.96 22.41
N THR A 25 14.95 60.64 22.22
CA THR A 25 15.07 59.71 23.34
C THR A 25 16.52 59.65 23.79
N TYR A 26 16.76 59.42 25.07
CA TYR A 26 18.13 59.34 25.57
C TYR A 26 18.74 58.05 25.07
N VAL A 27 19.90 58.14 24.44
CA VAL A 27 20.55 56.97 23.86
C VAL A 27 20.51 55.70 24.73
N TYR A 28 20.83 55.80 26.01
CA TYR A 28 20.79 54.60 26.85
C TYR A 28 19.39 54.09 27.11
N ASP A 29 18.39 54.84 26.65
CA ASP A 29 17.01 54.45 26.82
C ASP A 29 16.42 53.77 25.61
N PHE A 30 17.17 53.74 24.51
CA PHE A 30 16.69 53.10 23.29
C PHE A 30 16.52 51.60 23.44
N PRO A 31 17.48 50.91 24.08
CA PRO A 31 17.35 49.47 24.24
C PRO A 31 15.98 49.09 24.78
N GLU A 32 15.48 49.89 25.73
CA GLU A 32 14.19 49.64 26.34
C GLU A 32 13.06 49.74 25.33
N LEU A 33 13.20 50.65 24.36
CA LEU A 33 12.18 50.79 23.33
C LEU A 33 12.18 49.52 22.47
N PHE A 34 13.36 48.99 22.11
CA PHE A 34 13.39 47.77 21.32
C PHE A 34 12.73 46.63 22.09
N ARG A 35 12.88 46.60 23.41
CA ARG A 35 12.25 45.55 24.20
C ARG A 35 10.72 45.72 24.08
N GLN A 36 10.23 46.92 24.36
CA GLN A 36 8.80 47.20 24.26
C GLN A 36 8.26 46.82 22.88
N ALA A 37 9.02 47.20 21.84
CA ALA A 37 8.63 46.91 20.48
C ALA A 37 8.60 45.40 20.22
N SER A 38 9.59 44.68 20.70
CA SER A 38 9.65 43.23 20.50
C SER A 38 8.48 42.60 21.24
N SER A 39 8.19 43.13 22.43
CA SER A 39 7.09 42.63 23.22
C SER A 39 5.77 42.76 22.44
N SER A 40 5.57 43.93 21.84
CA SER A 40 4.37 44.18 21.06
C SER A 40 4.34 43.24 19.88
N GLN A 41 5.50 42.94 19.34
CA GLN A 41 5.58 42.05 18.19
C GLN A 41 4.97 40.70 18.57
N TRP A 42 5.32 40.19 19.75
CA TRP A 42 4.81 38.92 20.23
C TRP A 42 3.31 38.96 20.50
N LYS A 43 2.85 40.06 21.09
CA LYS A 43 1.45 40.25 21.42
C LYS A 43 0.58 40.26 20.17
N ASN A 44 1.13 40.77 19.07
CA ASN A 44 0.39 40.81 17.83
C ASN A 44 0.37 39.45 17.15
N PHE A 45 1.44 38.69 17.31
CA PHE A 45 1.53 37.38 16.71
C PHE A 45 0.65 36.37 17.43
N SER A 46 0.81 36.30 18.75
CA SER A 46 0.07 35.39 19.60
C SER A 46 -0.32 36.12 20.88
N ALA A 47 -1.53 36.65 20.90
CA ALA A 47 -2.05 37.39 22.05
C ALA A 47 -2.38 36.44 23.20
N ASP A 48 -1.37 35.71 23.68
CA ASP A 48 -1.56 34.77 24.78
C ASP A 48 -0.26 34.14 25.24
N VAL A 49 0.80 34.38 24.49
CA VAL A 49 2.11 33.82 24.83
C VAL A 49 2.72 34.55 26.01
N LYS A 50 3.08 33.79 27.03
CA LYS A 50 3.69 34.34 28.22
C LYS A 50 5.09 34.77 27.82
N LEU A 51 5.53 35.95 28.27
CA LEU A 51 6.85 36.41 27.92
C LEU A 51 7.68 36.72 29.16
N THR A 52 8.97 36.40 29.12
CA THR A 52 9.87 36.64 30.23
C THR A 52 10.98 37.60 29.82
N ASP A 53 11.42 38.44 30.76
CA ASP A 53 12.49 39.40 30.49
C ASP A 53 13.74 38.77 29.87
N ASP A 54 13.86 37.46 29.98
CA ASP A 54 15.03 36.77 29.43
C ASP A 54 14.88 36.55 27.93
N PHE A 55 13.78 37.06 27.38
CA PHE A 55 13.51 36.94 25.95
C PHE A 55 14.20 38.09 25.22
N PHE A 56 14.69 39.05 25.98
CA PHE A 56 15.37 40.21 25.40
C PHE A 56 16.59 40.55 26.24
N ILE A 57 17.75 40.62 25.57
CA ILE A 57 19.01 40.93 26.23
C ILE A 57 19.72 42.02 25.45
N SER A 58 20.25 43.00 26.17
CA SER A 58 20.97 44.10 25.54
C SER A 58 22.28 44.33 26.26
N ASN A 59 23.39 44.04 25.59
CA ASN A 59 24.71 44.24 26.17
C ASN A 59 25.45 45.34 25.44
N GLU A 60 25.84 46.38 26.16
CA GLU A 60 26.58 47.48 25.55
C GLU A 60 27.92 46.98 25.01
N LEU A 61 28.46 47.65 24.00
CA LEU A 61 29.74 47.26 23.42
C LEU A 61 30.72 48.43 23.52
N ILE A 62 31.94 48.14 23.95
CA ILE A 62 33.00 49.15 24.04
C ILE A 62 34.32 48.49 23.68
N GLU A 63 35.32 49.30 23.37
CA GLU A 63 36.63 48.78 23.00
C GLU A 63 37.51 48.51 24.22
N ASP A 64 38.22 47.39 24.21
CA ASP A 64 39.12 47.03 25.30
C ASP A 64 40.50 47.65 25.06
N GLU A 65 41.51 47.21 25.82
CA GLU A 65 42.86 47.75 25.68
C GLU A 65 43.39 47.63 24.26
N ASN A 66 42.92 46.61 23.55
CA ASN A 66 43.35 46.35 22.18
C ASN A 66 42.47 47.09 21.18
N GLY A 67 41.41 47.72 21.66
CA GLY A 67 40.51 48.43 20.78
C GLY A 67 39.45 47.53 20.19
N GLU A 68 39.34 46.32 20.74
CA GLU A 68 38.36 45.33 20.27
C GLU A 68 37.07 45.47 21.09
N LEU A 69 35.94 45.38 20.40
CA LEU A 69 34.64 45.50 21.06
C LEU A 69 34.29 44.31 21.94
N THR A 70 33.87 44.59 23.17
CA THR A 70 33.47 43.52 24.10
C THR A 70 32.20 43.93 24.84
N GLU A 71 31.37 42.94 25.15
CA GLU A 71 30.13 43.21 25.86
C GLU A 71 30.46 43.55 27.32
N VAL A 72 29.83 44.59 27.86
CA VAL A 72 30.06 44.98 29.24
C VAL A 72 28.75 45.40 29.90
N GLU A 73 28.71 45.34 31.22
CA GLU A 73 27.51 45.73 31.95
C GLU A 73 27.90 46.86 32.90
N ARG A 74 27.57 48.09 32.54
CA ARG A 74 27.92 49.24 33.36
C ARG A 74 26.77 50.23 33.44
N GLU A 75 26.93 51.27 34.26
CA GLU A 75 25.90 52.27 34.42
C GLU A 75 25.90 53.24 33.23
N PRO A 76 24.72 53.68 32.79
CA PRO A 76 24.52 54.61 31.68
C PRO A 76 25.27 55.91 31.90
N GLY A 77 25.45 56.68 30.82
CA GLY A 77 26.15 57.96 30.92
C GLY A 77 27.65 57.85 31.13
N ALA A 78 28.17 56.63 31.16
CA ALA A 78 29.60 56.40 31.37
C ALA A 78 30.42 56.44 30.08
N ASN A 79 29.75 56.57 28.95
CA ASN A 79 30.43 56.61 27.66
C ASN A 79 31.42 57.77 27.57
N ALA A 80 32.65 57.46 27.19
CA ALA A 80 33.69 58.49 27.07
C ALA A 80 33.69 59.15 25.69
N ILE A 81 32.89 58.64 24.76
CA ILE A 81 32.81 59.23 23.43
C ILE A 81 31.34 59.46 23.06
N GLY A 82 31.10 60.27 22.06
CA GLY A 82 29.73 60.55 21.66
C GLY A 82 29.08 59.51 20.76
N MET A 83 29.54 58.27 20.84
CA MET A 83 28.98 57.20 20.03
C MET A 83 28.85 55.96 20.92
N VAL A 84 27.66 55.38 20.93
CA VAL A 84 27.39 54.23 21.77
C VAL A 84 26.82 53.09 20.94
N ALA A 85 26.93 51.86 21.44
CA ALA A 85 26.42 50.71 20.70
C ALA A 85 25.93 49.61 21.63
N PHE A 86 25.05 48.75 21.11
CA PHE A 86 24.52 47.66 21.90
C PHE A 86 24.37 46.43 21.05
N LYS A 87 24.60 45.27 21.65
CA LYS A 87 24.43 44.02 20.94
C LYS A 87 23.14 43.49 21.53
N ILE A 88 22.16 43.22 20.68
CA ILE A 88 20.86 42.75 21.13
C ILE A 88 20.56 41.33 20.71
N THR A 89 20.08 40.54 21.66
CA THR A 89 19.72 39.15 21.38
C THR A 89 18.28 39.06 21.84
N VAL A 90 17.38 38.81 20.89
CA VAL A 90 15.96 38.78 21.20
C VAL A 90 15.24 37.61 20.53
N LYS A 91 14.31 37.01 21.28
CA LYS A 91 13.51 35.92 20.75
C LYS A 91 12.32 36.58 20.08
N THR A 92 12.00 36.11 18.88
CA THR A 92 10.93 36.67 18.07
C THR A 92 10.11 35.56 17.43
N PRO A 93 8.91 35.90 16.93
CA PRO A 93 8.06 34.90 16.30
C PRO A 93 8.79 34.18 15.17
N GLU A 94 9.58 34.90 14.38
CA GLU A 94 10.31 34.25 13.27
C GLU A 94 11.49 33.42 13.80
N TYR A 95 12.01 33.82 14.97
CA TYR A 95 13.15 33.14 15.59
C TYR A 95 12.96 32.98 17.09
N PRO A 96 12.08 32.05 17.51
CA PRO A 96 11.78 31.76 18.92
C PRO A 96 13.02 31.52 19.80
N ARG A 97 14.06 30.92 19.22
CA ARG A 97 15.28 30.68 19.98
C ARG A 97 16.16 31.92 20.06
N GLY A 98 15.84 32.95 19.27
CA GLY A 98 16.61 34.18 19.32
C GLY A 98 17.35 34.58 18.06
N ARG A 99 17.51 35.89 17.86
CA ARG A 99 18.23 36.45 16.73
C ARG A 99 19.04 37.62 17.27
N GLN A 100 20.08 38.02 16.54
CA GLN A 100 20.92 39.10 17.04
C GLN A 100 21.19 40.22 16.05
N PHE A 101 21.56 41.36 16.60
CA PHE A 101 21.92 42.51 15.80
C PHE A 101 22.56 43.56 16.68
N VAL A 102 23.16 44.57 16.06
CA VAL A 102 23.81 45.63 16.82
C VAL A 102 23.08 46.94 16.57
N VAL A 103 23.16 47.82 17.56
CA VAL A 103 22.53 49.12 17.48
C VAL A 103 23.64 50.16 17.76
N VAL A 104 23.92 51.03 16.79
CA VAL A 104 24.93 52.09 16.97
C VAL A 104 24.18 53.38 17.01
N ALA A 105 24.59 54.29 17.89
CA ALA A 105 23.91 55.55 18.00
C ALA A 105 24.81 56.68 18.50
N ASN A 106 24.49 57.90 18.10
CA ASN A 106 25.23 59.06 18.55
C ASN A 106 24.57 59.42 19.89
N ASP A 107 25.32 60.11 20.75
CA ASP A 107 24.79 60.57 22.03
C ASP A 107 24.61 62.06 21.84
N ILE A 108 23.40 62.48 21.54
CA ILE A 108 23.12 63.90 21.32
C ILE A 108 23.59 64.78 22.48
N THR A 109 23.69 64.21 23.68
CA THR A 109 24.11 64.96 24.86
C THR A 109 25.63 65.13 24.97
N PHE A 110 26.38 64.23 24.33
CA PHE A 110 27.84 64.28 24.33
C PHE A 110 28.31 65.18 23.18
N LYS A 111 28.59 66.44 23.51
CA LYS A 111 29.03 67.38 22.49
C LYS A 111 28.09 67.38 21.30
N ILE A 112 26.82 67.72 21.58
CA ILE A 112 25.78 67.77 20.56
C ILE A 112 25.84 66.64 19.53
N GLY A 113 26.22 65.44 19.98
CA GLY A 113 26.31 64.30 19.09
C GLY A 113 27.10 64.54 17.81
N SER A 114 28.21 65.25 17.90
CA SER A 114 29.05 65.52 16.74
C SER A 114 29.92 64.31 16.40
N PHE A 115 30.40 64.28 15.16
CA PHE A 115 31.24 63.18 14.68
C PHE A 115 32.71 63.53 14.79
N GLY A 116 33.38 62.98 15.80
CA GLY A 116 34.80 63.23 15.98
C GLY A 116 35.58 62.00 15.56
N PRO A 117 36.91 62.06 15.52
CA PRO A 117 37.72 60.90 15.13
C PRO A 117 37.40 59.65 15.93
N GLN A 118 37.32 59.78 17.24
CA GLN A 118 37.05 58.63 18.10
C GLN A 118 35.70 58.00 17.81
N GLU A 119 34.69 58.83 17.56
CA GLU A 119 33.36 58.34 17.27
C GLU A 119 33.35 57.60 15.93
N ASP A 120 33.99 58.21 14.93
CA ASP A 120 34.06 57.61 13.61
C ASP A 120 34.76 56.27 13.66
N GLU A 121 35.82 56.18 14.46
CA GLU A 121 36.55 54.95 14.57
C GLU A 121 35.68 53.91 15.27
N PHE A 122 34.91 54.35 16.25
CA PHE A 122 34.02 53.44 16.98
C PHE A 122 32.91 52.92 16.05
N PHE A 123 32.28 53.82 15.31
CA PHE A 123 31.22 53.49 14.37
C PHE A 123 31.72 52.45 13.37
N ASN A 124 32.91 52.69 12.81
CA ASN A 124 33.48 51.78 11.85
C ASN A 124 33.69 50.40 12.48
N LYS A 125 34.28 50.37 13.68
CA LYS A 125 34.52 49.13 14.40
C LYS A 125 33.22 48.35 14.58
N VAL A 126 32.16 49.04 15.00
CA VAL A 126 30.88 48.36 15.21
C VAL A 126 30.35 47.79 13.90
N THR A 127 30.48 48.55 12.82
CA THR A 127 30.01 48.08 11.52
C THR A 127 30.75 46.81 11.11
N GLU A 128 32.06 46.78 11.32
CA GLU A 128 32.85 45.60 10.96
C GLU A 128 32.52 44.44 11.87
N TYR A 129 32.15 44.76 13.11
CA TYR A 129 31.78 43.76 14.09
C TYR A 129 30.56 43.01 13.53
N ALA A 130 29.58 43.78 13.06
CA ALA A 130 28.35 43.23 12.51
C ALA A 130 28.57 42.48 11.22
N ARG A 131 29.35 43.07 10.31
CA ARG A 131 29.61 42.41 9.04
C ARG A 131 30.28 41.05 9.24
N LYS A 132 31.27 41.02 10.12
CA LYS A 132 31.97 39.77 10.40
C LYS A 132 31.01 38.67 10.83
N ARG A 133 30.00 39.01 11.61
CA ARG A 133 29.05 38.02 12.07
C ARG A 133 27.83 37.89 11.16
N GLY A 134 27.75 38.78 10.16
CA GLY A 134 26.64 38.75 9.21
C GLY A 134 25.36 39.22 9.85
N ILE A 135 25.53 39.92 10.97
CA ILE A 135 24.45 40.44 11.79
C ILE A 135 23.98 41.85 11.37
N PRO A 136 22.65 42.08 11.38
CA PRO A 136 22.07 43.38 11.01
C PRO A 136 22.65 44.53 11.82
N ARG A 137 22.81 45.68 11.18
CA ARG A 137 23.35 46.88 11.82
C ARG A 137 22.30 47.99 11.84
N ILE A 138 21.80 48.32 13.03
CA ILE A 138 20.81 49.38 13.13
C ILE A 138 21.51 50.66 13.60
N TYR A 139 21.29 51.77 12.89
CA TYR A 139 21.92 53.01 13.28
C TYR A 139 20.87 54.04 13.67
N LEU A 140 21.04 54.63 14.85
CA LEU A 140 20.12 55.65 15.34
C LEU A 140 20.82 57.00 15.21
N ALA A 141 20.48 57.75 14.16
CA ALA A 141 21.09 59.04 13.87
C ALA A 141 20.55 60.24 14.67
N ALA A 142 21.42 60.84 15.47
CA ALA A 142 21.11 62.00 16.30
C ALA A 142 22.41 62.75 16.48
N ASN A 143 22.77 63.55 15.49
CA ASN A 143 24.03 64.29 15.49
C ASN A 143 23.91 65.68 14.88
N SER A 144 25.03 66.40 14.93
CA SER A 144 25.14 67.75 14.38
C SER A 144 26.34 67.81 13.43
N GLY A 145 26.41 66.82 12.55
CA GLY A 145 27.49 66.74 11.58
C GLY A 145 28.87 66.47 12.19
N ALA A 146 29.92 66.77 11.45
CA ALA A 146 31.28 66.58 11.93
C ALA A 146 31.64 67.63 12.97
N ARG A 147 32.41 67.21 13.96
CA ARG A 147 32.83 68.09 15.05
C ARG A 147 33.78 69.18 14.55
N ILE A 148 33.72 70.35 15.17
CA ILE A 148 34.59 71.46 14.79
C ILE A 148 35.21 72.14 16.00
N GLY A 149 36.27 72.90 15.75
CA GLY A 149 36.95 73.60 16.83
C GLY A 149 38.27 74.23 16.41
N MET A 150 38.91 74.88 17.37
CA MET A 150 40.20 75.54 17.13
C MET A 150 41.13 75.38 18.34
N ALA A 151 40.51 75.27 19.53
CA ALA A 151 41.25 75.11 20.78
C ALA A 151 42.29 76.23 20.96
N CYS A 223 39.94 64.35 11.70
CA CYS A 223 38.50 64.39 11.94
C CYS A 223 37.74 64.22 10.63
N ILE A 224 38.33 64.71 9.55
CA ILE A 224 37.73 64.62 8.24
C ILE A 224 38.05 63.26 7.60
N ARG A 225 39.18 62.67 8.03
CA ARG A 225 39.63 61.37 7.53
C ARG A 225 38.73 60.27 8.08
N GLY A 226 38.01 60.59 9.15
CA GLY A 226 37.11 59.63 9.75
C GLY A 226 35.78 59.60 9.03
N SER A 227 35.39 60.72 8.44
CA SER A 227 34.13 60.81 7.72
C SER A 227 34.14 59.88 6.51
N GLY A 228 35.29 59.79 5.85
CA GLY A 228 35.42 58.94 4.69
C GLY A 228 35.41 57.48 5.07
N LEU A 229 36.06 57.16 6.18
CA LEU A 229 36.14 55.79 6.64
C LEU A 229 34.76 55.18 6.85
N ILE A 230 33.89 55.89 7.56
CA ILE A 230 32.55 55.39 7.84
C ILE A 230 31.61 55.48 6.66
N ALA A 231 31.90 56.39 5.72
CA ALA A 231 31.05 56.52 4.55
C ALA A 231 31.22 55.27 3.71
N GLY A 232 32.49 54.94 3.42
CA GLY A 232 32.78 53.77 2.62
C GLY A 232 32.46 52.52 3.37
N ALA A 233 32.54 52.58 4.70
CA ALA A 233 32.24 51.42 5.52
C ALA A 233 30.77 51.09 5.39
N THR A 234 29.93 52.13 5.48
CA THR A 234 28.50 51.94 5.37
C THR A 234 28.12 51.51 3.96
N SER A 235 28.82 52.06 2.96
CA SER A 235 28.56 51.69 1.58
C SER A 235 28.78 50.19 1.43
N ARG A 236 29.88 49.69 1.98
CA ARG A 236 30.18 48.27 1.91
C ARG A 236 29.16 47.41 2.69
N ALA A 237 28.74 47.88 3.86
CA ALA A 237 27.77 47.14 4.68
C ALA A 237 26.45 46.86 3.97
N TYR A 238 25.93 47.84 3.23
CA TYR A 238 24.68 47.69 2.49
C TYR A 238 24.65 46.47 1.60
N HIS A 239 25.80 46.12 1.02
CA HIS A 239 25.91 44.98 0.13
C HIS A 239 26.21 43.72 0.89
N ASP A 240 26.49 43.87 2.18
CA ASP A 240 26.89 42.74 3.01
C ASP A 240 25.88 42.31 4.05
N ILE A 241 25.33 43.27 4.78
CA ILE A 241 24.36 42.93 5.81
C ILE A 241 23.16 43.85 5.70
N PHE A 242 22.11 43.50 6.44
CA PHE A 242 20.91 44.29 6.44
C PHE A 242 21.22 45.58 7.18
N THR A 243 21.06 46.72 6.50
CA THR A 243 21.32 47.99 7.12
C THR A 243 20.08 48.85 7.14
N ILE A 244 19.83 49.49 8.28
CA ILE A 244 18.67 50.36 8.46
C ILE A 244 19.04 51.49 9.42
N THR A 245 18.49 52.68 9.18
CA THR A 245 18.77 53.87 10.00
C THR A 245 17.51 54.62 10.40
N LEU A 246 17.42 54.98 11.69
CA LEU A 246 16.29 55.75 12.23
C LEU A 246 16.78 57.14 12.56
N VAL A 247 16.22 58.17 11.92
CA VAL A 247 16.65 59.52 12.21
C VAL A 247 15.79 60.00 13.38
N THR A 248 16.36 59.93 14.58
CA THR A 248 15.61 60.29 15.76
C THR A 248 15.68 61.74 16.21
N CYS A 249 16.75 62.44 15.89
CA CYS A 249 16.81 63.84 16.31
C CYS A 249 17.18 64.85 15.23
N ARG A 250 18.11 64.47 14.36
CA ARG A 250 18.55 65.36 13.32
C ARG A 250 19.83 64.74 12.79
N SER A 251 20.03 64.79 11.49
CA SER A 251 21.24 64.22 10.93
C SER A 251 21.89 65.24 10.03
N VAL A 252 23.12 65.63 10.35
CA VAL A 252 23.83 66.63 9.58
C VAL A 252 25.13 66.14 8.96
N GLY A 253 25.47 66.70 7.80
CA GLY A 253 26.71 66.34 7.12
C GLY A 253 26.93 64.86 6.93
N ILE A 254 28.05 64.37 7.42
CA ILE A 254 28.36 62.96 7.29
C ILE A 254 27.15 62.17 7.80
N GLY A 255 26.47 62.73 8.80
CA GLY A 255 25.31 62.08 9.39
C GLY A 255 24.18 61.89 8.37
N ALA A 256 24.04 62.86 7.47
CA ALA A 256 23.01 62.78 6.44
C ALA A 256 23.39 61.70 5.42
N TYR A 257 24.66 61.68 5.00
CA TYR A 257 25.11 60.68 4.03
C TYR A 257 25.00 59.26 4.56
N LEU A 258 25.25 59.09 5.86
CA LEU A 258 25.16 57.78 6.46
C LEU A 258 23.74 57.25 6.32
N VAL A 259 22.78 58.15 6.42
CA VAL A 259 21.39 57.77 6.29
C VAL A 259 21.15 57.18 4.90
N ARG A 260 21.57 57.91 3.87
CA ARG A 260 21.43 57.43 2.50
C ARG A 260 22.25 56.16 2.21
N LEU A 261 23.53 56.15 2.61
CA LEU A 261 24.42 55.00 2.35
C LEU A 261 23.91 53.66 2.90
N GLY A 262 23.20 53.72 4.03
CA GLY A 262 22.62 52.51 4.59
C GLY A 262 21.27 52.23 3.92
N GLN A 263 20.92 53.10 2.98
CA GLN A 263 19.69 53.01 2.20
C GLN A 263 18.35 53.02 2.95
N ARG A 264 18.08 51.97 3.72
CA ARG A 264 16.83 51.86 4.46
C ARG A 264 16.80 52.89 5.60
N ALA A 265 15.92 53.87 5.48
CA ALA A 265 15.82 54.94 6.48
C ALA A 265 14.38 55.25 6.93
N ILE A 266 14.22 55.40 8.24
CA ILE A 266 12.94 55.74 8.83
C ILE A 266 13.13 57.08 9.52
N GLN A 267 12.40 58.09 9.06
CA GLN A 267 12.49 59.44 9.58
C GLN A 267 11.37 59.81 10.55
N VAL A 268 11.77 60.27 11.73
CA VAL A 268 10.79 60.67 12.72
C VAL A 268 10.35 62.09 12.41
N GLU A 269 9.04 62.29 12.30
CA GLU A 269 8.49 63.60 12.00
C GLU A 269 9.13 64.70 12.83
N GLY A 270 9.60 65.75 12.16
CA GLY A 270 10.25 66.83 12.89
C GLY A 270 11.76 66.76 13.01
N GLN A 271 12.36 65.64 12.62
CA GLN A 271 13.81 65.49 12.69
C GLN A 271 14.35 65.57 11.26
N PRO A 272 15.00 66.68 10.90
CA PRO A 272 15.54 66.89 9.56
C PRO A 272 16.84 66.16 9.20
N ILE A 273 16.98 65.84 7.91
CA ILE A 273 18.17 65.19 7.38
C ILE A 273 18.80 66.28 6.52
N ILE A 274 19.78 66.98 7.06
CA ILE A 274 20.38 68.08 6.32
C ILE A 274 21.87 68.03 6.10
N LEU A 275 22.30 68.71 5.04
CA LEU A 275 23.71 68.80 4.71
C LEU A 275 24.26 70.04 5.41
N THR A 276 23.60 71.17 5.16
CA THR A 276 23.99 72.45 5.75
C THR A 276 22.76 73.08 6.39
N GLY A 277 22.93 73.67 7.58
CA GLY A 277 21.81 74.30 8.26
C GLY A 277 21.23 75.51 7.55
N ALA A 278 19.98 75.85 7.91
CA ALA A 278 19.30 77.00 7.30
C ALA A 278 20.05 78.31 7.58
N PRO A 279 20.47 78.53 8.85
CA PRO A 279 21.20 79.76 9.20
C PRO A 279 22.40 79.96 8.29
N ALA A 280 23.21 78.92 8.13
CA ALA A 280 24.39 78.99 7.29
C ALA A 280 24.05 79.33 5.84
N ILE A 281 22.99 78.73 5.32
CA ILE A 281 22.59 78.99 3.93
C ILE A 281 22.04 80.40 3.76
N ASN A 282 21.28 80.87 4.75
CA ASN A 282 20.70 82.21 4.69
C ASN A 282 21.83 83.24 4.65
N LYS A 283 22.91 82.96 5.37
CA LYS A 283 24.05 83.88 5.41
C LYS A 283 24.73 83.90 4.05
N MET A 284 25.09 82.74 3.53
CA MET A 284 25.74 82.63 2.24
C MET A 284 24.90 83.32 1.16
N LEU A 285 23.59 83.08 1.17
CA LEU A 285 22.70 83.71 0.19
C LEU A 285 22.49 85.19 0.51
N GLY A 286 22.76 85.56 1.76
CA GLY A 286 22.61 86.94 2.17
C GLY A 286 21.18 87.37 2.44
N ARG A 287 20.27 86.42 2.58
CA ARG A 287 18.88 86.76 2.83
C ARG A 287 18.17 85.68 3.67
N GLU A 288 17.21 86.11 4.47
CA GLU A 288 16.44 85.21 5.32
C GLU A 288 15.44 84.45 4.45
N VAL A 289 15.93 83.52 3.66
CA VAL A 289 15.08 82.74 2.76
C VAL A 289 14.47 81.50 3.42
N TYR A 290 15.22 80.88 4.33
CA TYR A 290 14.73 79.70 5.01
C TYR A 290 14.42 79.93 6.49
N THR A 291 13.26 79.44 6.89
CA THR A 291 12.79 79.56 8.27
C THR A 291 13.32 78.42 9.12
N SER A 292 12.97 77.19 8.76
CA SER A 292 13.44 76.03 9.52
C SER A 292 14.11 75.01 8.62
N ASN A 293 14.96 74.17 9.22
CA ASN A 293 15.65 73.13 8.49
C ASN A 293 14.67 72.14 7.88
N LEU A 294 13.45 72.09 8.42
CA LEU A 294 12.46 71.17 7.90
C LEU A 294 12.15 71.44 6.44
N GLN A 295 12.48 72.64 5.99
CA GLN A 295 12.26 73.00 4.59
C GLN A 295 13.37 72.41 3.73
N LEU A 296 14.45 72.03 4.39
CA LEU A 296 15.60 71.46 3.69
C LEU A 296 15.62 69.93 3.79
N GLY A 297 15.44 69.41 5.01
CA GLY A 297 15.50 67.98 5.22
C GLY A 297 14.38 67.38 6.02
N GLY A 298 13.20 68.00 5.98
CA GLY A 298 12.06 67.48 6.70
C GLY A 298 11.41 66.35 5.90
N THR A 299 10.52 65.58 6.53
CA THR A 299 9.87 64.49 5.83
C THR A 299 9.22 64.97 4.54
N GLN A 300 8.77 66.22 4.53
CA GLN A 300 8.14 66.79 3.34
C GLN A 300 9.12 66.75 2.16
N ILE A 301 10.41 66.73 2.48
CA ILE A 301 11.45 66.69 1.47
C ILE A 301 11.97 65.26 1.21
N MET A 302 12.51 64.63 2.25
CA MET A 302 13.08 63.30 2.13
C MET A 302 12.12 62.13 1.93
N TYR A 303 10.92 62.23 2.50
CA TYR A 303 9.94 61.18 2.35
C TYR A 303 9.39 61.16 0.92
N ASN A 304 9.21 62.35 0.35
CA ASN A 304 8.70 62.49 -1.02
C ASN A 304 9.85 62.21 -1.98
N ASN A 305 11.07 62.29 -1.45
CA ASN A 305 12.33 62.08 -2.15
C ASN A 305 12.61 60.63 -2.44
N GLY A 306 12.36 59.81 -1.42
CA GLY A 306 12.65 58.40 -1.51
C GLY A 306 13.86 58.15 -0.62
N VAL A 307 14.44 59.21 -0.05
CA VAL A 307 15.59 59.06 0.85
C VAL A 307 15.06 58.38 2.10
N SER A 308 13.86 58.76 2.53
CA SER A 308 13.22 58.15 3.69
C SER A 308 12.20 57.14 3.18
N HIS A 309 12.35 55.88 3.59
CA HIS A 309 11.43 54.83 3.14
C HIS A 309 10.12 54.94 3.90
N LEU A 310 10.18 55.42 5.14
CA LEU A 310 9.00 55.57 5.98
C LEU A 310 9.20 56.71 6.98
N THR A 311 8.09 57.13 7.58
CA THR A 311 8.11 58.17 8.60
C THR A 311 7.52 57.56 9.88
N ALA A 312 7.82 58.18 11.02
CA ALA A 312 7.31 57.71 12.31
C ALA A 312 6.86 58.93 13.11
N VAL A 313 5.81 58.75 13.91
CA VAL A 313 5.27 59.83 14.73
C VAL A 313 6.23 60.16 15.88
N ASP A 314 6.91 59.14 16.41
CA ASP A 314 7.87 59.31 17.50
C ASP A 314 8.92 58.19 17.47
N ASP A 315 9.91 58.25 18.37
CA ASP A 315 10.95 57.23 18.38
C ASP A 315 10.42 55.81 18.58
N LEU A 316 9.41 55.64 19.43
CA LEU A 316 8.90 54.28 19.66
C LEU A 316 8.27 53.74 18.39
N ALA A 317 7.57 54.59 17.64
CA ALA A 317 6.96 54.13 16.39
C ALA A 317 8.07 53.73 15.41
N GLY A 318 9.17 54.48 15.43
CA GLY A 318 10.29 54.19 14.57
C GLY A 318 10.89 52.82 14.89
N VAL A 319 11.20 52.62 16.17
CA VAL A 319 11.76 51.36 16.60
C VAL A 319 10.85 50.19 16.19
N GLU A 320 9.54 50.37 16.32
CA GLU A 320 8.59 49.32 15.96
C GLU A 320 8.67 49.00 14.47
N LYS A 321 8.75 50.04 13.65
CA LYS A 321 8.86 49.82 12.21
C LYS A 321 10.17 49.08 11.91
N ILE A 322 11.25 49.45 12.59
CA ILE A 322 12.54 48.77 12.38
C ILE A 322 12.34 47.27 12.65
N VAL A 323 11.76 46.97 13.82
CA VAL A 323 11.52 45.60 14.25
C VAL A 323 10.63 44.82 13.30
N GLU A 324 9.60 45.48 12.78
CA GLU A 324 8.70 44.82 11.85
C GLU A 324 9.42 44.57 10.52
N TRP A 325 10.26 45.51 10.10
CA TRP A 325 10.99 45.34 8.85
C TRP A 325 11.88 44.09 8.94
N MET A 326 12.58 43.95 10.08
CA MET A 326 13.47 42.82 10.31
C MET A 326 12.76 41.46 10.33
N SER A 327 11.45 41.46 10.62
CA SER A 327 10.74 40.20 10.71
C SER A 327 10.67 39.46 9.37
N TYR A 328 11.12 40.10 8.31
CA TYR A 328 11.12 39.47 6.98
C TYR A 328 12.54 39.09 6.58
N VAL A 329 13.50 39.53 7.37
CA VAL A 329 14.91 39.34 7.08
C VAL A 329 15.56 38.20 7.85
N PRO A 330 16.50 37.48 7.20
CA PRO A 330 17.21 36.37 7.83
C PRO A 330 17.92 36.83 9.09
N ALA A 331 18.05 35.93 10.06
CA ALA A 331 18.72 36.24 11.32
C ALA A 331 20.14 36.75 11.02
N LYS A 332 20.82 36.12 10.07
CA LYS A 332 22.15 36.56 9.69
C LYS A 332 22.42 36.21 8.23
N ARG A 333 23.38 36.90 7.62
CA ARG A 333 23.75 36.70 6.22
C ARG A 333 23.77 35.24 5.80
N ASN A 334 23.14 34.97 4.66
CA ASN A 334 23.09 33.64 4.09
C ASN A 334 22.22 32.61 4.77
N MET A 335 21.52 33.00 5.83
CA MET A 335 20.60 32.06 6.45
C MET A 335 19.32 32.11 5.65
N PRO A 336 18.51 31.06 5.69
CA PRO A 336 17.25 31.02 4.95
C PRO A 336 16.32 32.18 5.36
N VAL A 337 15.47 32.61 4.44
CA VAL A 337 14.55 33.69 4.81
C VAL A 337 13.60 33.16 5.89
N PRO A 338 13.35 33.94 6.95
CA PRO A 338 12.49 33.57 8.07
C PRO A 338 11.04 33.30 7.73
N ILE A 339 10.65 32.04 7.80
CA ILE A 339 9.29 31.66 7.51
C ILE A 339 8.40 31.80 8.74
N LEU A 340 7.33 32.57 8.62
CA LEU A 340 6.42 32.79 9.74
C LEU A 340 4.97 32.60 9.33
N GLU A 341 4.45 31.40 9.50
CA GLU A 341 3.06 31.13 9.14
C GLU A 341 2.09 31.78 10.12
N THR A 342 0.92 32.16 9.63
CA THR A 342 -0.10 32.76 10.49
C THR A 342 -1.46 32.09 10.23
N LYS A 343 -2.52 32.60 10.83
CA LYS A 343 -3.85 32.01 10.67
C LYS A 343 -4.26 31.92 9.20
N ASP A 344 -3.70 32.81 8.38
CA ASP A 344 -4.03 32.82 6.96
C ASP A 344 -3.20 31.78 6.19
N THR A 345 -3.65 30.53 6.28
CA THR A 345 -3.01 29.37 5.64
C THR A 345 -2.93 29.55 4.11
N TRP A 346 -1.98 28.87 3.48
CA TRP A 346 -1.79 28.96 2.04
C TRP A 346 -2.95 28.45 1.22
N ASP A 347 -3.57 27.38 1.70
CA ASP A 347 -4.67 26.72 0.99
C ASP A 347 -6.00 27.47 1.01
N ARG A 348 -6.18 28.37 0.04
CA ARG A 348 -7.41 29.14 -0.06
C ARG A 348 -7.37 29.89 -1.38
N PRO A 349 -8.54 30.22 -1.93
CA PRO A 349 -8.62 30.96 -3.20
C PRO A 349 -8.29 32.43 -2.93
N VAL A 350 -8.19 33.21 -4.00
CA VAL A 350 -7.94 34.64 -3.85
C VAL A 350 -9.29 35.28 -4.09
N ASP A 351 -9.78 36.05 -3.14
CA ASP A 351 -11.08 36.69 -3.30
C ASP A 351 -11.06 37.89 -4.23
N PHE A 352 -10.58 39.02 -3.73
CA PHE A 352 -10.55 40.23 -4.54
C PHE A 352 -9.98 40.06 -5.94
N THR A 353 -10.81 40.36 -6.96
CA THR A 353 -10.39 40.24 -8.34
C THR A 353 -10.62 41.56 -9.10
N PRO A 354 -9.61 42.01 -9.85
CA PRO A 354 -9.67 43.25 -10.63
C PRO A 354 -10.71 43.19 -11.74
N THR A 355 -11.23 44.35 -12.13
CA THR A 355 -12.23 44.47 -13.19
C THR A 355 -11.67 45.42 -14.27
N ASN A 356 -12.03 45.20 -15.53
CA ASN A 356 -11.53 46.07 -16.60
C ASN A 356 -12.27 47.40 -16.66
N ASP A 357 -13.51 47.39 -16.19
CA ASP A 357 -14.33 48.60 -16.21
C ASP A 357 -14.54 49.21 -14.82
N GLU A 358 -13.62 48.94 -13.89
CA GLU A 358 -13.73 49.50 -12.54
C GLU A 358 -12.36 49.80 -11.94
N THR A 359 -12.25 50.96 -11.32
CA THR A 359 -11.00 51.38 -10.70
C THR A 359 -10.77 50.58 -9.42
N TYR A 360 -9.50 50.28 -9.14
CA TYR A 360 -9.16 49.53 -7.93
C TYR A 360 -7.79 49.94 -7.41
N ASP A 361 -7.49 49.53 -6.19
CA ASP A 361 -6.21 49.81 -5.57
C ASP A 361 -5.43 48.50 -5.59
N VAL A 362 -4.28 48.53 -6.26
CA VAL A 362 -3.41 47.34 -6.39
C VAL A 362 -3.17 46.66 -5.03
N ARG A 363 -3.15 47.47 -3.97
CA ARG A 363 -2.94 46.94 -2.65
C ARG A 363 -4.00 45.91 -2.30
N TRP A 364 -5.19 46.03 -2.87
CA TRP A 364 -6.24 45.04 -2.56
C TRP A 364 -5.85 43.68 -3.12
N MET A 365 -5.26 43.66 -4.30
CA MET A 365 -4.86 42.38 -4.88
C MET A 365 -3.74 41.74 -4.04
N ILE A 366 -2.97 42.59 -3.38
CA ILE A 366 -1.85 42.15 -2.56
C ILE A 366 -2.23 41.67 -1.17
N GLU A 367 -2.82 42.55 -0.37
CA GLU A 367 -3.18 42.23 1.00
C GLU A 367 -4.67 41.98 1.23
N GLY A 368 -5.47 42.16 0.19
CA GLY A 368 -6.89 41.96 0.34
C GLY A 368 -7.58 43.24 0.77
N ARG A 369 -8.91 43.25 0.66
CA ARG A 369 -9.71 44.43 1.02
C ARG A 369 -10.82 44.12 2.01
N GLU A 370 -11.03 45.06 2.93
CA GLU A 370 -12.08 44.95 3.94
C GLU A 370 -13.38 45.49 3.32
N THR A 371 -14.41 44.66 3.22
CA THR A 371 -15.69 45.10 2.66
C THR A 371 -16.79 45.04 3.70
N GLU A 372 -18.03 45.21 3.25
CA GLU A 372 -19.16 45.19 4.16
C GLU A 372 -19.69 43.77 4.34
N SER A 373 -19.65 42.99 3.26
CA SER A 373 -20.10 41.61 3.30
C SER A 373 -19.01 40.72 3.90
N GLY A 374 -17.98 41.35 4.46
CA GLY A 374 -16.88 40.62 5.06
C GLY A 374 -15.50 41.10 4.64
N PHE A 375 -14.53 40.18 4.61
CA PHE A 375 -13.15 40.51 4.22
C PHE A 375 -12.74 39.68 3.01
N GLU A 376 -12.28 40.35 1.95
CA GLU A 376 -11.84 39.65 0.74
C GLU A 376 -10.32 39.45 0.81
N TYR A 377 -9.90 38.20 0.88
CA TYR A 377 -8.47 37.91 0.96
C TYR A 377 -7.78 38.18 -0.37
N GLY A 378 -6.56 38.70 -0.27
CA GLY A 378 -5.79 38.99 -1.46
C GLY A 378 -4.87 37.83 -1.79
N LEU A 379 -3.84 38.09 -2.57
CA LEU A 379 -2.89 37.06 -2.93
C LEU A 379 -1.96 36.67 -1.78
N PHE A 380 -1.57 37.63 -0.95
CA PHE A 380 -0.65 37.34 0.16
C PHE A 380 -1.33 37.26 1.55
N ASP A 381 -0.61 36.72 2.52
CA ASP A 381 -1.16 36.54 3.86
C ASP A 381 -1.76 37.85 4.40
N LYS A 382 -2.89 37.72 5.09
CA LYS A 382 -3.59 38.87 5.67
C LYS A 382 -2.74 39.58 6.70
N GLY A 383 -2.64 40.91 6.56
CA GLY A 383 -1.85 41.70 7.49
C GLY A 383 -0.34 41.60 7.32
N SER A 384 0.11 40.91 6.29
CA SER A 384 1.55 40.74 6.09
C SER A 384 2.20 41.77 5.17
N PHE A 385 1.40 42.64 4.56
CA PHE A 385 1.97 43.61 3.66
C PHE A 385 2.61 44.76 4.41
N PHE A 386 3.91 44.96 4.19
CA PHE A 386 4.65 46.04 4.82
C PHE A 386 5.19 46.92 3.67
N GLU A 387 4.50 48.03 3.42
CA GLU A 387 4.86 48.92 2.34
C GLU A 387 6.00 49.85 2.72
N THR A 388 6.85 50.19 1.76
CA THR A 388 7.98 51.09 2.01
C THR A 388 8.13 52.07 0.86
N LEU A 389 8.84 53.17 1.08
CA LEU A 389 9.05 54.20 0.04
C LEU A 389 7.69 54.64 -0.48
N SER A 390 6.70 54.57 0.40
CA SER A 390 5.34 54.92 0.05
C SER A 390 5.10 56.42 -0.17
N GLY A 391 6.08 57.24 0.13
CA GLY A 391 5.89 58.68 -0.07
C GLY A 391 6.49 59.18 -1.37
N TRP A 392 7.17 58.31 -2.09
CA TRP A 392 7.85 58.65 -3.34
C TRP A 392 7.40 57.85 -4.55
N ALA A 393 7.42 58.47 -5.71
CA ALA A 393 7.07 57.78 -6.95
C ALA A 393 5.93 56.79 -6.73
N LYS A 394 4.79 57.33 -6.34
CA LYS A 394 3.61 56.52 -6.04
C LYS A 394 3.08 55.71 -7.23
N GLY A 395 3.73 55.87 -8.38
CA GLY A 395 3.33 55.13 -9.57
C GLY A 395 3.53 53.63 -9.38
N VAL A 396 4.40 53.23 -8.46
CA VAL A 396 4.58 51.80 -8.18
C VAL A 396 4.46 51.60 -6.69
N VAL A 397 4.09 50.39 -6.31
CA VAL A 397 3.92 50.09 -4.90
C VAL A 397 4.89 49.00 -4.52
N VAL A 398 5.72 49.26 -3.52
CA VAL A 398 6.69 48.26 -3.08
C VAL A 398 6.60 47.97 -1.59
N GLY A 399 6.74 46.70 -1.24
CA GLY A 399 6.71 46.35 0.16
C GLY A 399 7.10 44.91 0.39
N ARG A 400 7.08 44.51 1.64
CA ARG A 400 7.37 43.13 1.97
C ARG A 400 6.01 42.51 2.29
N ALA A 401 5.94 41.18 2.17
CA ALA A 401 4.72 40.45 2.47
C ALA A 401 5.11 39.00 2.71
N ARG A 402 4.10 38.15 2.89
CA ARG A 402 4.32 36.73 3.12
C ARG A 402 3.31 35.94 2.30
N LEU A 403 3.78 34.81 1.78
CA LEU A 403 3.00 33.92 0.96
C LEU A 403 2.92 32.62 1.75
N GLY A 404 1.81 32.42 2.46
CA GLY A 404 1.70 31.22 3.25
C GLY A 404 2.82 31.15 4.28
N GLY A 405 3.34 32.32 4.66
CA GLY A 405 4.42 32.34 5.63
C GLY A 405 5.77 32.64 5.05
N ILE A 406 5.93 32.46 3.74
CA ILE A 406 7.19 32.72 3.07
C ILE A 406 7.37 34.22 2.85
N PRO A 407 8.43 34.82 3.42
CA PRO A 407 8.64 36.27 3.23
C PRO A 407 9.21 36.57 1.84
N LEU A 408 8.82 37.72 1.28
CA LEU A 408 9.33 38.12 -0.04
C LEU A 408 9.04 39.59 -0.29
N GLY A 409 9.72 40.14 -1.29
CA GLY A 409 9.53 41.52 -1.66
C GLY A 409 8.50 41.53 -2.77
N VAL A 410 7.60 42.50 -2.73
CA VAL A 410 6.54 42.60 -3.73
C VAL A 410 6.56 43.96 -4.41
N ILE A 411 6.34 43.96 -5.72
CA ILE A 411 6.26 45.20 -6.48
C ILE A 411 4.99 45.12 -7.34
N GLY A 412 4.13 46.12 -7.16
CA GLY A 412 2.89 46.19 -7.90
C GLY A 412 2.79 47.54 -8.60
N VAL A 413 1.89 47.62 -9.57
CA VAL A 413 1.69 48.84 -10.33
C VAL A 413 0.42 49.55 -9.88
N GLU A 414 0.53 50.86 -9.65
CA GLU A 414 -0.60 51.67 -9.22
C GLU A 414 -1.35 52.09 -10.47
N THR A 415 -2.64 51.77 -10.51
CA THR A 415 -3.46 52.10 -11.66
C THR A 415 -4.00 53.52 -11.62
N ARG A 416 -4.44 53.98 -10.46
CA ARG A 416 -4.98 55.33 -10.34
C ARG A 416 -3.89 56.37 -10.64
N THR A 417 -4.25 57.38 -11.40
CA THR A 417 -3.29 58.44 -11.73
C THR A 417 -2.77 59.07 -10.45
N VAL A 418 -1.48 59.43 -10.43
CA VAL A 418 -0.87 60.06 -9.27
C VAL A 418 -0.77 61.57 -9.46
N GLU A 419 -1.04 62.30 -8.38
CA GLU A 419 -1.00 63.77 -8.38
C GLU A 419 0.25 64.21 -7.63
N ASN A 420 1.38 64.22 -8.30
CA ASN A 420 2.62 64.61 -7.66
C ASN A 420 2.68 66.14 -7.56
N LEU A 421 2.55 66.65 -6.34
CA LEU A 421 2.58 68.09 -6.12
C LEU A 421 3.96 68.56 -5.64
N ILE A 422 4.71 69.18 -6.54
CA ILE A 422 6.05 69.67 -6.23
C ILE A 422 6.03 71.09 -5.68
N PRO A 423 6.54 71.28 -4.46
CA PRO A 423 6.57 72.62 -3.83
C PRO A 423 7.38 73.61 -4.66
N ALA A 424 7.36 74.87 -4.24
CA ALA A 424 8.09 75.91 -4.94
C ALA A 424 9.40 76.21 -4.24
N ASP A 425 10.44 76.46 -5.01
CA ASP A 425 11.75 76.76 -4.49
C ASP A 425 11.70 78.09 -3.71
N PRO A 426 11.81 78.02 -2.37
CA PRO A 426 11.77 79.19 -1.48
C PRO A 426 12.80 80.26 -1.81
N ALA A 427 13.91 79.84 -2.40
CA ALA A 427 14.99 80.75 -2.75
C ALA A 427 14.84 81.30 -4.17
N ASN A 428 13.63 81.18 -4.72
CA ASN A 428 13.37 81.68 -6.06
C ASN A 428 11.98 82.31 -6.15
N PRO A 429 11.89 83.65 -6.03
CA PRO A 429 10.61 84.36 -6.10
C PRO A 429 9.88 84.06 -7.41
N ASN A 430 10.64 83.56 -8.38
CA ASN A 430 10.10 83.20 -9.67
C ASN A 430 9.51 81.79 -9.62
N SER A 431 10.04 80.95 -8.74
CA SER A 431 9.55 79.57 -8.58
C SER A 431 8.13 79.53 -8.05
N ALA A 432 7.37 78.54 -8.52
CA ALA A 432 5.98 78.38 -8.11
C ALA A 432 5.58 76.92 -7.99
N GLU A 433 4.66 76.63 -7.08
CA GLU A 433 4.16 75.27 -6.88
C GLU A 433 3.69 74.65 -8.19
N THR A 434 4.14 73.42 -8.47
CA THR A 434 3.76 72.72 -9.70
C THR A 434 3.14 71.35 -9.40
N LEU A 435 2.20 70.93 -10.24
CA LEU A 435 1.53 69.65 -10.03
C LEU A 435 1.76 68.73 -11.21
N ILE A 436 2.53 67.66 -11.00
CA ILE A 436 2.81 66.73 -12.07
C ILE A 436 1.82 65.57 -12.11
N GLN A 437 1.23 65.36 -13.28
CA GLN A 437 0.28 64.27 -13.48
C GLN A 437 1.04 63.03 -13.92
N GLU A 438 0.90 61.93 -13.19
CA GLU A 438 1.59 60.69 -13.56
C GLU A 438 0.59 59.58 -13.86
N PRO A 439 0.29 59.35 -15.15
CA PRO A 439 -0.65 58.30 -15.54
C PRO A 439 -0.25 56.94 -14.95
N GLY A 440 -1.24 56.10 -14.70
CA GLY A 440 -0.98 54.80 -14.14
C GLY A 440 -0.48 53.85 -15.21
N GLN A 441 0.11 52.75 -14.77
CA GLN A 441 0.63 51.73 -15.66
C GLN A 441 1.64 52.25 -16.65
N VAL A 442 2.21 53.41 -16.32
CA VAL A 442 3.21 54.05 -17.16
C VAL A 442 4.43 54.42 -16.33
N TRP A 443 5.60 53.90 -16.72
CA TRP A 443 6.83 54.18 -16.01
C TRP A 443 7.31 55.60 -16.26
N HIS A 444 7.83 56.23 -15.22
CA HIS A 444 8.38 57.57 -15.30
C HIS A 444 9.76 57.48 -14.65
N PRO A 445 10.63 58.45 -14.87
CA PRO A 445 11.94 58.32 -14.22
C PRO A 445 11.89 57.96 -12.74
N ASN A 446 11.04 58.64 -11.99
CA ASN A 446 10.96 58.38 -10.55
C ASN A 446 10.48 56.98 -10.21
N SER A 447 9.43 56.53 -10.88
CA SER A 447 8.93 55.19 -10.57
C SER A 447 9.87 54.12 -11.13
N ALA A 448 10.65 54.47 -12.16
CA ALA A 448 11.60 53.50 -12.71
C ALA A 448 12.76 53.38 -11.70
N PHE A 449 13.17 54.52 -11.13
CA PHE A 449 14.21 54.56 -10.13
C PHE A 449 13.78 53.76 -8.88
N LYS A 450 12.53 53.96 -8.45
CA LYS A 450 12.00 53.28 -7.28
C LYS A 450 11.94 51.78 -7.52
N THR A 451 11.60 51.39 -8.73
CA THR A 451 11.52 49.98 -9.08
C THR A 451 12.90 49.35 -8.95
N ALA A 452 13.92 50.00 -9.51
CA ALA A 452 15.27 49.46 -9.41
C ALA A 452 15.75 49.46 -7.97
N GLN A 453 15.46 50.55 -7.27
CA GLN A 453 15.86 50.67 -5.87
C GLN A 453 15.24 49.57 -5.02
N ALA A 454 13.94 49.31 -5.21
CA ALA A 454 13.26 48.27 -4.47
C ALA A 454 13.92 46.93 -4.75
N ILE A 455 14.13 46.65 -6.04
CA ILE A 455 14.76 45.38 -6.40
C ILE A 455 16.11 45.23 -5.69
N ASN A 456 16.91 46.29 -5.67
CA ASN A 456 18.20 46.22 -5.01
C ASN A 456 18.12 46.08 -3.50
N ASP A 457 17.16 46.75 -2.88
CA ASP A 457 17.04 46.65 -1.42
C ASP A 457 16.47 45.29 -1.02
N PHE A 458 15.81 44.60 -1.96
CA PHE A 458 15.26 43.28 -1.67
C PHE A 458 16.40 42.27 -1.71
N ASN A 459 17.34 42.48 -2.62
CA ASN A 459 18.46 41.57 -2.82
C ASN A 459 19.61 41.74 -1.83
N ASN A 460 20.07 42.97 -1.64
CA ASN A 460 21.15 43.29 -0.72
C ASN A 460 20.65 43.30 0.71
N GLY A 461 21.35 42.58 1.58
CA GLY A 461 20.98 42.53 2.99
C GLY A 461 19.73 41.73 3.28
N GLU A 462 18.61 42.10 2.66
CA GLU A 462 17.35 41.40 2.88
C GLU A 462 17.38 40.00 2.27
N GLN A 463 18.08 39.85 1.15
CA GLN A 463 18.20 38.54 0.49
C GLN A 463 16.86 37.83 0.34
N LEU A 464 15.83 38.56 -0.03
CA LEU A 464 14.51 37.98 -0.20
C LEU A 464 14.16 37.56 -1.62
N PRO A 465 13.15 36.68 -1.76
CA PRO A 465 12.71 36.24 -3.08
C PRO A 465 11.84 37.43 -3.50
N MET A 466 11.37 37.45 -4.73
CA MET A 466 10.59 38.59 -5.20
C MET A 466 9.48 38.24 -6.20
N MET A 467 8.38 39.00 -6.17
CA MET A 467 7.33 38.81 -7.15
C MET A 467 6.95 40.19 -7.69
N ILE A 468 6.93 40.33 -9.01
CA ILE A 468 6.54 41.60 -9.57
C ILE A 468 5.21 41.37 -10.29
N LEU A 469 4.16 42.06 -9.86
CA LEU A 469 2.87 41.96 -10.54
C LEU A 469 2.97 42.91 -11.73
N ALA A 470 3.79 42.53 -12.70
CA ALA A 470 4.06 43.31 -13.91
C ALA A 470 2.79 43.72 -14.64
N ASN A 471 2.56 45.03 -14.75
CA ASN A 471 1.39 45.57 -15.40
C ASN A 471 1.63 47.01 -15.87
N TRP A 472 2.52 47.14 -16.85
CA TRP A 472 2.90 48.44 -17.42
C TRP A 472 2.57 48.54 -18.92
N ARG A 473 2.17 49.72 -19.37
CA ARG A 473 1.87 49.90 -20.79
C ARG A 473 3.19 50.21 -21.48
N GLY A 474 4.11 50.77 -20.70
CA GLY A 474 5.42 51.12 -21.22
C GLY A 474 6.03 52.29 -20.47
N PHE A 475 7.09 52.85 -21.04
CA PHE A 475 7.78 53.99 -20.45
C PHE A 475 7.20 55.26 -21.06
N SER A 476 7.43 56.40 -20.43
CA SER A 476 6.95 57.65 -20.98
C SER A 476 8.03 58.20 -21.93
N GLY A 477 7.72 58.24 -23.22
CA GLY A 477 8.67 58.71 -24.22
C GLY A 477 8.61 60.20 -24.50
N GLY A 478 7.81 60.92 -23.71
CA GLY A 478 7.68 62.34 -23.89
C GLY A 478 9.00 63.06 -23.72
N GLN A 479 9.03 64.32 -24.15
CA GLN A 479 10.22 65.14 -24.08
C GLN A 479 10.74 65.34 -22.65
N ARG A 480 9.85 65.71 -21.75
CA ARG A 480 10.22 65.98 -20.37
C ARG A 480 10.82 64.75 -19.68
N ASP A 481 10.10 63.63 -19.73
CA ASP A 481 10.57 62.39 -19.11
C ASP A 481 11.80 61.87 -19.84
N MET A 482 11.90 62.18 -21.12
CA MET A 482 13.04 61.72 -21.89
C MET A 482 14.25 62.56 -21.53
N PHE A 483 14.02 63.85 -21.34
CA PHE A 483 15.06 64.77 -20.96
C PHE A 483 15.42 64.47 -19.51
N ASN A 484 14.47 63.96 -18.73
CA ASN A 484 14.78 63.65 -17.35
C ASN A 484 15.52 62.32 -17.13
N GLU A 485 16.04 61.76 -18.23
CA GLU A 485 16.87 60.55 -18.20
C GLU A 485 16.18 59.23 -17.90
N ILE A 486 14.92 59.12 -18.27
CA ILE A 486 14.20 57.90 -18.00
C ILE A 486 14.97 56.67 -18.51
N LEU A 487 15.74 56.82 -19.59
CA LEU A 487 16.51 55.71 -20.12
C LEU A 487 17.54 55.22 -19.12
N LYS A 488 18.07 56.11 -18.31
CA LYS A 488 19.06 55.72 -17.31
C LYS A 488 18.40 54.90 -16.20
N TYR A 489 17.30 55.42 -15.64
CA TYR A 489 16.60 54.73 -14.55
C TYR A 489 15.98 53.41 -15.00
N GLY A 490 15.60 53.35 -16.27
CA GLY A 490 15.04 52.11 -16.77
C GLY A 490 16.14 51.07 -16.82
N SER A 491 17.33 51.50 -17.22
CA SER A 491 18.47 50.57 -17.30
C SER A 491 18.88 50.04 -15.92
N PHE A 492 18.69 50.84 -14.88
CA PHE A 492 19.02 50.44 -13.53
C PHE A 492 18.20 49.20 -13.19
N ILE A 493 16.98 49.13 -13.72
CA ILE A 493 16.10 48.00 -13.46
C ILE A 493 16.76 46.73 -13.95
N VAL A 494 17.27 46.78 -15.18
CA VAL A 494 17.96 45.65 -15.78
C VAL A 494 19.17 45.24 -14.93
N ASP A 495 19.97 46.22 -14.54
CA ASP A 495 21.15 46.00 -13.70
C ASP A 495 20.74 45.29 -12.42
N ALA A 496 19.71 45.80 -11.76
CA ALA A 496 19.23 45.22 -10.51
C ALA A 496 18.78 43.76 -10.67
N LEU A 497 18.12 43.45 -11.78
CA LEU A 497 17.66 42.10 -12.01
C LEU A 497 18.84 41.18 -12.29
N VAL A 498 19.82 41.66 -13.05
CA VAL A 498 20.98 40.85 -13.37
C VAL A 498 21.72 40.43 -12.08
N ASP A 499 21.63 41.27 -11.06
CA ASP A 499 22.28 41.04 -9.78
C ASP A 499 21.52 40.16 -8.76
N TYR A 500 20.21 40.05 -8.93
CA TYR A 500 19.37 39.28 -8.01
C TYR A 500 19.86 37.85 -7.79
N LYS A 501 20.03 37.47 -6.53
CA LYS A 501 20.52 36.14 -6.17
C LYS A 501 19.44 35.20 -5.61
N GLN A 502 18.19 35.65 -5.54
CA GLN A 502 17.12 34.81 -5.01
C GLN A 502 16.04 34.60 -6.08
N PRO A 503 15.19 33.57 -5.91
CA PRO A 503 14.11 33.27 -6.87
C PRO A 503 13.23 34.47 -7.14
N ILE A 504 12.97 34.72 -8.42
CA ILE A 504 12.12 35.82 -8.87
C ILE A 504 10.94 35.33 -9.67
N ILE A 505 9.79 35.95 -9.44
CA ILE A 505 8.58 35.62 -10.14
C ILE A 505 7.94 36.84 -10.79
N ILE A 506 7.77 36.81 -12.11
CA ILE A 506 7.10 37.91 -12.78
C ILE A 506 5.71 37.37 -13.11
N TYR A 507 4.68 38.10 -12.70
CA TYR A 507 3.29 37.69 -12.90
C TYR A 507 2.42 38.85 -13.37
N ILE A 508 1.90 38.73 -14.58
CA ILE A 508 1.02 39.74 -15.15
C ILE A 508 -0.37 39.45 -14.58
N PRO A 509 -0.92 40.35 -13.75
CA PRO A 509 -2.23 40.22 -13.11
C PRO A 509 -3.37 40.00 -14.10
N PRO A 510 -4.54 39.59 -13.59
CA PRO A 510 -5.74 39.34 -14.39
C PRO A 510 -6.09 40.42 -15.43
N THR A 511 -6.19 41.68 -15.01
CA THR A 511 -6.53 42.71 -15.98
C THR A 511 -5.29 43.44 -16.45
N GLY A 512 -4.13 42.84 -16.18
CA GLY A 512 -2.87 43.46 -16.53
C GLY A 512 -2.44 43.30 -17.97
N GLU A 513 -1.34 43.96 -18.31
CA GLU A 513 -0.78 43.90 -19.64
C GLU A 513 0.69 44.26 -19.55
N LEU A 514 1.43 43.96 -20.61
CA LEU A 514 2.85 44.24 -20.62
C LEU A 514 3.29 44.46 -22.06
N ARG A 515 3.16 45.71 -22.52
CA ARG A 515 3.54 46.03 -23.89
C ARG A 515 5.03 45.85 -24.18
N GLY A 516 5.40 46.04 -25.45
CA GLY A 516 6.79 45.88 -25.85
C GLY A 516 7.75 46.80 -25.12
N GLY A 517 7.30 48.00 -24.80
CA GLY A 517 8.16 48.94 -24.10
C GLY A 517 8.56 48.44 -22.72
N SER A 518 7.61 47.86 -22.00
CA SER A 518 7.85 47.37 -20.66
C SER A 518 8.41 45.96 -20.57
N TRP A 519 8.07 45.10 -21.52
CA TRP A 519 8.57 43.74 -21.52
C TRP A 519 10.09 43.70 -21.54
N VAL A 520 10.70 44.65 -22.23
CA VAL A 520 12.16 44.72 -22.34
C VAL A 520 12.90 44.68 -21.03
N VAL A 521 12.39 45.41 -20.05
CA VAL A 521 13.04 45.52 -18.76
C VAL A 521 12.59 44.52 -17.69
N VAL A 522 11.66 43.65 -18.05
CA VAL A 522 11.16 42.65 -17.10
C VAL A 522 11.17 41.23 -17.67
N ASP A 523 11.76 41.06 -18.84
CA ASP A 523 11.81 39.75 -19.45
C ASP A 523 12.67 38.79 -18.63
N PRO A 524 12.22 37.54 -18.47
CA PRO A 524 12.91 36.48 -17.71
C PRO A 524 14.32 36.13 -18.21
N THR A 525 14.56 36.36 -19.50
CA THR A 525 15.86 36.03 -20.06
C THR A 525 16.96 36.99 -19.60
N ILE A 526 16.56 38.06 -18.93
CA ILE A 526 17.51 39.00 -18.39
C ILE A 526 18.36 38.26 -17.36
N ASN A 527 17.72 37.33 -16.64
CA ASN A 527 18.38 36.52 -15.62
C ASN A 527 17.64 35.19 -15.48
N ALA A 528 17.91 34.28 -16.42
CA ALA A 528 17.32 32.95 -16.48
C ALA A 528 17.50 32.13 -15.20
N ASP A 529 18.63 32.30 -14.55
CA ASP A 529 18.89 31.58 -13.33
C ASP A 529 17.86 31.83 -12.23
N GLN A 530 17.33 33.05 -12.14
CA GLN A 530 16.39 33.36 -11.08
C GLN A 530 15.00 33.80 -11.52
N MET A 531 14.88 34.20 -12.78
CA MET A 531 13.60 34.68 -13.28
C MET A 531 12.78 33.69 -14.07
N GLU A 532 11.48 33.81 -13.89
CA GLU A 532 10.53 33.00 -14.61
C GLU A 532 9.25 33.82 -14.62
N MET A 533 8.59 33.88 -15.76
CA MET A 533 7.37 34.69 -15.87
C MET A 533 6.10 33.88 -16.08
N TYR A 534 4.99 34.41 -15.57
CA TYR A 534 3.68 33.80 -15.67
C TYR A 534 2.66 34.85 -16.10
N ALA A 535 1.67 34.45 -16.90
CA ALA A 535 0.63 35.38 -17.35
C ALA A 535 -0.76 34.86 -17.03
N ASP A 536 -1.59 35.69 -16.39
CA ASP A 536 -2.95 35.29 -16.06
C ASP A 536 -3.73 35.09 -17.35
N VAL A 537 -4.61 34.10 -17.37
CA VAL A 537 -5.41 33.82 -18.55
C VAL A 537 -6.24 35.04 -18.98
N ASN A 538 -6.47 35.98 -18.07
CA ASN A 538 -7.24 37.17 -18.41
C ASN A 538 -6.35 38.38 -18.74
N ALA A 539 -5.04 38.18 -18.68
CA ALA A 539 -4.10 39.25 -19.00
C ALA A 539 -3.86 39.24 -20.50
N ARG A 540 -2.92 40.07 -20.94
CA ARG A 540 -2.58 40.19 -22.36
C ARG A 540 -1.22 40.85 -22.57
N ALA A 541 -0.42 40.29 -23.47
CA ALA A 541 0.91 40.82 -23.76
C ALA A 541 1.18 40.84 -25.26
N GLY A 542 1.94 41.85 -25.69
CA GLY A 542 2.29 41.99 -27.09
C GLY A 542 3.25 43.14 -27.30
N VAL A 543 3.80 43.29 -28.50
CA VAL A 543 4.74 44.37 -28.79
C VAL A 543 4.03 45.73 -28.73
N LEU A 544 2.83 45.80 -29.33
CA LEU A 544 2.04 47.03 -29.35
C LEU A 544 0.58 46.72 -29.00
N GLU A 545 -0.35 47.28 -29.79
CA GLU A 545 -1.77 47.06 -29.57
C GLU A 545 -2.55 47.03 -30.88
N ARG A 618 -2.36 37.32 -25.89
CA ARG A 618 -2.88 36.01 -25.51
C ARG A 618 -1.84 35.13 -24.82
N SER A 619 -2.13 34.76 -23.58
CA SER A 619 -1.25 33.91 -22.79
C SER A 619 -1.01 32.56 -23.47
N SER A 620 -1.97 32.15 -24.30
CA SER A 620 -1.88 30.89 -25.03
C SER A 620 -0.69 30.90 -25.98
N ARG A 621 -0.60 31.94 -26.81
CA ARG A 621 0.48 32.07 -27.78
C ARG A 621 1.83 32.27 -27.09
N MET A 622 1.80 32.84 -25.88
CA MET A 622 3.02 33.07 -25.12
C MET A 622 3.69 31.76 -24.72
N VAL A 623 2.88 30.83 -24.20
CA VAL A 623 3.40 29.53 -23.80
C VAL A 623 3.75 28.75 -25.07
N ALA A 624 3.15 29.18 -26.18
CA ALA A 624 3.38 28.57 -27.48
C ALA A 624 4.63 29.16 -28.14
N LYS A 625 5.54 29.66 -27.31
CA LYS A 625 6.79 30.27 -27.77
C LYS A 625 7.91 30.00 -26.77
N GLY A 626 7.54 29.70 -25.53
CA GLY A 626 8.54 29.44 -24.50
C GLY A 626 8.96 30.72 -23.79
N VAL A 627 8.36 31.83 -24.18
CA VAL A 627 8.69 33.13 -23.57
C VAL A 627 8.24 33.20 -22.11
N ILE A 628 7.24 32.39 -21.76
CA ILE A 628 6.75 32.35 -20.39
C ILE A 628 6.61 30.90 -19.93
N SER A 629 6.69 30.70 -18.62
CA SER A 629 6.59 29.38 -18.02
C SER A 629 5.18 28.80 -18.20
N LYS A 630 4.18 29.53 -17.73
CA LYS A 630 2.79 29.07 -17.84
C LYS A 630 1.80 30.21 -17.69
N GLU A 631 0.54 29.89 -17.89
CA GLU A 631 -0.53 30.87 -17.73
C GLU A 631 -1.34 30.38 -16.54
N LEU A 632 -1.63 31.28 -15.61
CA LEU A 632 -2.34 30.89 -14.41
C LEU A 632 -3.69 31.55 -14.30
N GLU A 633 -4.44 31.14 -13.28
CA GLU A 633 -5.76 31.69 -13.01
C GLU A 633 -5.72 32.38 -11.65
N TRP A 634 -5.91 33.69 -11.67
CA TRP A 634 -5.89 34.50 -10.46
C TRP A 634 -6.34 33.81 -9.18
N THR A 635 -7.57 33.33 -9.13
CA THR A 635 -8.06 32.69 -7.92
C THR A 635 -7.18 31.59 -7.37
N GLU A 636 -6.47 30.89 -8.25
CA GLU A 636 -5.59 29.80 -7.84
C GLU A 636 -4.13 30.20 -7.69
N ALA A 637 -3.81 31.46 -7.98
CA ALA A 637 -2.44 31.97 -7.92
C ALA A 637 -1.73 31.76 -6.58
N ARG A 638 -2.43 32.03 -5.49
CA ARG A 638 -1.84 31.88 -4.17
C ARG A 638 -1.40 30.47 -3.93
N ARG A 639 -2.25 29.51 -4.23
CA ARG A 639 -1.90 28.10 -4.02
C ARG A 639 -0.72 27.69 -4.87
N PHE A 640 -0.77 28.07 -6.14
CA PHE A 640 0.29 27.71 -7.09
C PHE A 640 1.66 28.31 -6.76
N PHE A 641 1.66 29.60 -6.47
CA PHE A 641 2.90 30.30 -6.15
C PHE A 641 3.49 29.84 -4.84
N PHE A 642 2.64 29.59 -3.84
CA PHE A 642 3.16 29.13 -2.55
C PHE A 642 4.00 27.88 -2.75
N TRP A 643 3.51 26.90 -3.50
CA TRP A 643 4.28 25.69 -3.69
C TRP A 643 5.43 25.89 -4.64
N ARG A 644 5.22 26.69 -5.67
CA ARG A 644 6.28 26.93 -6.63
C ARG A 644 7.48 27.59 -5.93
N LEU A 645 7.21 28.64 -5.15
CA LEU A 645 8.25 29.34 -4.44
C LEU A 645 8.96 28.43 -3.43
N ARG A 646 8.17 27.68 -2.68
CA ARG A 646 8.69 26.75 -1.69
C ARG A 646 9.58 25.72 -2.36
N ARG A 647 9.15 25.27 -3.53
CA ARG A 647 9.93 24.29 -4.26
C ARG A 647 11.26 24.93 -4.71
N ARG A 648 11.20 26.15 -5.23
CA ARG A 648 12.41 26.81 -5.70
C ARG A 648 13.39 27.11 -4.57
N LEU A 649 12.87 27.57 -3.43
CA LEU A 649 13.73 27.84 -2.30
C LEU A 649 14.48 26.56 -1.91
N ASN A 650 13.78 25.43 -1.87
CA ASN A 650 14.44 24.18 -1.51
C ASN A 650 15.51 23.79 -2.51
N GLU A 651 15.22 23.93 -3.80
CA GLU A 651 16.21 23.58 -4.81
C GLU A 651 17.39 24.55 -4.79
N GLU A 652 17.11 25.84 -4.63
CA GLU A 652 18.18 26.84 -4.59
C GLU A 652 19.16 26.48 -3.48
N TYR A 653 18.62 26.15 -2.31
CA TYR A 653 19.42 25.78 -1.16
C TYR A 653 20.36 24.63 -1.51
N LEU A 654 19.83 23.67 -2.25
CA LEU A 654 20.63 22.52 -2.65
C LEU A 654 21.68 22.92 -3.66
N ILE A 655 21.35 23.86 -4.54
CA ILE A 655 22.31 24.30 -5.55
C ILE A 655 23.50 24.99 -4.90
N LYS A 656 23.25 25.86 -3.93
CA LYS A 656 24.32 26.56 -3.25
C LYS A 656 25.27 25.62 -2.53
N ARG A 657 24.74 24.74 -1.69
CA ARG A 657 25.58 23.81 -0.97
C ARG A 657 26.49 23.03 -1.91
N LEU A 658 25.96 22.66 -3.06
CA LEU A 658 26.73 21.91 -4.03
C LEU A 658 27.86 22.79 -4.56
N SER A 659 27.59 24.08 -4.71
CA SER A 659 28.58 25.03 -5.20
C SER A 659 29.81 25.15 -4.29
N HIS A 660 29.64 24.84 -3.03
CA HIS A 660 30.74 24.90 -2.08
C HIS A 660 31.65 23.69 -2.25
N GLN A 661 31.05 22.54 -2.54
CA GLN A 661 31.79 21.29 -2.75
C GLN A 661 32.69 21.39 -3.98
N VAL A 662 32.17 20.98 -5.13
CA VAL A 662 32.92 21.02 -6.37
C VAL A 662 33.52 22.41 -6.61
N GLY A 663 32.75 23.44 -6.30
CA GLY A 663 33.21 24.80 -6.51
C GLY A 663 33.04 25.25 -7.94
N GLU A 664 33.64 24.51 -8.87
CA GLU A 664 33.55 24.84 -10.29
C GLU A 664 32.67 23.87 -11.08
N ALA A 665 31.46 24.34 -11.41
CA ALA A 665 30.49 23.56 -12.17
C ALA A 665 29.34 24.47 -12.61
N SER A 666 28.79 24.18 -13.78
CA SER A 666 27.68 24.95 -14.34
C SER A 666 26.41 24.78 -13.51
N ARG A 667 25.53 25.78 -13.54
CA ARG A 667 24.27 25.69 -12.80
C ARG A 667 23.42 24.57 -13.40
N LEU A 668 23.38 24.53 -14.72
CA LEU A 668 22.64 23.52 -15.44
C LEU A 668 23.02 22.14 -14.90
N GLU A 669 24.32 21.93 -14.69
CA GLU A 669 24.84 20.65 -14.20
C GLU A 669 24.54 20.44 -12.72
N LYS A 670 24.64 21.51 -11.94
CA LYS A 670 24.39 21.43 -10.50
C LYS A 670 22.94 21.07 -10.20
N ILE A 671 22.01 21.68 -10.95
CA ILE A 671 20.61 21.41 -10.74
C ILE A 671 20.22 20.06 -11.33
N ALA A 672 20.86 19.69 -12.43
CA ALA A 672 20.59 18.41 -13.07
C ALA A 672 21.02 17.26 -12.15
N ARG A 673 22.15 17.43 -11.49
CA ARG A 673 22.68 16.42 -10.58
C ARG A 673 21.74 16.27 -9.39
N ILE A 674 21.25 17.41 -8.88
CA ILE A 674 20.36 17.41 -7.74
C ILE A 674 19.03 16.73 -8.05
N ARG A 675 18.50 16.99 -9.24
CA ARG A 675 17.24 16.40 -9.63
C ARG A 675 17.36 14.90 -9.92
N SER A 676 18.58 14.42 -10.09
CA SER A 676 18.81 13.01 -10.36
C SER A 676 18.77 12.25 -9.03
N TRP A 677 18.70 12.99 -7.92
CA TRP A 677 18.64 12.38 -6.61
C TRP A 677 17.18 12.09 -6.22
N TYR A 678 16.26 12.74 -6.92
CA TYR A 678 14.84 12.54 -6.67
C TYR A 678 14.46 11.11 -7.09
N PRO A 679 13.54 10.48 -6.35
CA PRO A 679 13.09 9.12 -6.68
C PRO A 679 12.52 9.13 -8.09
N ALA A 680 12.76 8.07 -8.85
CA ALA A 680 12.26 8.00 -10.22
C ALA A 680 10.77 8.32 -10.34
N SER A 681 10.00 7.98 -9.32
CA SER A 681 8.56 8.22 -9.35
C SER A 681 8.16 9.66 -9.08
N VAL A 682 9.11 10.50 -8.66
CA VAL A 682 8.81 11.89 -8.39
C VAL A 682 8.71 12.67 -9.71
N ASP A 683 7.66 13.45 -9.85
CA ASP A 683 7.47 14.24 -11.05
C ASP A 683 8.17 15.60 -10.87
N HIS A 684 9.32 15.75 -11.50
CA HIS A 684 10.12 16.98 -11.41
C HIS A 684 9.29 18.23 -11.65
N GLU A 685 8.16 18.08 -12.32
CA GLU A 685 7.33 19.24 -12.59
C GLU A 685 6.27 19.51 -11.53
N ASP A 686 6.21 18.65 -10.52
CA ASP A 686 5.23 18.82 -9.45
C ASP A 686 5.92 19.56 -8.30
N ASP A 687 5.63 20.85 -8.16
CA ASP A 687 6.27 21.66 -7.14
C ASP A 687 6.08 21.17 -5.70
N ARG A 688 4.84 20.81 -5.38
CA ARG A 688 4.53 20.32 -4.04
C ARG A 688 5.20 18.98 -3.71
N GLN A 689 5.34 18.12 -4.72
CA GLN A 689 5.96 16.82 -4.52
C GLN A 689 7.47 16.96 -4.32
N VAL A 690 8.10 17.75 -5.18
CA VAL A 690 9.54 17.98 -5.10
C VAL A 690 9.91 18.60 -3.76
N ALA A 691 9.22 19.67 -3.38
CA ALA A 691 9.52 20.34 -2.11
C ALA A 691 9.34 19.39 -0.94
N THR A 692 8.23 18.66 -0.94
CA THR A 692 7.91 17.71 0.12
C THR A 692 8.98 16.62 0.26
N TRP A 693 9.45 16.09 -0.86
CA TRP A 693 10.47 15.07 -0.80
C TRP A 693 11.78 15.64 -0.22
N ILE A 694 12.21 16.77 -0.75
CA ILE A 694 13.43 17.41 -0.28
C ILE A 694 13.37 17.70 1.22
N GLU A 695 12.24 18.22 1.69
CA GLU A 695 12.10 18.53 3.10
C GLU A 695 12.09 17.27 3.98
N GLU A 696 11.77 16.13 3.39
CA GLU A 696 11.74 14.87 4.13
C GLU A 696 13.10 14.20 4.15
N ASN A 697 13.98 14.60 3.25
CA ASN A 697 15.29 14.00 3.16
C ASN A 697 16.46 14.97 3.29
N TYR A 698 16.26 16.05 4.03
CA TYR A 698 17.32 17.04 4.23
C TYR A 698 18.63 16.39 4.66
N LYS A 699 18.59 15.57 5.71
CA LYS A 699 19.79 14.92 6.20
C LYS A 699 20.33 13.90 5.21
N THR A 700 19.44 13.21 4.53
CA THR A 700 19.86 12.20 3.56
C THR A 700 20.60 12.91 2.43
N LEU A 701 20.04 14.01 1.94
CA LEU A 701 20.66 14.79 0.89
C LEU A 701 21.97 15.36 1.45
N ASP A 702 21.96 15.72 2.73
CA ASP A 702 23.15 16.24 3.35
C ASP A 702 24.31 15.29 3.16
N ASP A 703 24.10 14.01 3.46
CA ASP A 703 25.15 13.01 3.31
C ASP A 703 25.58 12.87 1.86
N LYS A 704 24.63 12.96 0.93
CA LYS A 704 24.98 12.81 -0.47
C LYS A 704 25.90 13.96 -0.90
N LEU A 705 25.70 15.14 -0.32
CA LEU A 705 26.54 16.29 -0.64
C LEU A 705 27.95 16.04 -0.12
N LYS A 706 28.09 16.03 1.20
CA LYS A 706 29.39 15.79 1.81
C LYS A 706 29.90 14.41 1.45
N GLY A 707 29.11 13.66 0.69
CA GLY A 707 29.54 12.35 0.29
C GLY A 707 30.30 12.48 -1.02
N LEU A 708 30.29 13.69 -1.55
CA LEU A 708 30.97 13.99 -2.80
C LEU A 708 32.36 14.57 -2.54
N LYS A 709 32.84 14.41 -1.30
CA LYS A 709 34.16 14.92 -0.95
C LYS A 709 35.21 14.45 -1.93
N LEU A 710 34.88 13.43 -2.71
CA LEU A 710 35.81 12.93 -3.72
C LEU A 710 35.99 14.00 -4.80
N GLU A 711 35.45 15.20 -4.54
CA GLU A 711 35.54 16.32 -5.46
C GLU A 711 36.98 16.77 -5.62
N SER A 712 37.82 16.38 -4.67
CA SER A 712 39.24 16.73 -4.68
C SER A 712 39.94 16.19 -5.93
N PHE A 713 40.06 17.05 -6.94
CA PHE A 713 40.70 16.70 -8.20
C PHE A 713 41.86 17.66 -8.48
N ALA A 714 42.92 17.12 -9.09
CA ALA A 714 44.10 17.90 -9.44
C ALA A 714 43.99 18.39 -10.89
N GLN A 715 43.86 17.53 -11.78
N PRO B 1 22.37 19.83 7.68
CA PRO B 1 20.99 20.11 8.15
C PRO B 1 20.88 21.52 8.74
N ILE B 2 22.03 22.16 8.96
CA ILE B 2 22.06 23.52 9.51
C ILE B 2 21.53 24.56 8.51
N ALA B 3 20.63 25.42 8.97
CA ALA B 3 20.07 26.45 8.12
C ALA B 3 19.43 25.88 6.84
N THR B 4 18.22 25.37 6.97
CA THR B 4 17.48 24.80 5.85
C THR B 4 16.23 25.65 5.58
N PRO B 5 15.82 25.77 4.32
CA PRO B 5 14.63 26.56 3.92
C PRO B 5 13.44 26.31 4.84
N TYR B 6 13.23 25.05 5.20
CA TYR B 6 12.13 24.67 6.08
C TYR B 6 12.62 23.77 7.22
N PRO B 7 11.75 23.53 8.23
CA PRO B 7 12.11 22.68 9.38
C PRO B 7 12.63 21.29 8.97
N VAL B 8 13.82 20.93 9.46
CA VAL B 8 14.46 19.64 9.16
C VAL B 8 13.71 18.47 9.81
N LYS B 9 12.91 17.78 9.00
CA LYS B 9 12.11 16.63 9.45
C LYS B 9 12.94 15.56 10.17
N GLU B 10 14.14 15.30 9.67
CA GLU B 10 15.00 14.31 10.28
C GLU B 10 15.49 14.70 11.69
N TRP B 11 15.54 16.00 11.97
CA TRP B 11 15.97 16.49 13.29
C TRP B 11 14.77 16.50 14.26
N LEU B 12 13.64 17.04 13.81
CA LEU B 12 12.43 17.08 14.63
C LEU B 12 12.08 15.64 14.98
N GLN B 13 12.66 14.72 14.22
CA GLN B 13 12.47 13.28 14.40
C GLN B 13 13.55 12.50 13.62
N PRO B 14 14.63 12.06 14.33
CA PRO B 14 15.75 11.29 13.76
C PRO B 14 15.29 9.99 13.10
N LYS B 15 14.07 9.58 13.44
CA LYS B 15 13.47 8.37 12.90
C LYS B 15 13.36 8.46 11.39
N ARG B 16 12.95 9.62 10.89
CA ARG B 16 12.84 9.84 9.45
C ARG B 16 14.17 9.44 8.84
N TYR B 17 15.26 9.85 9.49
CA TYR B 17 16.61 9.56 9.02
C TYR B 17 16.94 8.07 9.12
N LYS B 18 16.66 7.49 10.29
CA LYS B 18 16.92 6.08 10.54
C LYS B 18 16.25 5.22 9.47
N ALA B 19 15.00 5.54 9.18
CA ALA B 19 14.23 4.80 8.17
C ALA B 19 14.87 4.93 6.80
N HIS B 20 15.21 6.16 6.41
CA HIS B 20 15.83 6.39 5.11
C HIS B 20 17.16 5.64 5.02
N LEU B 21 17.86 5.52 6.14
CA LEU B 21 19.12 4.82 6.18
C LEU B 21 18.91 3.34 5.83
N MET B 22 17.71 2.84 6.05
CA MET B 22 17.40 1.45 5.73
C MET B 22 16.71 1.27 4.38
N GLY B 23 16.71 2.33 3.58
CA GLY B 23 16.13 2.27 2.26
C GLY B 23 14.62 2.20 2.15
N THR B 24 13.91 2.81 3.09
CA THR B 24 12.45 2.79 3.06
C THR B 24 11.90 4.12 3.56
N THR B 25 10.63 4.39 3.28
CA THR B 25 9.97 5.63 3.71
C THR B 25 9.59 5.49 5.18
N TYR B 26 9.49 6.63 5.87
CA TYR B 26 9.12 6.64 7.27
C TYR B 26 7.60 6.42 7.34
N VAL B 27 7.13 5.58 8.26
CA VAL B 27 5.69 5.30 8.34
C VAL B 27 4.79 6.50 8.21
N TYR B 28 4.90 7.43 9.15
CA TYR B 28 4.04 8.60 9.10
C TYR B 28 4.11 9.38 7.79
N ASP B 29 5.07 9.05 6.93
CA ASP B 29 5.19 9.73 5.64
C ASP B 29 4.47 9.00 4.50
N PHE B 30 3.99 7.79 4.77
CA PHE B 30 3.27 7.04 3.72
C PHE B 30 1.94 7.68 3.35
N PRO B 31 1.20 8.19 4.35
CA PRO B 31 -0.06 8.79 3.93
C PRO B 31 0.13 9.83 2.83
N GLU B 32 1.20 10.62 2.93
CA GLU B 32 1.46 11.66 1.92
C GLU B 32 1.68 11.00 0.57
N LEU B 33 2.31 9.83 0.56
CA LEU B 33 2.52 9.12 -0.71
C LEU B 33 1.16 8.72 -1.31
N PHE B 34 0.21 8.31 -0.47
CA PHE B 34 -1.10 7.94 -0.98
C PHE B 34 -1.77 9.18 -1.52
N ARG B 35 -1.63 10.30 -0.82
CA ARG B 35 -2.24 11.54 -1.29
C ARG B 35 -1.68 11.85 -2.68
N GLN B 36 -0.36 11.79 -2.81
CA GLN B 36 0.27 12.06 -4.10
C GLN B 36 -0.24 11.10 -5.19
N ALA B 37 -0.21 9.80 -4.89
CA ALA B 37 -0.67 8.81 -5.86
C ALA B 37 -2.13 9.06 -6.25
N SER B 38 -2.94 9.46 -5.27
CA SER B 38 -4.35 9.71 -5.54
C SER B 38 -4.49 10.91 -6.46
N SER B 39 -3.64 11.92 -6.23
CA SER B 39 -3.66 13.11 -7.05
C SER B 39 -3.29 12.78 -8.49
N SER B 40 -2.27 11.95 -8.69
CA SER B 40 -1.89 11.57 -10.05
C SER B 40 -3.03 10.82 -10.72
N GLN B 41 -3.76 10.04 -9.94
CA GLN B 41 -4.87 9.27 -10.48
C GLN B 41 -5.80 10.24 -11.20
N TRP B 42 -6.14 11.35 -10.53
CA TRP B 42 -7.03 12.34 -11.13
C TRP B 42 -6.46 13.04 -12.36
N LYS B 43 -5.16 13.32 -12.36
CA LYS B 43 -4.53 13.98 -13.49
C LYS B 43 -4.55 13.10 -14.74
N ASN B 44 -4.44 11.79 -14.56
CA ASN B 44 -4.44 10.88 -15.68
C ASN B 44 -5.86 10.71 -16.21
N PHE B 45 -6.83 10.83 -15.32
CA PHE B 45 -8.23 10.68 -15.69
C PHE B 45 -8.75 11.94 -16.36
N SER B 46 -8.62 13.07 -15.66
CA SER B 46 -9.09 14.34 -16.19
C SER B 46 -8.04 15.42 -15.91
N ALA B 47 -7.23 15.71 -16.93
CA ALA B 47 -6.16 16.69 -16.83
C ALA B 47 -6.56 17.99 -16.15
N ASP B 48 -7.73 18.51 -16.50
CA ASP B 48 -8.22 19.77 -15.94
C ASP B 48 -9.21 19.55 -14.80
N VAL B 49 -8.70 19.15 -13.65
CA VAL B 49 -9.55 18.91 -12.50
C VAL B 49 -8.99 19.64 -11.29
N LYS B 50 -9.82 20.51 -10.71
CA LYS B 50 -9.40 21.28 -9.55
C LYS B 50 -9.57 20.45 -8.28
N LEU B 51 -8.45 20.03 -7.69
CA LEU B 51 -8.52 19.25 -6.45
C LEU B 51 -8.29 20.12 -5.23
N THR B 52 -8.95 19.76 -4.13
CA THR B 52 -8.81 20.48 -2.87
C THR B 52 -8.26 19.47 -1.87
N ASP B 53 -7.48 19.92 -0.91
CA ASP B 53 -6.92 19.01 0.08
C ASP B 53 -7.96 18.21 0.83
N ASP B 54 -9.21 18.62 0.76
CA ASP B 54 -10.26 17.90 1.46
C ASP B 54 -10.66 16.64 0.69
N PHE B 55 -9.99 16.40 -0.43
CA PHE B 55 -10.27 15.23 -1.26
C PHE B 55 -9.56 14.01 -0.70
N PHE B 56 -8.58 14.25 0.16
CA PHE B 56 -7.83 13.16 0.77
C PHE B 56 -7.72 13.43 2.25
N ILE B 57 -7.96 12.40 3.05
CA ILE B 57 -7.90 12.56 4.50
C ILE B 57 -7.27 11.33 5.10
N SER B 58 -6.41 11.52 6.09
CA SER B 58 -5.75 10.39 6.71
C SER B 58 -5.77 10.58 8.21
N ASN B 59 -6.52 9.74 8.91
CA ASN B 59 -6.61 9.83 10.35
C ASN B 59 -5.98 8.60 10.98
N GLU B 60 -4.99 8.83 11.84
CA GLU B 60 -4.33 7.70 12.49
C GLU B 60 -5.30 6.93 13.38
N LEU B 61 -5.06 5.62 13.53
CA LEU B 61 -5.90 4.79 14.37
C LEU B 61 -5.08 4.19 15.51
N ILE B 62 -5.57 4.33 16.73
CA ILE B 62 -4.90 3.76 17.89
C ILE B 62 -5.98 3.21 18.80
N GLU B 63 -5.59 2.37 19.74
CA GLU B 63 -6.54 1.79 20.67
C GLU B 63 -6.79 2.72 21.85
N ASP B 64 -8.02 2.71 22.36
CA ASP B 64 -8.40 3.54 23.50
C ASP B 64 -8.26 2.70 24.76
N GLU B 65 -8.84 3.18 25.87
CA GLU B 65 -8.76 2.46 27.15
C GLU B 65 -9.33 1.04 27.04
N ASN B 66 -10.39 0.89 26.27
CA ASN B 66 -11.03 -0.40 26.10
C ASN B 66 -10.35 -1.26 25.04
N GLY B 67 -9.26 -0.75 24.48
CA GLY B 67 -8.53 -1.49 23.46
C GLY B 67 -9.17 -1.42 22.09
N GLU B 68 -10.21 -0.60 21.95
CA GLU B 68 -10.91 -0.42 20.69
C GLU B 68 -10.22 0.65 19.84
N LEU B 69 -10.19 0.44 18.52
CA LEU B 69 -9.55 1.40 17.63
C LEU B 69 -10.36 2.69 17.53
N THR B 70 -9.66 3.81 17.50
CA THR B 70 -10.30 5.12 17.38
C THR B 70 -9.37 6.07 16.65
N GLU B 71 -9.97 7.06 15.99
CA GLU B 71 -9.22 8.06 15.25
C GLU B 71 -8.64 9.15 16.16
N VAL B 72 -7.37 9.49 15.95
CA VAL B 72 -6.72 10.51 16.75
C VAL B 72 -5.89 11.40 15.85
N GLU B 73 -5.54 12.59 16.34
CA GLU B 73 -4.74 13.51 15.56
C GLU B 73 -3.49 13.89 16.37
N ARG B 74 -2.71 12.90 16.76
CA ARG B 74 -1.50 13.14 17.54
C ARG B 74 -0.34 13.62 16.68
N GLU B 75 0.84 13.67 17.29
CA GLU B 75 2.06 14.09 16.61
C GLU B 75 2.78 12.88 16.03
N PRO B 76 3.24 13.01 14.77
CA PRO B 76 3.95 11.91 14.12
C PRO B 76 5.10 11.39 14.97
N GLY B 77 5.36 10.09 14.89
CA GLY B 77 6.44 9.49 15.65
C GLY B 77 6.18 9.35 17.13
N ALA B 78 4.92 9.20 17.52
CA ALA B 78 4.58 9.06 18.93
C ALA B 78 4.08 7.67 19.29
N ASN B 79 4.07 6.77 18.30
CA ASN B 79 3.59 5.40 18.50
C ASN B 79 4.31 4.66 19.61
N ALA B 80 3.55 4.15 20.57
CA ALA B 80 4.12 3.39 21.67
C ALA B 80 4.47 1.96 21.22
N ILE B 81 3.87 1.49 20.13
CA ILE B 81 4.18 0.15 19.63
C ILE B 81 4.82 0.26 18.24
N GLY B 82 5.37 -0.84 17.75
CA GLY B 82 6.02 -0.81 16.45
C GLY B 82 5.11 -1.04 15.25
N MET B 83 3.82 -0.84 15.43
CA MET B 83 2.87 -1.03 14.33
C MET B 83 1.93 0.17 14.35
N VAL B 84 1.77 0.81 13.19
CA VAL B 84 0.88 1.96 13.10
C VAL B 84 -0.17 1.72 12.01
N ALA B 85 -1.28 2.42 12.10
CA ALA B 85 -2.33 2.26 11.11
C ALA B 85 -3.07 3.57 10.84
N PHE B 86 -3.60 3.70 9.63
CA PHE B 86 -4.34 4.90 9.27
C PHE B 86 -5.63 4.56 8.53
N LYS B 87 -6.64 5.39 8.70
CA LYS B 87 -7.91 5.20 8.00
C LYS B 87 -7.94 6.30 6.95
N ILE B 88 -7.93 5.91 5.68
CA ILE B 88 -7.94 6.84 4.57
C ILE B 88 -9.32 7.00 3.94
N THR B 89 -9.69 8.23 3.59
CA THR B 89 -10.96 8.52 2.95
C THR B 89 -10.58 9.36 1.74
N VAL B 90 -10.65 8.79 0.54
CA VAL B 90 -10.27 9.50 -0.68
C VAL B 90 -11.38 9.57 -1.71
N LYS B 91 -11.41 10.68 -2.45
CA LYS B 91 -12.36 10.85 -3.51
C LYS B 91 -11.56 10.52 -4.76
N THR B 92 -11.93 9.42 -5.39
CA THR B 92 -11.24 8.96 -6.58
C THR B 92 -12.19 9.05 -7.76
N PRO B 93 -11.66 8.96 -8.97
CA PRO B 93 -12.46 9.02 -10.20
C PRO B 93 -13.63 8.05 -10.18
N GLU B 94 -13.43 6.84 -9.64
CA GLU B 94 -14.53 5.89 -9.61
C GLU B 94 -15.48 6.14 -8.45
N TYR B 95 -14.99 6.80 -7.40
CA TYR B 95 -15.83 7.15 -6.24
C TYR B 95 -15.64 8.63 -5.89
N PRO B 96 -16.12 9.54 -6.76
CA PRO B 96 -16.01 10.99 -6.56
C PRO B 96 -16.42 11.48 -5.18
N ARG B 97 -17.38 10.79 -4.56
CA ARG B 97 -17.82 11.19 -3.23
C ARG B 97 -17.01 10.55 -2.12
N GLY B 98 -16.01 9.73 -2.47
CA GLY B 98 -15.17 9.11 -1.45
C GLY B 98 -15.25 7.62 -1.20
N ARG B 99 -14.11 7.02 -0.89
CA ARG B 99 -14.00 5.60 -0.59
C ARG B 99 -12.98 5.45 0.53
N GLN B 100 -13.15 4.43 1.36
CA GLN B 100 -12.24 4.24 2.46
C GLN B 100 -11.50 2.93 2.44
N PHE B 101 -10.39 2.90 3.16
CA PHE B 101 -9.58 1.72 3.29
C PHE B 101 -8.62 1.92 4.46
N VAL B 102 -8.05 0.85 4.95
CA VAL B 102 -7.15 0.95 6.08
C VAL B 102 -5.72 0.66 5.63
N VAL B 103 -4.75 1.31 6.26
CA VAL B 103 -3.34 1.11 5.96
C VAL B 103 -2.66 0.72 7.27
N VAL B 104 -1.98 -0.43 7.28
CA VAL B 104 -1.28 -0.94 8.46
C VAL B 104 0.17 -1.13 8.08
N ALA B 105 1.08 -0.72 8.95
CA ALA B 105 2.49 -0.84 8.64
C ALA B 105 3.37 -1.03 9.86
N ASN B 106 4.51 -1.69 9.66
CA ASN B 106 5.46 -1.86 10.74
C ASN B 106 6.22 -0.55 10.77
N ASP B 107 6.81 -0.24 11.91
CA ASP B 107 7.62 0.95 12.02
C ASP B 107 9.05 0.45 12.02
N ILE B 108 9.72 0.49 10.88
CA ILE B 108 11.10 0.00 10.82
C ILE B 108 12.01 0.65 11.86
N THR B 109 11.71 1.88 12.26
CA THR B 109 12.53 2.61 13.26
C THR B 109 12.25 2.19 14.69
N PHE B 110 11.17 1.45 14.91
CA PHE B 110 10.82 0.98 16.24
C PHE B 110 11.27 -0.47 16.36
N LYS B 111 12.35 -0.69 17.09
CA LYS B 111 12.87 -2.05 17.26
C LYS B 111 12.95 -2.79 15.94
N ILE B 112 13.55 -2.16 14.94
CA ILE B 112 13.71 -2.75 13.61
C ILE B 112 12.44 -3.39 13.07
N GLY B 113 11.30 -2.78 13.42
CA GLY B 113 10.01 -3.27 12.97
C GLY B 113 9.72 -4.72 13.29
N SER B 114 10.29 -5.22 14.37
CA SER B 114 10.07 -6.60 14.78
C SER B 114 8.61 -6.78 15.17
N PHE B 115 8.17 -8.03 15.25
CA PHE B 115 6.81 -8.35 15.63
C PHE B 115 6.74 -8.81 17.07
N GLY B 116 6.13 -7.99 17.93
CA GLY B 116 5.99 -8.36 19.31
C GLY B 116 4.52 -8.55 19.60
N PRO B 117 4.17 -9.15 20.76
CA PRO B 117 2.77 -9.39 21.13
C PRO B 117 1.86 -8.19 20.91
N GLN B 118 2.24 -7.02 21.42
CA GLN B 118 1.41 -5.84 21.25
C GLN B 118 1.22 -5.47 19.77
N GLU B 119 2.28 -5.63 18.96
CA GLU B 119 2.17 -5.30 17.55
C GLU B 119 1.21 -6.26 16.86
N ASP B 120 1.34 -7.54 17.19
CA ASP B 120 0.46 -8.57 16.63
C ASP B 120 -0.99 -8.28 16.96
N GLU B 121 -1.26 -8.01 18.23
CA GLU B 121 -2.60 -7.71 18.67
C GLU B 121 -3.16 -6.53 17.89
N PHE B 122 -2.32 -5.54 17.66
CA PHE B 122 -2.77 -4.34 16.95
C PHE B 122 -3.08 -4.72 15.50
N PHE B 123 -2.17 -5.42 14.86
CA PHE B 123 -2.36 -5.86 13.48
C PHE B 123 -3.71 -6.58 13.34
N ASN B 124 -3.94 -7.53 14.25
CA ASN B 124 -5.19 -8.28 14.24
C ASN B 124 -6.40 -7.37 14.45
N LYS B 125 -6.31 -6.48 15.42
CA LYS B 125 -7.42 -5.58 15.71
C LYS B 125 -7.71 -4.68 14.49
N VAL B 126 -6.65 -4.24 13.82
CA VAL B 126 -6.82 -3.37 12.65
C VAL B 126 -7.48 -4.15 11.52
N THR B 127 -7.05 -5.39 11.32
CA THR B 127 -7.64 -6.24 10.28
C THR B 127 -9.14 -6.50 10.53
N GLU B 128 -9.51 -6.75 11.79
CA GLU B 128 -10.91 -6.97 12.12
C GLU B 128 -11.71 -5.68 11.92
N TYR B 129 -11.04 -4.56 12.14
CA TYR B 129 -11.67 -3.25 11.97
C TYR B 129 -12.13 -3.14 10.53
N ALA B 130 -11.23 -3.46 9.59
CA ALA B 130 -11.55 -3.38 8.18
C ALA B 130 -12.60 -4.42 7.76
N ARG B 131 -12.42 -5.66 8.19
CA ARG B 131 -13.38 -6.69 7.83
C ARG B 131 -14.80 -6.30 8.25
N LYS B 132 -14.94 -5.83 9.48
CA LYS B 132 -16.25 -5.44 9.95
C LYS B 132 -16.89 -4.40 9.06
N ARG B 133 -16.08 -3.51 8.51
CA ARG B 133 -16.59 -2.46 7.64
C ARG B 133 -16.58 -2.88 6.18
N GLY B 134 -15.94 -4.01 5.89
CA GLY B 134 -15.88 -4.52 4.53
C GLY B 134 -14.98 -3.68 3.67
N ILE B 135 -14.09 -2.96 4.33
CA ILE B 135 -13.14 -2.06 3.70
C ILE B 135 -11.79 -2.72 3.41
N PRO B 136 -11.12 -2.32 2.31
CA PRO B 136 -9.83 -2.86 1.92
C PRO B 136 -8.78 -2.73 3.02
N ARG B 137 -7.84 -3.67 3.05
CA ARG B 137 -6.78 -3.65 4.04
C ARG B 137 -5.42 -3.69 3.36
N ILE B 138 -4.76 -2.53 3.38
CA ILE B 138 -3.43 -2.34 2.79
C ILE B 138 -2.39 -2.51 3.89
N TYR B 139 -1.39 -3.36 3.65
CA TYR B 139 -0.35 -3.61 4.62
C TYR B 139 1.01 -3.24 4.05
N LEU B 140 1.75 -2.38 4.75
CA LEU B 140 3.08 -1.99 4.28
C LEU B 140 4.06 -2.74 5.14
N ALA B 141 4.69 -3.75 4.52
CA ALA B 141 5.64 -4.63 5.20
C ALA B 141 7.07 -4.11 5.24
N ALA B 142 7.56 -3.92 6.46
CA ALA B 142 8.92 -3.44 6.73
C ALA B 142 9.24 -3.91 8.14
N ASN B 143 9.72 -5.13 8.28
CA ASN B 143 9.99 -5.70 9.59
C ASN B 143 11.21 -6.60 9.60
N SER B 144 11.51 -7.12 10.79
CA SER B 144 12.64 -8.03 10.99
C SER B 144 12.13 -9.31 11.62
N GLY B 145 10.87 -9.64 11.33
CA GLY B 145 10.26 -10.85 11.85
C GLY B 145 9.84 -10.79 13.31
N ALA B 146 9.62 -11.96 13.91
CA ALA B 146 9.22 -12.03 15.31
C ALA B 146 10.32 -11.44 16.19
N ARG B 147 9.89 -10.74 17.23
CA ARG B 147 10.81 -10.09 18.16
C ARG B 147 11.50 -11.11 19.09
N ILE B 148 12.72 -10.80 19.47
CA ILE B 148 13.49 -11.68 20.36
C ILE B 148 14.34 -10.87 21.34
N GLY B 149 14.41 -11.36 22.58
CA GLY B 149 15.18 -10.69 23.62
C GLY B 149 15.45 -11.58 24.82
N GLU B 222 4.35 -16.20 24.18
CA GLU B 222 3.24 -15.36 23.76
C GLU B 222 3.59 -14.63 22.47
N CYS B 223 4.88 -14.53 22.21
CA CYS B 223 5.34 -13.85 21.00
C CYS B 223 4.93 -14.69 19.80
N ILE B 224 5.35 -15.95 19.80
CA ILE B 224 5.03 -16.86 18.70
C ILE B 224 3.52 -17.12 18.65
N ARG B 225 2.80 -16.68 19.67
CA ARG B 225 1.34 -16.86 19.73
C ARG B 225 0.67 -15.74 18.93
N GLY B 226 1.24 -14.55 19.02
CA GLY B 226 0.69 -13.43 18.28
C GLY B 226 0.86 -13.69 16.80
N SER B 227 1.92 -14.42 16.45
CA SER B 227 2.20 -14.75 15.05
C SER B 227 1.09 -15.58 14.42
N GLY B 228 0.59 -16.55 15.18
CA GLY B 228 -0.43 -17.42 14.66
C GLY B 228 -1.75 -16.69 14.53
N LEU B 229 -1.98 -15.77 15.46
CA LEU B 229 -3.20 -14.99 15.43
C LEU B 229 -3.30 -14.18 14.15
N ILE B 230 -2.22 -13.50 13.76
CA ILE B 230 -2.30 -12.70 12.56
C ILE B 230 -2.21 -13.50 11.27
N ALA B 231 -1.57 -14.67 11.32
CA ALA B 231 -1.50 -15.53 10.14
C ALA B 231 -2.96 -15.91 9.82
N GLY B 232 -3.64 -16.46 10.83
CA GLY B 232 -5.02 -16.84 10.65
C GLY B 232 -5.92 -15.68 10.29
N ALA B 233 -5.67 -14.53 10.91
CA ALA B 233 -6.48 -13.34 10.65
C ALA B 233 -6.39 -12.88 9.20
N THR B 234 -5.20 -12.98 8.62
CA THR B 234 -4.96 -12.58 7.24
C THR B 234 -5.55 -13.61 6.26
N SER B 235 -5.40 -14.89 6.59
CA SER B 235 -5.95 -15.93 5.74
C SER B 235 -7.46 -15.70 5.60
N ARG B 236 -8.12 -15.37 6.72
CA ARG B 236 -9.54 -15.10 6.70
C ARG B 236 -9.82 -13.79 5.94
N ALA B 237 -9.01 -12.77 6.18
CA ALA B 237 -9.18 -11.47 5.54
C ALA B 237 -9.23 -11.55 4.02
N TYR B 238 -8.39 -12.41 3.46
CA TYR B 238 -8.35 -12.59 2.02
C TYR B 238 -9.66 -13.07 1.41
N HIS B 239 -10.48 -13.79 2.17
CA HIS B 239 -11.74 -14.31 1.63
C HIS B 239 -12.90 -13.37 1.85
N ASP B 240 -12.68 -12.42 2.75
CA ASP B 240 -13.67 -11.45 3.18
C ASP B 240 -13.55 -10.06 2.52
N ILE B 241 -12.41 -9.41 2.67
CA ILE B 241 -12.19 -8.08 2.10
C ILE B 241 -11.04 -8.05 1.12
N PHE B 242 -10.84 -6.91 0.48
CA PHE B 242 -9.74 -6.77 -0.48
C PHE B 242 -8.45 -6.56 0.33
N THR B 243 -7.48 -7.44 0.13
CA THR B 243 -6.22 -7.34 0.85
C THR B 243 -5.05 -7.22 -0.09
N ILE B 244 -4.13 -6.33 0.25
CA ILE B 244 -2.95 -6.14 -0.56
C ILE B 244 -1.79 -5.75 0.36
N THR B 245 -0.58 -6.11 -0.03
CA THR B 245 0.56 -5.77 0.80
C THR B 245 1.77 -5.31 -0.03
N LEU B 246 2.43 -4.27 0.45
CA LEU B 246 3.61 -3.68 -0.20
C LEU B 246 4.85 -3.92 0.66
N VAL B 247 5.86 -4.57 0.08
CA VAL B 247 7.10 -4.83 0.80
C VAL B 247 8.04 -3.67 0.50
N THR B 248 8.17 -2.74 1.46
CA THR B 248 8.99 -1.54 1.30
C THR B 248 10.40 -1.61 1.85
N CYS B 249 10.68 -2.57 2.72
CA CYS B 249 12.04 -2.68 3.26
C CYS B 249 12.57 -4.10 3.26
N ARG B 250 11.80 -5.01 3.85
CA ARG B 250 12.15 -6.40 3.90
C ARG B 250 11.14 -7.03 4.81
N SER B 251 10.74 -8.25 4.49
CA SER B 251 9.76 -8.96 5.30
C SER B 251 10.38 -10.28 5.66
N VAL B 252 10.45 -10.54 6.96
CA VAL B 252 11.08 -11.75 7.47
C VAL B 252 10.15 -12.61 8.33
N GLY B 253 10.31 -13.92 8.22
CA GLY B 253 9.54 -14.85 9.01
C GLY B 253 8.04 -14.66 8.91
N ILE B 254 7.42 -14.38 10.05
CA ILE B 254 5.98 -14.19 10.06
C ILE B 254 5.65 -13.11 9.03
N GLY B 255 6.58 -12.16 8.87
CA GLY B 255 6.39 -11.08 7.92
C GLY B 255 6.25 -11.57 6.49
N ALA B 256 7.08 -12.55 6.12
CA ALA B 256 7.03 -13.12 4.77
C ALA B 256 5.74 -13.89 4.55
N TYR B 257 5.21 -14.52 5.61
CA TYR B 257 3.97 -15.26 5.46
C TYR B 257 2.80 -14.31 5.28
N LEU B 258 2.83 -13.18 5.99
CA LEU B 258 1.75 -12.21 5.88
C LEU B 258 1.68 -11.66 4.44
N VAL B 259 2.83 -11.63 3.76
CA VAL B 259 2.84 -11.15 2.39
C VAL B 259 2.07 -12.13 1.51
N ARG B 260 2.34 -13.41 1.72
CA ARG B 260 1.67 -14.46 0.95
C ARG B 260 0.20 -14.67 1.34
N LEU B 261 -0.08 -14.72 2.64
CA LEU B 261 -1.44 -14.94 3.12
C LEU B 261 -2.41 -13.87 2.64
N GLY B 262 -1.90 -12.68 2.33
CA GLY B 262 -2.78 -11.63 1.83
C GLY B 262 -2.82 -11.70 0.31
N GLN B 263 -2.10 -12.68 -0.23
CA GLN B 263 -2.02 -12.93 -1.66
C GLN B 263 -1.48 -11.83 -2.57
N ARG B 264 -2.26 -10.77 -2.80
CA ARG B 264 -1.85 -9.69 -3.67
C ARG B 264 -0.67 -8.93 -3.02
N ALA B 265 0.47 -8.94 -3.68
CA ALA B 265 1.65 -8.29 -3.12
C ALA B 265 2.52 -7.54 -4.11
N ILE B 266 2.93 -6.33 -3.75
CA ILE B 266 3.79 -5.54 -4.61
C ILE B 266 5.15 -5.47 -3.92
N GLN B 267 6.21 -5.87 -4.61
CA GLN B 267 7.55 -5.84 -4.02
C GLN B 267 8.46 -4.73 -4.56
N VAL B 268 8.99 -3.90 -3.67
CA VAL B 268 9.88 -2.84 -4.14
C VAL B 268 11.25 -3.48 -4.38
N GLU B 269 11.86 -3.14 -5.52
CA GLU B 269 13.15 -3.70 -5.87
C GLU B 269 14.17 -3.50 -4.73
N GLY B 270 14.91 -4.57 -4.43
CA GLY B 270 15.91 -4.49 -3.38
C GLY B 270 15.43 -4.83 -1.98
N GLN B 271 14.11 -4.90 -1.79
CA GLN B 271 13.54 -5.25 -0.48
C GLN B 271 13.13 -6.73 -0.54
N PRO B 272 13.93 -7.60 0.09
CA PRO B 272 13.68 -9.05 0.12
C PRO B 272 12.54 -9.56 1.00
N ILE B 273 11.97 -10.68 0.58
CA ILE B 273 10.89 -11.35 1.31
C ILE B 273 11.52 -12.68 1.71
N ILE B 274 11.97 -12.76 2.95
CA ILE B 274 12.64 -13.98 3.42
C ILE B 274 12.11 -14.60 4.69
N LEU B 275 12.51 -15.85 4.88
CA LEU B 275 12.14 -16.59 6.07
C LEU B 275 13.30 -16.51 7.04
N THR B 276 14.47 -16.88 6.55
CA THR B 276 15.70 -16.88 7.34
C THR B 276 16.78 -16.09 6.62
N GLY B 277 17.52 -15.27 7.36
CA GLY B 277 18.56 -14.48 6.75
C GLY B 277 19.72 -15.28 6.19
N ALA B 278 20.37 -14.73 5.16
CA ALA B 278 21.51 -15.40 4.52
C ALA B 278 22.57 -15.81 5.54
N PRO B 279 22.95 -14.91 6.47
CA PRO B 279 23.96 -15.24 7.47
C PRO B 279 23.63 -16.54 8.20
N ALA B 280 22.50 -16.55 8.89
CA ALA B 280 22.05 -17.72 9.64
C ALA B 280 22.12 -19.01 8.83
N ILE B 281 21.68 -18.96 7.57
CA ILE B 281 21.70 -20.13 6.70
C ILE B 281 23.14 -20.54 6.40
N ASN B 282 23.98 -19.55 6.12
CA ASN B 282 25.39 -19.79 5.82
C ASN B 282 26.07 -20.47 6.99
N LYS B 283 25.83 -19.97 8.21
CA LYS B 283 26.42 -20.54 9.41
C LYS B 283 25.91 -21.96 9.62
N MET B 284 24.62 -22.15 9.46
CA MET B 284 24.00 -23.45 9.64
C MET B 284 24.44 -24.45 8.58
N LEU B 285 24.76 -23.95 7.39
CA LEU B 285 25.17 -24.82 6.30
C LEU B 285 26.67 -25.09 6.33
N GLY B 286 27.45 -24.06 6.65
CA GLY B 286 28.90 -24.23 6.70
C GLY B 286 29.66 -23.08 6.08
N ARG B 287 29.72 -23.08 4.74
CA ARG B 287 30.43 -22.04 4.01
C ARG B 287 29.60 -20.78 3.80
N GLU B 288 30.07 -19.92 2.89
CA GLU B 288 29.37 -18.69 2.56
C GLU B 288 28.57 -18.89 1.28
N VAL B 289 27.56 -19.76 1.36
CA VAL B 289 26.73 -20.06 0.20
C VAL B 289 26.11 -18.80 -0.39
N TYR B 290 25.45 -18.00 0.44
CA TYR B 290 24.81 -16.78 -0.03
C TYR B 290 25.51 -15.55 0.51
N THR B 291 25.45 -14.46 -0.25
CA THR B 291 26.11 -13.23 0.14
C THR B 291 25.10 -12.10 0.31
N SER B 292 23.85 -12.37 -0.04
CA SER B 292 22.77 -11.38 0.04
C SER B 292 21.41 -12.03 0.21
N ASN B 293 20.53 -11.38 0.96
CA ASN B 293 19.17 -11.92 1.13
C ASN B 293 18.43 -11.84 -0.20
N LEU B 294 18.88 -10.95 -1.10
CA LEU B 294 18.23 -10.81 -2.40
C LEU B 294 18.37 -12.12 -3.16
N GLN B 295 19.31 -12.94 -2.73
CA GLN B 295 19.51 -14.25 -3.36
C GLN B 295 18.47 -15.24 -2.84
N LEU B 296 17.86 -14.91 -1.70
CA LEU B 296 16.86 -15.76 -1.07
C LEU B 296 15.42 -15.32 -1.32
N GLY B 297 15.16 -14.02 -1.20
CA GLY B 297 13.81 -13.52 -1.39
C GLY B 297 13.72 -12.22 -2.18
N GLY B 298 14.61 -12.04 -3.15
CA GLY B 298 14.57 -10.84 -3.97
C GLY B 298 13.56 -10.98 -5.11
N THR B 299 13.29 -9.89 -5.82
CA THR B 299 12.32 -9.93 -6.91
C THR B 299 12.65 -11.01 -7.94
N GLN B 300 13.93 -11.32 -8.09
CA GLN B 300 14.34 -12.35 -9.05
C GLN B 300 13.81 -13.71 -8.61
N ILE B 301 13.36 -13.78 -7.36
CA ILE B 301 12.82 -15.03 -6.85
C ILE B 301 11.31 -14.99 -6.64
N MET B 302 10.83 -13.97 -5.95
CA MET B 302 9.42 -13.85 -5.64
C MET B 302 8.53 -13.39 -6.78
N TYR B 303 9.07 -12.54 -7.65
CA TYR B 303 8.34 -12.03 -8.79
C TYR B 303 8.29 -13.10 -9.87
N ASN B 304 9.31 -13.97 -9.88
CA ASN B 304 9.38 -15.07 -10.85
C ASN B 304 8.59 -16.27 -10.34
N ASN B 305 8.28 -16.21 -9.05
CA ASN B 305 7.54 -17.21 -8.27
C ASN B 305 6.04 -17.04 -8.36
N GLY B 306 5.62 -15.78 -8.46
CA GLY B 306 4.22 -15.47 -8.48
C GLY B 306 3.84 -14.98 -7.10
N VAL B 307 4.76 -15.06 -6.14
CA VAL B 307 4.49 -14.59 -4.79
C VAL B 307 4.30 -13.08 -4.85
N SER B 308 5.16 -12.41 -5.62
CA SER B 308 5.06 -10.97 -5.81
C SER B 308 4.35 -10.80 -7.14
N HIS B 309 3.18 -10.18 -7.09
CA HIS B 309 2.41 -9.98 -8.29
C HIS B 309 3.03 -8.89 -9.14
N LEU B 310 3.63 -7.91 -8.49
CA LEU B 310 4.23 -6.81 -9.21
C LEU B 310 5.49 -6.34 -8.49
N THR B 311 6.34 -5.61 -9.21
CA THR B 311 7.54 -5.03 -8.59
C THR B 311 7.42 -3.53 -8.82
N ALA B 312 8.13 -2.75 -8.00
CA ALA B 312 8.11 -1.30 -8.10
C ALA B 312 9.53 -0.76 -7.91
N VAL B 313 9.87 0.31 -8.61
CA VAL B 313 11.21 0.88 -8.51
C VAL B 313 11.46 1.54 -7.17
N ASP B 314 10.39 2.05 -6.54
CA ASP B 314 10.50 2.68 -5.24
C ASP B 314 9.13 2.72 -4.55
N ASP B 315 9.11 3.14 -3.30
CA ASP B 315 7.87 3.20 -2.52
C ASP B 315 6.71 3.92 -3.19
N LEU B 316 7.00 5.01 -3.91
CA LEU B 316 5.94 5.77 -4.57
C LEU B 316 5.30 4.93 -5.67
N ALA B 317 6.14 4.29 -6.48
CA ALA B 317 5.64 3.44 -7.55
C ALA B 317 4.75 2.36 -6.94
N GLY B 318 5.12 1.90 -5.75
CA GLY B 318 4.35 0.87 -5.08
C GLY B 318 2.97 1.38 -4.66
N VAL B 319 2.93 2.53 -4.02
CA VAL B 319 1.66 3.11 -3.59
C VAL B 319 0.79 3.40 -4.81
N GLU B 320 1.41 3.89 -5.89
CA GLU B 320 0.64 4.18 -7.09
C GLU B 320 0.00 2.90 -7.63
N LYS B 321 0.76 1.81 -7.65
CA LYS B 321 0.22 0.55 -8.15
C LYS B 321 -0.89 0.00 -7.23
N ILE B 322 -0.77 0.22 -5.93
CA ILE B 322 -1.81 -0.22 -5.02
C ILE B 322 -3.08 0.58 -5.33
N VAL B 323 -2.94 1.88 -5.45
CA VAL B 323 -4.04 2.80 -5.75
C VAL B 323 -4.70 2.44 -7.09
N GLU B 324 -3.87 2.09 -8.06
CA GLU B 324 -4.39 1.73 -9.37
C GLU B 324 -5.11 0.38 -9.31
N TRP B 325 -4.60 -0.54 -8.50
CA TRP B 325 -5.21 -1.85 -8.37
C TRP B 325 -6.61 -1.68 -7.75
N MET B 326 -6.70 -0.87 -6.69
CA MET B 326 -7.98 -0.62 -6.02
C MET B 326 -9.01 0.09 -6.89
N SER B 327 -8.57 0.73 -7.97
CA SER B 327 -9.51 1.45 -8.81
C SER B 327 -10.47 0.50 -9.50
N TYR B 328 -10.16 -0.80 -9.48
CA TYR B 328 -11.03 -1.80 -10.11
C TYR B 328 -11.89 -2.52 -9.08
N VAL B 329 -11.61 -2.28 -7.80
CA VAL B 329 -12.31 -2.95 -6.72
C VAL B 329 -13.41 -2.10 -6.10
N PRO B 330 -14.52 -2.72 -5.70
CA PRO B 330 -15.65 -2.00 -5.08
C PRO B 330 -15.17 -1.24 -3.86
N ALA B 331 -15.90 -0.19 -3.48
CA ALA B 331 -15.53 0.62 -2.33
C ALA B 331 -15.47 -0.22 -1.07
N LYS B 332 -16.35 -1.22 -1.00
CA LYS B 332 -16.37 -2.12 0.12
C LYS B 332 -17.10 -3.38 -0.27
N ARG B 333 -16.96 -4.42 0.57
CA ARG B 333 -17.59 -5.71 0.32
C ARG B 333 -19.04 -5.65 -0.15
N ASN B 334 -19.32 -6.34 -1.25
CA ASN B 334 -20.68 -6.42 -1.78
C ASN B 334 -21.25 -5.20 -2.46
N MET B 335 -20.42 -4.22 -2.77
CA MET B 335 -20.92 -3.05 -3.47
C MET B 335 -20.73 -3.30 -4.95
N PRO B 336 -21.56 -2.70 -5.81
CA PRO B 336 -21.44 -2.90 -7.25
C PRO B 336 -20.04 -2.57 -7.73
N VAL B 337 -19.54 -3.28 -8.74
CA VAL B 337 -18.21 -2.99 -9.26
C VAL B 337 -18.15 -1.51 -9.65
N PRO B 338 -17.02 -0.84 -9.36
CA PRO B 338 -16.81 0.57 -9.64
C PRO B 338 -16.67 0.90 -11.12
N ILE B 339 -17.77 1.34 -11.72
CA ILE B 339 -17.80 1.70 -13.14
C ILE B 339 -17.03 3.00 -13.35
N LEU B 340 -16.21 3.03 -14.39
CA LEU B 340 -15.44 4.22 -14.72
C LEU B 340 -15.32 4.38 -16.24
N GLU B 341 -16.18 5.21 -16.81
CA GLU B 341 -16.16 5.45 -18.26
C GLU B 341 -15.14 6.50 -18.65
N THR B 342 -14.40 6.19 -19.71
CA THR B 342 -13.39 7.11 -20.24
C THR B 342 -13.81 7.52 -21.66
N LYS B 343 -12.90 8.13 -22.41
CA LYS B 343 -13.21 8.59 -23.76
C LYS B 343 -13.57 7.43 -24.69
N ASP B 344 -13.09 6.24 -24.34
CA ASP B 344 -13.33 5.05 -25.14
C ASP B 344 -14.64 4.36 -24.76
N THR B 345 -15.76 4.84 -25.31
CA THR B 345 -17.06 4.26 -25.01
C THR B 345 -17.21 2.86 -25.61
N TRP B 346 -18.33 2.20 -25.32
CA TRP B 346 -18.60 0.85 -25.80
C TRP B 346 -18.94 0.72 -27.27
N ASP B 347 -19.70 1.67 -27.80
CA ASP B 347 -20.15 1.64 -29.21
C ASP B 347 -19.07 1.86 -30.26
N ARG B 348 -18.22 0.86 -30.46
CA ARG B 348 -17.15 0.93 -31.45
C ARG B 348 -16.68 -0.48 -31.80
N PRO B 349 -16.27 -0.70 -33.05
CA PRO B 349 -15.78 -2.01 -33.49
C PRO B 349 -14.40 -2.27 -32.90
N VAL B 350 -13.91 -3.49 -33.07
CA VAL B 350 -12.59 -3.85 -32.58
C VAL B 350 -11.65 -3.82 -33.80
N ASP B 351 -10.58 -3.04 -33.70
CA ASP B 351 -9.62 -2.90 -34.80
C ASP B 351 -8.65 -4.07 -34.90
N PHE B 352 -7.74 -4.21 -33.94
CA PHE B 352 -6.77 -5.30 -34.00
C PHE B 352 -7.42 -6.66 -34.21
N THR B 353 -6.81 -7.50 -35.04
CA THR B 353 -7.34 -8.82 -35.31
C THR B 353 -6.25 -9.85 -35.61
N PRO B 354 -6.17 -10.93 -34.82
CA PRO B 354 -5.16 -11.98 -35.00
C PRO B 354 -5.25 -12.63 -36.38
N THR B 355 -4.17 -13.33 -36.74
CA THR B 355 -4.09 -14.02 -38.03
C THR B 355 -3.44 -15.39 -37.84
N ASN B 356 -3.99 -16.40 -38.52
CA ASN B 356 -3.47 -17.76 -38.41
C ASN B 356 -2.01 -17.83 -38.86
N ASP B 357 -1.59 -16.88 -39.68
CA ASP B 357 -0.22 -16.85 -40.19
C ASP B 357 0.48 -15.58 -39.75
N GLU B 358 0.38 -15.26 -38.47
CA GLU B 358 1.01 -14.06 -37.95
C GLU B 358 1.09 -14.05 -36.42
N THR B 359 2.28 -14.27 -35.88
CA THR B 359 2.47 -14.26 -34.44
C THR B 359 2.01 -12.91 -33.91
N TYR B 360 1.37 -12.91 -32.75
CA TYR B 360 0.86 -11.68 -32.14
C TYR B 360 0.96 -11.72 -30.62
N ASP B 361 0.67 -10.58 -30.00
CA ASP B 361 0.71 -10.45 -28.55
C ASP B 361 -0.74 -10.33 -28.11
N VAL B 362 -1.22 -11.28 -27.30
CA VAL B 362 -2.61 -11.26 -26.85
C VAL B 362 -2.93 -9.95 -26.19
N ARG B 363 -1.90 -9.28 -25.69
CA ARG B 363 -2.13 -8.01 -25.05
C ARG B 363 -2.72 -7.03 -26.04
N TRP B 364 -2.44 -7.25 -27.33
CA TRP B 364 -2.97 -6.37 -28.37
C TRP B 364 -4.46 -6.61 -28.54
N MET B 365 -4.87 -7.87 -28.43
CA MET B 365 -6.28 -8.22 -28.54
C MET B 365 -7.04 -7.61 -27.36
N ILE B 366 -6.39 -7.61 -26.21
CA ILE B 366 -6.98 -7.09 -24.98
C ILE B 366 -7.09 -5.57 -24.90
N GLU B 367 -5.96 -4.89 -25.04
CA GLU B 367 -5.96 -3.44 -24.91
C GLU B 367 -5.63 -2.65 -26.17
N GLY B 368 -5.48 -3.35 -27.29
CA GLY B 368 -5.17 -2.64 -28.51
C GLY B 368 -3.68 -2.63 -28.80
N ARG B 369 -3.34 -2.09 -29.96
CA ARG B 369 -1.95 -2.04 -30.41
C ARG B 369 -1.66 -0.71 -31.07
N GLU B 370 -0.56 -0.08 -30.66
CA GLU B 370 -0.16 1.18 -31.23
C GLU B 370 0.41 0.87 -32.62
N THR B 371 0.05 1.67 -33.62
CA THR B 371 0.52 1.42 -34.98
C THR B 371 0.96 2.71 -35.71
N GLU B 372 1.53 2.53 -36.90
CA GLU B 372 1.99 3.64 -37.74
C GLU B 372 0.80 4.50 -38.15
N SER B 373 -0.22 3.83 -38.67
CA SER B 373 -1.45 4.46 -39.13
C SER B 373 -2.07 5.29 -38.01
N GLY B 374 -2.22 4.66 -36.84
CA GLY B 374 -2.81 5.32 -35.69
C GLY B 374 -2.79 4.42 -34.47
N PHE B 375 -3.98 4.04 -34.02
CA PHE B 375 -4.11 3.16 -32.86
C PHE B 375 -5.19 2.12 -33.12
N GLU B 376 -4.79 0.84 -33.03
CA GLU B 376 -5.73 -0.25 -33.23
C GLU B 376 -6.40 -0.60 -31.91
N TYR B 377 -7.63 -0.13 -31.72
CA TYR B 377 -8.35 -0.42 -30.49
C TYR B 377 -8.58 -1.92 -30.30
N GLY B 378 -8.42 -2.35 -29.05
CA GLY B 378 -8.59 -3.75 -28.74
C GLY B 378 -9.99 -3.98 -28.22
N LEU B 379 -10.17 -5.10 -27.54
CA LEU B 379 -11.47 -5.45 -27.00
C LEU B 379 -11.90 -4.54 -25.85
N PHE B 380 -10.99 -4.26 -24.92
CA PHE B 380 -11.29 -3.43 -23.75
C PHE B 380 -10.82 -1.98 -23.84
N ASP B 381 -11.30 -1.15 -22.92
CA ASP B 381 -10.98 0.27 -22.91
C ASP B 381 -9.47 0.56 -23.03
N LYS B 382 -9.13 1.57 -23.82
CA LYS B 382 -7.74 1.95 -24.03
C LYS B 382 -7.07 2.31 -22.71
N GLY B 383 -5.86 1.81 -22.50
CA GLY B 383 -5.15 2.09 -21.27
C GLY B 383 -5.80 1.56 -20.00
N SER B 384 -6.71 0.59 -20.14
CA SER B 384 -7.39 0.05 -18.97
C SER B 384 -6.83 -1.29 -18.48
N PHE B 385 -5.94 -1.88 -19.26
CA PHE B 385 -5.35 -3.16 -18.89
C PHE B 385 -4.28 -3.00 -17.82
N PHE B 386 -4.47 -3.69 -16.70
CA PHE B 386 -3.56 -3.64 -15.56
C PHE B 386 -3.12 -5.08 -15.28
N GLU B 387 -2.03 -5.49 -15.92
CA GLU B 387 -1.53 -6.86 -15.77
C GLU B 387 -0.90 -7.12 -14.42
N THR B 388 -1.09 -8.33 -13.90
CA THR B 388 -0.49 -8.70 -12.62
C THR B 388 0.14 -10.08 -12.79
N LEU B 389 0.98 -10.49 -11.83
CA LEU B 389 1.67 -11.78 -11.92
C LEU B 389 2.40 -11.90 -13.26
N SER B 390 2.93 -10.78 -13.73
CA SER B 390 3.62 -10.76 -15.01
C SER B 390 5.02 -11.35 -15.05
N GLY B 391 5.56 -11.74 -13.89
CA GLY B 391 6.89 -12.31 -13.89
C GLY B 391 6.89 -13.82 -13.75
N TRP B 392 5.69 -14.40 -13.62
CA TRP B 392 5.55 -15.83 -13.40
C TRP B 392 4.66 -16.52 -14.42
N ALA B 393 5.02 -17.76 -14.76
CA ALA B 393 4.21 -18.54 -15.69
C ALA B 393 3.64 -17.63 -16.78
N LYS B 394 4.52 -17.16 -17.65
CA LYS B 394 4.15 -16.23 -18.71
C LYS B 394 3.28 -16.83 -19.83
N GLY B 395 2.99 -18.13 -19.72
CA GLY B 395 2.17 -18.80 -20.71
C GLY B 395 0.74 -18.29 -20.69
N VAL B 396 0.38 -17.62 -19.59
CA VAL B 396 -0.96 -17.05 -19.45
C VAL B 396 -0.82 -15.59 -19.01
N VAL B 397 -1.67 -14.70 -19.54
CA VAL B 397 -1.63 -13.28 -19.20
C VAL B 397 -2.81 -12.91 -18.32
N VAL B 398 -2.49 -12.41 -17.13
CA VAL B 398 -3.48 -12.05 -16.11
C VAL B 398 -3.48 -10.55 -15.79
N GLY B 399 -4.67 -9.96 -15.68
CA GLY B 399 -4.75 -8.56 -15.36
C GLY B 399 -6.18 -8.09 -15.18
N ARG B 400 -6.34 -6.83 -14.81
CA ARG B 400 -7.67 -6.24 -14.66
C ARG B 400 -7.87 -5.33 -15.86
N ALA B 401 -9.12 -4.98 -16.17
CA ALA B 401 -9.43 -4.11 -17.31
C ALA B 401 -10.85 -3.60 -17.22
N ARG B 402 -11.21 -2.73 -18.17
CA ARG B 402 -12.57 -2.19 -18.20
C ARG B 402 -13.20 -2.37 -19.57
N LEU B 403 -14.52 -2.57 -19.56
CA LEU B 403 -15.32 -2.78 -20.75
C LEU B 403 -16.39 -1.70 -20.72
N GLY B 404 -16.16 -0.61 -21.45
CA GLY B 404 -17.12 0.48 -21.46
C GLY B 404 -17.27 1.03 -20.06
N GLY B 405 -16.20 0.97 -19.28
CA GLY B 405 -16.23 1.46 -17.92
C GLY B 405 -16.34 0.38 -16.85
N ILE B 406 -16.98 -0.73 -17.22
CA ILE B 406 -17.17 -1.88 -16.32
C ILE B 406 -15.85 -2.60 -16.10
N PRO B 407 -15.39 -2.70 -14.84
CA PRO B 407 -14.14 -3.38 -14.50
C PRO B 407 -14.33 -4.92 -14.44
N LEU B 408 -13.27 -5.66 -14.72
CA LEU B 408 -13.36 -7.11 -14.70
C LEU B 408 -11.96 -7.71 -14.76
N GLY B 409 -11.85 -8.99 -14.42
CA GLY B 409 -10.56 -9.65 -14.48
C GLY B 409 -10.45 -10.29 -15.87
N VAL B 410 -9.25 -10.33 -16.42
CA VAL B 410 -9.08 -10.91 -17.75
C VAL B 410 -7.97 -11.95 -17.75
N ILE B 411 -8.17 -13.03 -18.48
CA ILE B 411 -7.13 -14.06 -18.59
C ILE B 411 -6.96 -14.39 -20.06
N GLY B 412 -5.74 -14.23 -20.56
CA GLY B 412 -5.48 -14.53 -21.96
C GLY B 412 -4.36 -15.52 -22.10
N VAL B 413 -4.19 -16.07 -23.31
CA VAL B 413 -3.16 -17.05 -23.55
C VAL B 413 -2.03 -16.47 -24.41
N GLU B 414 -0.80 -16.56 -23.91
CA GLU B 414 0.37 -16.07 -24.63
C GLU B 414 0.66 -17.06 -25.75
N THR B 415 0.61 -16.60 -26.99
CA THR B 415 0.85 -17.47 -28.15
C THR B 415 2.32 -17.76 -28.41
N ARG B 416 3.16 -16.78 -28.10
CA ARG B 416 4.60 -16.91 -28.31
C ARG B 416 5.20 -17.86 -27.28
N THR B 417 6.26 -18.56 -27.67
CA THR B 417 6.92 -19.50 -26.76
C THR B 417 7.66 -18.76 -25.65
N VAL B 418 7.57 -19.28 -24.44
CA VAL B 418 8.23 -18.66 -23.30
C VAL B 418 9.58 -19.28 -22.98
N GLU B 419 10.55 -18.44 -22.65
CA GLU B 419 11.90 -18.87 -22.30
C GLU B 419 12.05 -18.75 -20.80
N ASN B 420 11.73 -19.83 -20.08
CA ASN B 420 11.81 -19.79 -18.63
C ASN B 420 13.21 -20.15 -18.13
N LEU B 421 13.98 -19.14 -17.74
CA LEU B 421 15.33 -19.35 -17.24
C LEU B 421 15.34 -19.53 -15.72
N ILE B 422 15.86 -20.67 -15.27
CA ILE B 422 15.94 -20.99 -13.85
C ILE B 422 17.38 -20.96 -13.34
N PRO B 423 17.69 -20.03 -12.43
CA PRO B 423 19.04 -19.91 -11.86
C PRO B 423 19.53 -21.20 -11.22
N ALA B 424 20.85 -21.31 -11.05
CA ALA B 424 21.44 -22.49 -10.44
C ALA B 424 21.33 -22.38 -8.93
N ASP B 425 21.29 -23.52 -8.26
CA ASP B 425 21.19 -23.52 -6.80
C ASP B 425 22.57 -23.35 -6.17
N PRO B 426 22.86 -22.16 -5.63
CA PRO B 426 24.15 -21.84 -4.99
C PRO B 426 24.64 -22.89 -4.00
N ALA B 427 23.71 -23.52 -3.29
CA ALA B 427 24.07 -24.54 -2.30
C ALA B 427 24.54 -25.85 -2.95
N ASN B 428 24.34 -25.98 -4.25
CA ASN B 428 24.76 -27.19 -4.94
C ASN B 428 25.77 -26.85 -6.04
N PRO B 429 27.06 -27.07 -5.76
CA PRO B 429 28.13 -26.78 -6.72
C PRO B 429 27.96 -27.54 -8.04
N ASN B 430 27.20 -28.63 -7.97
CA ASN B 430 26.93 -29.44 -9.13
C ASN B 430 25.79 -28.89 -10.01
N SER B 431 24.83 -28.22 -9.38
CA SER B 431 23.70 -27.63 -10.11
C SER B 431 24.16 -26.59 -11.10
N ALA B 432 23.36 -26.40 -12.14
CA ALA B 432 23.66 -25.42 -13.19
C ALA B 432 22.40 -24.72 -13.67
N GLU B 433 22.59 -23.58 -14.33
CA GLU B 433 21.48 -22.80 -14.87
C GLU B 433 20.80 -23.57 -16.00
N THR B 434 19.50 -23.81 -15.86
CA THR B 434 18.74 -24.54 -16.87
C THR B 434 17.60 -23.74 -17.47
N LEU B 435 17.43 -23.88 -18.79
CA LEU B 435 16.38 -23.19 -19.52
C LEU B 435 15.23 -24.13 -19.84
N ILE B 436 14.00 -23.67 -19.64
CA ILE B 436 12.83 -24.50 -19.93
C ILE B 436 11.98 -23.86 -21.03
N GLN B 437 11.73 -24.64 -22.07
CA GLN B 437 10.92 -24.16 -23.19
C GLN B 437 9.45 -24.45 -22.92
N GLU B 438 8.66 -23.41 -22.76
CA GLU B 438 7.24 -23.56 -22.51
C GLU B 438 6.45 -23.21 -23.77
N PRO B 439 6.01 -24.23 -24.52
CA PRO B 439 5.24 -24.02 -25.75
C PRO B 439 3.98 -23.21 -25.48
N GLY B 440 3.66 -22.27 -26.38
CA GLY B 440 2.48 -21.46 -26.22
C GLY B 440 1.19 -22.24 -26.38
N GLN B 441 0.09 -21.66 -25.88
CA GLN B 441 -1.25 -22.26 -25.92
C GLN B 441 -1.31 -23.63 -25.28
N VAL B 442 -0.28 -23.97 -24.49
CA VAL B 442 -0.24 -25.25 -23.81
C VAL B 442 -0.13 -25.05 -22.29
N TRP B 443 -0.95 -25.78 -21.56
CA TRP B 443 -0.96 -25.68 -20.11
C TRP B 443 0.16 -26.47 -19.44
N HIS B 444 0.82 -25.81 -18.49
CA HIS B 444 1.88 -26.44 -17.73
C HIS B 444 1.56 -26.22 -16.25
N PRO B 445 2.22 -26.96 -15.37
CA PRO B 445 1.94 -26.78 -13.95
C PRO B 445 1.82 -25.30 -13.53
N ASN B 446 2.85 -24.51 -13.78
CA ASN B 446 2.82 -23.11 -13.36
C ASN B 446 1.69 -22.28 -13.96
N SER B 447 1.48 -22.40 -15.26
CA SER B 447 0.43 -21.64 -15.92
C SER B 447 -0.97 -22.08 -15.44
N ALA B 448 -1.10 -23.35 -15.06
CA ALA B 448 -2.36 -23.85 -14.56
C ALA B 448 -2.59 -23.27 -13.16
N PHE B 449 -1.53 -23.25 -12.35
CA PHE B 449 -1.59 -22.72 -11.01
C PHE B 449 -1.96 -21.24 -11.07
N LYS B 450 -1.32 -20.52 -11.99
CA LYS B 450 -1.55 -19.10 -12.18
C LYS B 450 -2.96 -18.75 -12.60
N THR B 451 -3.54 -19.59 -13.46
CA THR B 451 -4.91 -19.38 -13.93
C THR B 451 -5.86 -19.54 -12.75
N ALA B 452 -5.63 -20.58 -11.95
CA ALA B 452 -6.49 -20.80 -10.78
C ALA B 452 -6.33 -19.64 -9.81
N GLN B 453 -5.09 -19.24 -9.59
CA GLN B 453 -4.79 -18.15 -8.68
C GLN B 453 -5.48 -16.88 -9.10
N ALA B 454 -5.45 -16.58 -10.40
CA ALA B 454 -6.08 -15.36 -10.91
C ALA B 454 -7.58 -15.43 -10.67
N ILE B 455 -8.17 -16.58 -10.95
CA ILE B 455 -9.60 -16.75 -10.74
C ILE B 455 -9.89 -16.48 -9.27
N ASN B 456 -9.22 -17.17 -8.36
CA ASN B 456 -9.46 -16.91 -6.94
C ASN B 456 -9.26 -15.44 -6.53
N ASP B 457 -8.18 -14.80 -6.98
CA ASP B 457 -7.95 -13.41 -6.62
C ASP B 457 -9.00 -12.45 -7.21
N PHE B 458 -9.57 -12.81 -8.37
CA PHE B 458 -10.61 -11.98 -8.97
C PHE B 458 -11.88 -12.13 -8.12
N ASN B 459 -12.17 -13.37 -7.72
CA ASN B 459 -13.37 -13.69 -6.94
C ASN B 459 -13.33 -13.18 -5.50
N ASN B 460 -12.28 -13.51 -4.75
CA ASN B 460 -12.16 -13.07 -3.36
C ASN B 460 -11.78 -11.59 -3.24
N GLY B 461 -12.46 -10.87 -2.34
CA GLY B 461 -12.17 -9.46 -2.13
C GLY B 461 -12.48 -8.50 -3.27
N GLU B 462 -11.96 -8.80 -4.46
CA GLU B 462 -12.20 -7.97 -5.64
C GLU B 462 -13.66 -8.12 -6.09
N GLN B 463 -14.20 -9.33 -5.97
CA GLN B 463 -15.57 -9.63 -6.36
C GLN B 463 -15.84 -9.13 -7.77
N LEU B 464 -14.92 -9.37 -8.68
CA LEU B 464 -15.10 -8.91 -10.06
C LEU B 464 -15.59 -9.97 -11.04
N PRO B 465 -16.18 -9.52 -12.15
CA PRO B 465 -16.67 -10.46 -13.18
C PRO B 465 -15.38 -10.91 -13.86
N MET B 466 -15.46 -11.86 -14.77
CA MET B 466 -14.25 -12.33 -15.43
C MET B 466 -14.47 -12.83 -16.85
N MET B 467 -13.52 -12.56 -17.74
CA MET B 467 -13.60 -13.07 -19.11
C MET B 467 -12.31 -13.83 -19.40
N ILE B 468 -12.45 -15.08 -19.81
CA ILE B 468 -11.30 -15.88 -20.16
C ILE B 468 -11.28 -16.03 -21.68
N LEU B 469 -10.21 -15.55 -22.29
CA LEU B 469 -10.07 -15.67 -23.74
C LEU B 469 -9.44 -17.05 -23.96
N ALA B 470 -10.26 -18.09 -23.73
CA ALA B 470 -9.82 -19.47 -23.85
C ALA B 470 -9.21 -19.79 -25.20
N ASN B 471 -7.95 -20.20 -25.19
CA ASN B 471 -7.24 -20.53 -26.41
C ASN B 471 -6.04 -21.43 -26.10
N TRP B 472 -6.35 -22.65 -25.68
CA TRP B 472 -5.36 -23.64 -25.31
C TRP B 472 -5.49 -24.87 -26.21
N ARG B 473 -4.35 -25.43 -26.59
CA ARG B 473 -4.31 -26.63 -27.43
C ARG B 473 -4.39 -27.87 -26.56
N GLY B 474 -4.16 -27.71 -25.27
CA GLY B 474 -4.24 -28.84 -24.37
C GLY B 474 -3.29 -28.77 -23.20
N PHE B 475 -3.30 -29.83 -22.40
CA PHE B 475 -2.44 -29.95 -21.23
C PHE B 475 -1.23 -30.79 -21.60
N SER B 476 -0.05 -30.33 -21.18
CA SER B 476 1.17 -31.07 -21.45
C SER B 476 1.08 -32.37 -20.64
N GLY B 477 0.95 -33.51 -21.33
CA GLY B 477 0.84 -34.78 -20.64
C GLY B 477 2.18 -35.48 -20.49
N GLY B 478 3.25 -34.76 -20.85
CA GLY B 478 4.59 -35.31 -20.77
C GLY B 478 4.95 -35.80 -19.38
N GLN B 479 6.03 -36.57 -19.28
CA GLN B 479 6.42 -37.09 -17.99
C GLN B 479 6.79 -36.01 -16.99
N ARG B 480 7.58 -35.05 -17.43
CA ARG B 480 8.03 -33.97 -16.56
C ARG B 480 6.85 -33.20 -15.94
N ASP B 481 5.94 -32.71 -16.78
CA ASP B 481 4.80 -31.96 -16.30
C ASP B 481 3.80 -32.84 -15.54
N MET B 482 3.74 -34.12 -15.89
CA MET B 482 2.83 -35.04 -15.20
C MET B 482 3.41 -35.29 -13.82
N PHE B 483 4.72 -35.49 -13.76
CA PHE B 483 5.41 -35.74 -12.51
C PHE B 483 5.31 -34.49 -11.65
N ASN B 484 5.33 -33.32 -12.29
CA ASN B 484 5.21 -32.04 -11.57
C ASN B 484 3.76 -31.71 -11.17
N GLU B 485 2.94 -32.76 -11.06
CA GLU B 485 1.57 -32.63 -10.58
C GLU B 485 0.60 -31.73 -11.35
N ILE B 486 0.74 -31.66 -12.66
CA ILE B 486 -0.14 -30.81 -13.47
C ILE B 486 -1.63 -31.08 -13.25
N LEU B 487 -1.96 -32.31 -12.84
CA LEU B 487 -3.35 -32.67 -12.59
C LEU B 487 -3.86 -31.93 -11.38
N LYS B 488 -3.00 -31.82 -10.37
CA LYS B 488 -3.37 -31.10 -9.17
C LYS B 488 -3.73 -29.65 -9.47
N TYR B 489 -2.87 -28.95 -10.21
CA TYR B 489 -3.13 -27.56 -10.52
C TYR B 489 -4.26 -27.38 -11.50
N GLY B 490 -4.43 -28.35 -12.39
CA GLY B 490 -5.51 -28.27 -13.36
C GLY B 490 -6.82 -28.33 -12.60
N SER B 491 -6.87 -29.17 -11.59
CA SER B 491 -8.06 -29.32 -10.76
C SER B 491 -8.34 -28.05 -9.96
N PHE B 492 -7.28 -27.35 -9.55
CA PHE B 492 -7.44 -26.08 -8.83
C PHE B 492 -8.25 -25.10 -9.67
N ILE B 493 -8.18 -25.25 -10.99
CA ILE B 493 -8.92 -24.35 -11.87
C ILE B 493 -10.42 -24.58 -11.73
N VAL B 494 -10.77 -25.86 -11.66
CA VAL B 494 -12.16 -26.29 -11.49
C VAL B 494 -12.65 -25.74 -10.16
N ASP B 495 -11.93 -26.05 -9.09
CA ASP B 495 -12.30 -25.56 -7.78
C ASP B 495 -12.58 -24.05 -7.80
N ALA B 496 -11.66 -23.28 -8.39
CA ALA B 496 -11.81 -21.82 -8.46
C ALA B 496 -13.07 -21.39 -9.20
N LEU B 497 -13.38 -22.07 -10.31
CA LEU B 497 -14.57 -21.75 -11.08
C LEU B 497 -15.81 -22.11 -10.26
N VAL B 498 -15.76 -23.25 -9.59
CA VAL B 498 -16.90 -23.67 -8.79
C VAL B 498 -17.26 -22.63 -7.72
N ASP B 499 -16.24 -21.98 -7.16
CA ASP B 499 -16.41 -20.97 -6.10
C ASP B 499 -16.70 -19.54 -6.60
N TYR B 500 -16.57 -19.30 -7.90
CA TYR B 500 -16.78 -17.97 -8.44
C TYR B 500 -18.19 -17.46 -8.18
N LYS B 501 -18.31 -16.27 -7.58
CA LYS B 501 -19.61 -15.71 -7.27
C LYS B 501 -20.08 -14.57 -8.21
N GLN B 502 -19.38 -14.33 -9.32
CA GLN B 502 -19.78 -13.26 -10.24
C GLN B 502 -19.81 -13.78 -11.68
N PRO B 503 -20.53 -13.08 -12.57
CA PRO B 503 -20.62 -13.50 -13.97
C PRO B 503 -19.27 -13.79 -14.60
N ILE B 504 -19.21 -14.90 -15.34
CA ILE B 504 -18.00 -15.32 -16.03
C ILE B 504 -18.35 -15.48 -17.50
N ILE B 505 -17.43 -15.06 -18.36
CA ILE B 505 -17.61 -15.16 -19.79
C ILE B 505 -16.38 -15.81 -20.39
N ILE B 506 -16.53 -17.03 -20.91
CA ILE B 506 -15.44 -17.76 -21.55
C ILE B 506 -15.67 -17.51 -23.04
N TYR B 507 -14.65 -17.00 -23.72
CA TYR B 507 -14.78 -16.68 -25.14
C TYR B 507 -13.57 -17.15 -25.94
N ILE B 508 -13.82 -18.01 -26.93
CA ILE B 508 -12.74 -18.51 -27.77
C ILE B 508 -12.57 -17.48 -28.87
N PRO B 509 -11.50 -16.70 -28.81
CA PRO B 509 -11.23 -15.66 -29.81
C PRO B 509 -10.98 -16.18 -31.23
N PRO B 510 -10.83 -15.26 -32.21
CA PRO B 510 -10.58 -15.64 -33.60
C PRO B 510 -9.20 -16.28 -33.67
N THR B 511 -9.06 -17.30 -34.51
CA THR B 511 -7.82 -18.04 -34.67
C THR B 511 -7.56 -18.85 -33.39
N GLY B 512 -8.50 -18.79 -32.47
CA GLY B 512 -8.35 -19.50 -31.21
C GLY B 512 -8.98 -20.88 -31.24
N GLU B 513 -8.50 -21.76 -30.38
CA GLU B 513 -9.03 -23.11 -30.33
C GLU B 513 -9.21 -23.57 -28.90
N LEU B 514 -9.90 -24.68 -28.71
CA LEU B 514 -10.12 -25.20 -27.38
C LEU B 514 -10.30 -26.71 -27.48
N ARG B 515 -9.18 -27.42 -27.60
CA ARG B 515 -9.22 -28.86 -27.73
C ARG B 515 -9.97 -29.57 -26.59
N GLY B 516 -10.44 -30.79 -26.86
CA GLY B 516 -11.18 -31.53 -25.85
C GLY B 516 -10.44 -31.58 -24.52
N GLY B 517 -9.11 -31.61 -24.57
CA GLY B 517 -8.32 -31.67 -23.36
C GLY B 517 -8.61 -30.49 -22.44
N SER B 518 -8.24 -29.31 -22.90
CA SER B 518 -8.42 -28.08 -22.12
C SER B 518 -9.88 -27.68 -21.98
N TRP B 519 -10.78 -28.44 -22.61
CA TRP B 519 -12.19 -28.12 -22.56
C TRP B 519 -12.82 -28.46 -21.19
N VAL B 520 -12.32 -29.50 -20.55
CA VAL B 520 -12.86 -29.92 -19.27
C VAL B 520 -12.72 -28.88 -18.12
N VAL B 521 -11.66 -28.07 -18.15
CA VAL B 521 -11.45 -27.10 -17.08
C VAL B 521 -12.09 -25.74 -17.32
N VAL B 522 -12.66 -25.52 -18.51
CA VAL B 522 -13.31 -24.24 -18.78
C VAL B 522 -14.74 -24.41 -19.31
N ASP B 523 -15.27 -25.63 -19.20
CA ASP B 523 -16.62 -25.93 -19.65
C ASP B 523 -17.63 -25.23 -18.72
N PRO B 524 -18.55 -24.45 -19.30
CA PRO B 524 -19.58 -23.71 -18.55
C PRO B 524 -20.42 -24.53 -17.58
N THR B 525 -20.52 -25.83 -17.82
CA THR B 525 -21.32 -26.68 -16.95
C THR B 525 -20.68 -26.94 -15.58
N ILE B 526 -19.43 -26.50 -15.43
CA ILE B 526 -18.71 -26.62 -14.18
C ILE B 526 -19.40 -25.74 -13.15
N ASN B 527 -19.88 -24.59 -13.62
CA ASN B 527 -20.58 -23.62 -12.78
C ASN B 527 -21.62 -22.89 -13.64
N ALA B 528 -22.70 -23.59 -13.97
CA ALA B 528 -23.77 -23.04 -14.81
C ALA B 528 -24.40 -21.74 -14.29
N ASP B 529 -24.30 -21.49 -12.98
CA ASP B 529 -24.86 -20.28 -12.42
C ASP B 529 -24.16 -19.02 -12.92
N GLN B 530 -22.84 -19.06 -13.06
CA GLN B 530 -22.12 -17.88 -13.50
C GLN B 530 -21.43 -17.98 -14.85
N MET B 531 -21.13 -19.20 -15.30
CA MET B 531 -20.43 -19.38 -16.56
C MET B 531 -21.25 -19.37 -17.86
N GLU B 532 -20.64 -18.85 -18.91
CA GLU B 532 -21.23 -18.79 -20.26
C GLU B 532 -20.08 -18.82 -21.26
N MET B 533 -20.24 -19.59 -22.33
CA MET B 533 -19.19 -19.64 -23.33
C MET B 533 -19.63 -19.18 -24.70
N TYR B 534 -18.72 -18.55 -25.42
CA TYR B 534 -19.01 -18.06 -26.76
C TYR B 534 -17.84 -18.39 -27.68
N ALA B 535 -18.14 -18.85 -28.89
CA ALA B 535 -17.07 -19.17 -29.82
C ALA B 535 -17.12 -18.20 -31.01
N ASP B 536 -15.97 -17.63 -31.33
CA ASP B 536 -15.88 -16.71 -32.44
C ASP B 536 -16.18 -17.46 -33.74
N VAL B 537 -16.82 -16.78 -34.69
CA VAL B 537 -17.15 -17.39 -35.98
C VAL B 537 -15.86 -17.78 -36.70
N ASN B 538 -14.78 -17.06 -36.42
CA ASN B 538 -13.49 -17.32 -37.05
C ASN B 538 -12.51 -18.06 -36.14
N ALA B 539 -13.05 -18.86 -35.23
CA ALA B 539 -12.22 -19.64 -34.34
C ALA B 539 -11.53 -20.65 -35.21
N ARG B 540 -10.26 -20.95 -34.93
CA ARG B 540 -9.51 -21.92 -35.70
C ARG B 540 -10.16 -23.31 -35.65
N ALA B 541 -10.86 -23.60 -34.56
CA ALA B 541 -11.54 -24.88 -34.38
C ALA B 541 -12.65 -24.81 -33.31
N GLY B 542 -13.84 -25.25 -33.68
CA GLY B 542 -14.97 -25.23 -32.76
C GLY B 542 -15.30 -26.62 -32.21
N VAL B 627 -22.47 -26.70 -23.57
CA VAL B 627 -22.93 -26.08 -24.82
C VAL B 627 -22.62 -24.56 -24.82
N ILE B 628 -22.28 -24.04 -26.00
CA ILE B 628 -21.98 -22.62 -26.11
C ILE B 628 -23.27 -21.81 -26.07
N SER B 629 -23.17 -20.56 -25.61
CA SER B 629 -24.33 -19.67 -25.54
C SER B 629 -24.64 -19.09 -26.91
N LYS B 630 -23.59 -18.87 -27.71
CA LYS B 630 -23.76 -18.28 -29.04
C LYS B 630 -22.40 -18.04 -29.70
N GLU B 631 -22.39 -17.91 -31.02
CA GLU B 631 -21.15 -17.62 -31.71
C GLU B 631 -21.26 -16.22 -32.28
N LEU B 632 -20.20 -15.43 -32.10
CA LEU B 632 -20.20 -14.06 -32.58
C LEU B 632 -18.95 -13.68 -33.38
N GLU B 633 -18.91 -12.42 -33.79
CA GLU B 633 -17.80 -11.89 -34.58
C GLU B 633 -16.90 -10.98 -33.75
N TRP B 634 -15.61 -11.26 -33.81
CA TRP B 634 -14.62 -10.49 -33.08
C TRP B 634 -14.88 -8.98 -33.14
N THR B 635 -14.98 -8.46 -34.35
CA THR B 635 -15.20 -7.03 -34.55
C THR B 635 -16.34 -6.47 -33.72
N GLU B 636 -17.39 -7.25 -33.53
CA GLU B 636 -18.55 -6.82 -32.77
C GLU B 636 -18.56 -7.32 -31.32
N ALA B 637 -17.48 -7.97 -30.90
CA ALA B 637 -17.37 -8.53 -29.54
C ALA B 637 -17.62 -7.52 -28.42
N ARG B 638 -16.89 -6.41 -28.45
CA ARG B 638 -17.06 -5.39 -27.43
C ARG B 638 -18.50 -4.98 -27.23
N ARG B 639 -19.15 -4.52 -28.30
CA ARG B 639 -20.56 -4.09 -28.22
C ARG B 639 -21.45 -5.16 -27.60
N PHE B 640 -21.29 -6.40 -28.05
CA PHE B 640 -22.10 -7.49 -27.53
C PHE B 640 -21.78 -7.77 -26.07
N PHE B 641 -20.50 -7.92 -25.77
CA PHE B 641 -20.08 -8.22 -24.41
C PHE B 641 -20.38 -7.12 -23.42
N PHE B 642 -20.19 -5.87 -23.81
CA PHE B 642 -20.47 -4.76 -22.91
C PHE B 642 -21.89 -4.89 -22.35
N TRP B 643 -22.89 -5.01 -23.23
CA TRP B 643 -24.27 -5.14 -22.75
C TRP B 643 -24.57 -6.47 -22.10
N ARG B 644 -23.89 -7.53 -22.53
CA ARG B 644 -24.14 -8.83 -21.95
C ARG B 644 -23.69 -8.82 -20.48
N LEU B 645 -22.45 -8.39 -20.25
CA LEU B 645 -21.91 -8.30 -18.91
C LEU B 645 -22.77 -7.35 -18.09
N ARG B 646 -23.05 -6.18 -18.66
CA ARG B 646 -23.87 -5.18 -18.01
C ARG B 646 -25.20 -5.78 -17.58
N ARG B 647 -25.78 -6.60 -18.45
CA ARG B 647 -27.06 -7.27 -18.19
C ARG B 647 -26.95 -8.29 -17.06
N ARG B 648 -25.90 -9.11 -17.13
CA ARG B 648 -25.66 -10.14 -16.12
C ARG B 648 -25.43 -9.50 -14.74
N LEU B 649 -24.60 -8.45 -14.71
CA LEU B 649 -24.33 -7.78 -13.44
C LEU B 649 -25.62 -7.24 -12.84
N ASN B 650 -26.42 -6.57 -13.65
CA ASN B 650 -27.68 -6.03 -13.18
C ASN B 650 -28.60 -7.07 -12.58
N GLU B 651 -28.66 -8.25 -13.19
CA GLU B 651 -29.55 -9.28 -12.66
C GLU B 651 -28.98 -9.91 -11.38
N GLU B 652 -27.65 -10.06 -11.32
CA GLU B 652 -26.99 -10.62 -10.14
C GLU B 652 -27.19 -9.72 -8.93
N TYR B 653 -27.04 -8.43 -9.13
CA TYR B 653 -27.22 -7.47 -8.04
C TYR B 653 -28.65 -7.64 -7.51
N LEU B 654 -29.62 -7.89 -8.41
CA LEU B 654 -31.02 -8.06 -7.99
C LEU B 654 -31.23 -9.40 -7.31
N ILE B 655 -30.50 -10.40 -7.75
CA ILE B 655 -30.61 -11.73 -7.15
C ILE B 655 -30.10 -11.68 -5.72
N LYS B 656 -28.96 -11.02 -5.53
CA LYS B 656 -28.38 -10.91 -4.20
C LYS B 656 -29.31 -10.12 -3.29
N ARG B 657 -29.73 -8.95 -3.74
CA ARG B 657 -30.62 -8.14 -2.92
C ARG B 657 -31.87 -8.93 -2.54
N LEU B 658 -32.27 -9.83 -3.42
CA LEU B 658 -33.45 -10.65 -3.19
C LEU B 658 -33.20 -11.78 -2.20
N SER B 659 -31.98 -12.31 -2.21
CA SER B 659 -31.59 -13.39 -1.33
C SER B 659 -31.59 -12.94 0.13
N HIS B 660 -31.34 -11.65 0.35
CA HIS B 660 -31.32 -11.08 1.68
C HIS B 660 -32.74 -11.04 2.22
N GLN B 661 -33.69 -10.68 1.36
CA GLN B 661 -35.11 -10.61 1.75
C GLN B 661 -35.59 -12.01 2.14
N VAL B 662 -36.11 -12.75 1.16
CA VAL B 662 -36.58 -14.10 1.39
C VAL B 662 -35.38 -15.07 1.35
N GLY B 663 -34.73 -15.22 2.51
CA GLY B 663 -33.57 -16.08 2.61
C GLY B 663 -33.87 -17.56 2.47
N GLU B 664 -34.92 -17.90 1.73
CA GLU B 664 -35.33 -19.28 1.52
C GLU B 664 -36.02 -19.46 0.18
N ALA B 665 -35.23 -19.55 -0.89
CA ALA B 665 -35.76 -19.72 -2.24
C ALA B 665 -34.65 -20.07 -3.21
N SER B 666 -34.94 -20.95 -4.15
CA SER B 666 -33.97 -21.38 -5.16
C SER B 666 -33.53 -20.22 -6.04
N ARG B 667 -32.32 -20.34 -6.58
CA ARG B 667 -31.78 -19.31 -7.47
C ARG B 667 -32.68 -19.21 -8.70
N LEU B 668 -33.04 -20.37 -9.25
CA LEU B 668 -33.90 -20.43 -10.43
C LEU B 668 -35.17 -19.64 -10.16
N GLU B 669 -35.67 -19.75 -8.93
CA GLU B 669 -36.87 -19.06 -8.51
C GLU B 669 -36.65 -17.56 -8.42
N LYS B 670 -35.50 -17.17 -7.86
CA LYS B 670 -35.17 -15.75 -7.71
C LYS B 670 -35.06 -15.07 -9.06
N ILE B 671 -34.46 -15.75 -10.04
CA ILE B 671 -34.32 -15.17 -11.37
C ILE B 671 -35.70 -15.05 -11.98
N ALA B 672 -36.48 -16.13 -11.86
CA ALA B 672 -37.83 -16.16 -12.38
C ALA B 672 -38.62 -14.99 -11.82
N ARG B 673 -38.68 -14.86 -10.50
CA ARG B 673 -39.40 -13.77 -9.87
C ARG B 673 -38.91 -12.42 -10.38
N ILE B 674 -37.60 -12.27 -10.50
CA ILE B 674 -37.02 -11.01 -10.97
C ILE B 674 -37.42 -10.70 -12.41
N ARG B 675 -37.34 -11.70 -13.28
CA ARG B 675 -37.69 -11.50 -14.67
C ARG B 675 -39.20 -11.40 -14.91
N SER B 676 -40.00 -11.76 -13.91
CA SER B 676 -41.44 -11.68 -14.05
C SER B 676 -41.84 -10.22 -13.90
N TRP B 677 -40.88 -9.39 -13.51
CA TRP B 677 -41.14 -7.97 -13.33
C TRP B 677 -40.93 -7.22 -14.63
N TYR B 678 -40.19 -7.82 -15.56
CA TYR B 678 -39.93 -7.18 -16.84
C TYR B 678 -41.23 -7.10 -17.64
N PRO B 679 -41.61 -5.88 -18.05
CA PRO B 679 -42.84 -5.66 -18.83
C PRO B 679 -42.83 -6.54 -20.08
N ALA B 680 -44.01 -6.77 -20.64
CA ALA B 680 -44.15 -7.58 -21.84
C ALA B 680 -43.36 -6.97 -23.01
N SER B 681 -43.25 -5.65 -22.99
CA SER B 681 -42.53 -4.92 -24.04
C SER B 681 -41.02 -5.11 -24.02
N VAL B 682 -40.53 -5.84 -23.01
CA VAL B 682 -39.10 -6.09 -22.86
C VAL B 682 -38.71 -7.51 -23.25
N ASP B 683 -37.83 -7.60 -24.24
CA ASP B 683 -37.35 -8.88 -24.74
C ASP B 683 -36.32 -9.48 -23.77
N HIS B 684 -36.69 -10.54 -23.06
CA HIS B 684 -35.78 -11.18 -22.10
C HIS B 684 -34.44 -11.53 -22.73
N GLU B 685 -34.45 -11.88 -24.02
CA GLU B 685 -33.24 -12.26 -24.72
C GLU B 685 -32.40 -11.07 -25.16
N ASP B 686 -32.92 -9.86 -25.04
CA ASP B 686 -32.11 -8.74 -25.47
C ASP B 686 -31.40 -8.09 -24.29
N ASP B 687 -30.07 -8.22 -24.27
CA ASP B 687 -29.24 -7.69 -23.20
C ASP B 687 -29.37 -6.20 -22.95
N ARG B 688 -29.20 -5.40 -24.00
CA ARG B 688 -29.30 -3.94 -23.87
C ARG B 688 -30.67 -3.45 -23.40
N GLN B 689 -31.72 -4.18 -23.76
CA GLN B 689 -33.05 -3.77 -23.33
C GLN B 689 -33.26 -4.14 -21.86
N VAL B 690 -32.87 -5.35 -21.47
CA VAL B 690 -33.03 -5.77 -20.08
C VAL B 690 -32.15 -4.90 -19.17
N ALA B 691 -30.91 -4.66 -19.57
CA ALA B 691 -30.03 -3.83 -18.76
C ALA B 691 -30.65 -2.44 -18.59
N THR B 692 -30.94 -1.77 -19.71
CA THR B 692 -31.50 -0.44 -19.70
C THR B 692 -32.78 -0.32 -18.86
N TRP B 693 -33.70 -1.27 -19.01
CA TRP B 693 -34.93 -1.19 -18.25
C TRP B 693 -34.66 -1.22 -16.75
N ILE B 694 -33.79 -2.13 -16.32
CA ILE B 694 -33.47 -2.25 -14.90
C ILE B 694 -32.90 -0.95 -14.34
N GLU B 695 -31.92 -0.40 -15.02
CA GLU B 695 -31.27 0.82 -14.60
C GLU B 695 -32.19 2.04 -14.69
N GLU B 696 -33.33 1.88 -15.35
CA GLU B 696 -34.28 2.97 -15.49
C GLU B 696 -35.43 2.87 -14.51
N ASN B 697 -35.84 1.64 -14.21
CA ASN B 697 -36.93 1.47 -13.28
C ASN B 697 -36.46 1.01 -11.91
N TYR B 698 -35.36 1.58 -11.45
CA TYR B 698 -34.81 1.23 -10.14
C TYR B 698 -35.79 1.53 -9.03
N LYS B 699 -36.47 2.66 -9.14
CA LYS B 699 -37.47 3.08 -8.15
C LYS B 699 -38.50 1.97 -7.99
N THR B 700 -39.03 1.49 -9.11
CA THR B 700 -40.03 0.44 -9.10
C THR B 700 -39.47 -0.85 -8.52
N LEU B 701 -38.20 -1.10 -8.83
CA LEU B 701 -37.54 -2.31 -8.35
C LEU B 701 -37.27 -2.25 -6.84
N ASP B 702 -36.95 -1.06 -6.33
CA ASP B 702 -36.69 -0.93 -4.90
C ASP B 702 -37.97 -1.19 -4.09
N ASP B 703 -39.12 -1.00 -4.74
CA ASP B 703 -40.41 -1.23 -4.09
C ASP B 703 -40.72 -2.72 -4.05
N LYS B 704 -40.47 -3.42 -5.14
CA LYS B 704 -40.70 -4.86 -5.17
C LYS B 704 -39.90 -5.47 -4.03
N LEU B 705 -38.64 -5.04 -3.91
CA LEU B 705 -37.72 -5.52 -2.88
C LEU B 705 -38.01 -4.85 -1.54
N LYS B 706 -39.30 -4.66 -1.26
CA LYS B 706 -39.72 -4.03 -0.02
C LYS B 706 -40.97 -4.75 0.50
N GLY B 707 -40.90 -5.17 1.77
CA GLY B 707 -42.01 -5.88 2.38
C GLY B 707 -42.06 -7.31 1.87
N LEU B 708 -41.54 -7.49 0.65
CA LEU B 708 -41.50 -8.81 0.02
C LEU B 708 -40.54 -9.73 0.80
N LYS B 709 -39.31 -9.59 0.60
N TRP C 11 -24.79 -64.78 -21.00
CA TRP C 11 -23.42 -65.11 -21.48
C TRP C 11 -22.50 -63.90 -21.25
N LEU C 12 -21.72 -63.97 -20.18
CA LEU C 12 -20.80 -62.90 -19.80
C LEU C 12 -19.33 -63.22 -20.01
N GLN C 13 -19.04 -64.45 -20.43
CA GLN C 13 -17.67 -64.85 -20.67
C GLN C 13 -16.95 -63.85 -21.59
N PRO C 14 -17.54 -63.54 -22.75
CA PRO C 14 -16.87 -62.59 -23.65
C PRO C 14 -16.53 -61.25 -22.99
N LYS C 15 -17.43 -60.73 -22.16
CA LYS C 15 -17.20 -59.48 -21.47
C LYS C 15 -16.12 -59.64 -20.40
N ARG C 16 -16.25 -60.69 -19.59
CA ARG C 16 -15.28 -60.94 -18.55
C ARG C 16 -13.87 -61.05 -19.14
N TYR C 17 -13.77 -61.65 -20.32
CA TYR C 17 -12.48 -61.82 -20.96
C TYR C 17 -11.93 -60.47 -21.42
N LYS C 18 -12.80 -59.66 -22.01
CA LYS C 18 -12.43 -58.32 -22.48
C LYS C 18 -11.83 -57.55 -21.30
N ALA C 19 -12.49 -57.62 -20.14
CA ALA C 19 -12.03 -56.95 -18.94
C ALA C 19 -10.66 -57.46 -18.52
N HIS C 20 -10.52 -58.78 -18.43
CA HIS C 20 -9.26 -59.42 -18.05
C HIS C 20 -8.15 -59.01 -19.01
N LEU C 21 -8.51 -58.84 -20.27
CA LEU C 21 -7.55 -58.46 -21.28
C LEU C 21 -7.03 -57.04 -21.01
N MET C 22 -7.77 -56.30 -20.20
CA MET C 22 -7.40 -54.93 -19.86
C MET C 22 -6.72 -54.86 -18.49
N GLY C 23 -6.74 -55.96 -17.75
CA GLY C 23 -6.11 -55.99 -16.45
C GLY C 23 -7.03 -55.49 -15.35
N THR C 24 -8.34 -55.51 -15.62
CA THR C 24 -9.32 -55.04 -14.64
C THR C 24 -10.51 -56.00 -14.51
N THR C 25 -11.15 -55.97 -13.36
CA THR C 25 -12.30 -56.81 -13.10
C THR C 25 -13.53 -56.34 -13.85
N TYR C 26 -14.35 -57.29 -14.30
CA TYR C 26 -15.57 -56.95 -15.01
C TYR C 26 -16.46 -56.19 -14.03
N VAL C 27 -16.94 -55.04 -14.48
CA VAL C 27 -17.80 -54.16 -13.69
C VAL C 27 -18.75 -54.88 -12.73
N TYR C 28 -19.67 -55.69 -13.26
CA TYR C 28 -20.64 -56.36 -12.40
C TYR C 28 -20.05 -57.37 -11.42
N ASP C 29 -18.76 -57.63 -11.52
CA ASP C 29 -18.13 -58.57 -10.61
C ASP C 29 -17.48 -57.84 -9.43
N PHE C 30 -17.39 -56.52 -9.52
CA PHE C 30 -16.80 -55.73 -8.44
C PHE C 30 -17.59 -55.81 -7.13
N PRO C 31 -18.93 -55.77 -7.21
CA PRO C 31 -19.71 -55.85 -5.98
C PRO C 31 -19.34 -57.09 -5.16
N GLU C 32 -18.89 -58.16 -5.83
CA GLU C 32 -18.51 -59.40 -5.16
C GLU C 32 -17.23 -59.22 -4.35
N LEU C 33 -16.32 -58.41 -4.88
CA LEU C 33 -15.05 -58.11 -4.20
C LEU C 33 -15.29 -57.32 -2.91
N PHE C 34 -16.27 -56.41 -2.92
CA PHE C 34 -16.56 -55.61 -1.73
C PHE C 34 -17.11 -56.52 -0.65
N ARG C 35 -17.90 -57.51 -1.06
CA ARG C 35 -18.47 -58.47 -0.12
C ARG C 35 -17.32 -59.24 0.53
N GLN C 36 -16.37 -59.70 -0.30
CA GLN C 36 -15.22 -60.43 0.22
C GLN C 36 -14.43 -59.57 1.18
N ALA C 37 -14.19 -58.32 0.78
CA ALA C 37 -13.44 -57.40 1.61
C ALA C 37 -14.17 -57.16 2.94
N SER C 38 -15.49 -57.03 2.87
CA SER C 38 -16.30 -56.80 4.07
C SER C 38 -16.17 -58.00 4.99
N SER C 39 -16.19 -59.20 4.40
CA SER C 39 -16.05 -60.43 5.16
C SER C 39 -14.67 -60.51 5.81
N SER C 40 -13.64 -60.18 5.04
CA SER C 40 -12.27 -60.22 5.56
C SER C 40 -12.17 -59.24 6.72
N GLN C 41 -13.04 -58.24 6.72
CA GLN C 41 -13.02 -57.22 7.77
C GLN C 41 -13.49 -57.79 9.09
N TRP C 42 -14.65 -58.44 9.06
CA TRP C 42 -15.21 -59.06 10.25
C TRP C 42 -14.29 -60.11 10.83
N LYS C 43 -13.63 -60.87 9.95
CA LYS C 43 -12.71 -61.93 10.36
C LYS C 43 -11.47 -61.40 11.07
N ASN C 44 -11.03 -60.21 10.67
CA ASN C 44 -9.85 -59.62 11.30
C ASN C 44 -10.27 -58.97 12.62
N PHE C 45 -11.53 -58.57 12.71
CA PHE C 45 -12.03 -57.93 13.91
C PHE C 45 -12.51 -58.96 14.94
N SER C 46 -13.43 -59.82 14.53
CA SER C 46 -13.95 -60.86 15.42
C SER C 46 -14.12 -62.15 14.64
N ALA C 47 -13.16 -63.07 14.84
CA ALA C 47 -13.18 -64.35 14.15
C ALA C 47 -14.54 -65.03 14.19
N ASP C 48 -14.91 -65.55 15.35
CA ASP C 48 -16.19 -66.23 15.51
C ASP C 48 -17.37 -65.29 15.29
N VAL C 49 -17.86 -65.22 14.06
CA VAL C 49 -18.99 -64.35 13.74
C VAL C 49 -19.93 -64.98 12.72
N LYS C 50 -21.20 -65.11 13.12
CA LYS C 50 -22.22 -65.68 12.26
C LYS C 50 -22.57 -64.73 11.12
N LEU C 51 -21.74 -64.71 10.09
CA LEU C 51 -21.97 -63.86 8.95
C LEU C 51 -22.99 -64.47 8.00
N THR C 52 -24.19 -63.92 7.98
CA THR C 52 -25.24 -64.40 7.10
C THR C 52 -25.04 -63.77 5.73
N ASP C 53 -26.07 -63.76 4.88
CA ASP C 53 -25.93 -63.17 3.56
C ASP C 53 -26.49 -61.77 3.51
N ASP C 54 -27.38 -61.47 4.44
CA ASP C 54 -28.00 -60.15 4.51
C ASP C 54 -27.02 -59.10 5.04
N PHE C 55 -25.87 -59.57 5.52
CA PHE C 55 -24.85 -58.68 6.06
C PHE C 55 -24.32 -57.77 4.95
N PHE C 56 -24.47 -58.21 3.71
CA PHE C 56 -24.00 -57.44 2.56
C PHE C 56 -25.05 -57.44 1.46
N ILE C 57 -25.52 -56.26 1.08
CA ILE C 57 -26.52 -56.13 0.04
C ILE C 57 -26.03 -55.14 -1.02
N SER C 58 -26.27 -55.48 -2.29
CA SER C 58 -25.88 -54.64 -3.42
C SER C 58 -26.98 -54.59 -4.47
N ASN C 59 -27.52 -53.39 -4.71
CA ASN C 59 -28.58 -53.21 -5.70
C ASN C 59 -28.12 -52.24 -6.77
N GLU C 60 -28.16 -52.65 -8.02
CA GLU C 60 -27.76 -51.79 -9.11
C GLU C 60 -28.70 -50.59 -9.19
N LEU C 61 -28.15 -49.46 -9.65
CA LEU C 61 -28.91 -48.23 -9.78
C LEU C 61 -29.01 -47.87 -11.24
N ILE C 62 -30.22 -47.52 -11.68
CA ILE C 62 -30.47 -47.12 -13.06
C ILE C 62 -31.50 -46.01 -13.02
N GLU C 63 -31.71 -45.37 -14.17
CA GLU C 63 -32.68 -44.29 -14.25
C GLU C 63 -34.01 -44.74 -14.83
N ASP C 64 -35.10 -44.25 -14.24
CA ASP C 64 -36.44 -44.58 -14.70
C ASP C 64 -36.86 -43.68 -15.86
N GLU C 65 -38.17 -43.54 -16.07
CA GLU C 65 -38.68 -42.71 -17.16
C GLU C 65 -38.41 -41.23 -16.92
N ASN C 66 -38.51 -40.82 -15.66
CA ASN C 66 -38.29 -39.43 -15.27
C ASN C 66 -36.81 -39.05 -15.28
N GLY C 67 -35.94 -40.02 -15.01
CA GLY C 67 -34.51 -39.77 -14.99
C GLY C 67 -33.91 -39.94 -13.62
N GLU C 68 -34.74 -40.35 -12.66
CA GLU C 68 -34.30 -40.54 -11.29
C GLU C 68 -33.77 -41.95 -11.06
N LEU C 69 -32.69 -42.04 -10.29
CA LEU C 69 -32.08 -43.32 -10.00
C LEU C 69 -33.00 -44.16 -9.12
N THR C 70 -32.96 -45.47 -9.32
CA THR C 70 -33.77 -46.38 -8.54
C THR C 70 -33.16 -47.76 -8.52
N GLU C 71 -33.20 -48.40 -7.35
CA GLU C 71 -32.66 -49.73 -7.17
C GLU C 71 -33.46 -50.73 -8.00
N VAL C 72 -32.77 -51.66 -8.64
CA VAL C 72 -33.43 -52.67 -9.44
C VAL C 72 -32.75 -54.03 -9.39
N GLU C 73 -33.42 -55.02 -9.98
CA GLU C 73 -32.92 -56.39 -10.04
C GLU C 73 -32.89 -56.83 -11.50
N ARG C 74 -31.71 -57.14 -12.02
CA ARG C 74 -31.59 -57.60 -13.39
C ARG C 74 -30.25 -58.29 -13.61
N GLU C 75 -30.17 -59.14 -14.63
CA GLU C 75 -28.94 -59.86 -14.90
C GLU C 75 -27.85 -58.90 -15.39
N PRO C 76 -26.59 -59.19 -15.03
CA PRO C 76 -25.42 -58.39 -15.41
C PRO C 76 -25.30 -58.19 -16.92
N GLY C 77 -24.42 -57.28 -17.33
CA GLY C 77 -24.21 -57.02 -18.74
C GLY C 77 -25.39 -56.50 -19.55
N ALA C 78 -26.41 -56.01 -18.86
CA ALA C 78 -27.59 -55.49 -19.56
C ALA C 78 -27.63 -53.97 -19.59
N ASN C 79 -26.52 -53.35 -19.19
CA ASN C 79 -26.42 -51.89 -19.16
C ASN C 79 -26.41 -51.28 -20.54
N ALA C 80 -27.31 -50.32 -20.77
CA ALA C 80 -27.42 -49.65 -22.05
C ALA C 80 -26.41 -48.50 -22.21
N ILE C 81 -25.65 -48.24 -21.14
CA ILE C 81 -24.63 -47.18 -21.19
C ILE C 81 -23.34 -47.73 -20.59
N GLY C 82 -22.25 -47.01 -20.82
CA GLY C 82 -20.95 -47.44 -20.30
C GLY C 82 -20.62 -46.88 -18.93
N MET C 83 -21.60 -46.93 -18.03
CA MET C 83 -21.44 -46.44 -16.66
C MET C 83 -22.51 -47.14 -15.81
N VAL C 84 -22.09 -47.87 -14.79
CA VAL C 84 -23.03 -48.56 -13.92
C VAL C 84 -22.77 -48.12 -12.48
N ALA C 85 -23.77 -48.25 -11.62
CA ALA C 85 -23.63 -47.86 -10.23
C ALA C 85 -24.36 -48.84 -9.30
N PHE C 86 -23.91 -48.93 -8.06
CA PHE C 86 -24.52 -49.82 -7.10
C PHE C 86 -24.70 -49.18 -5.72
N LYS C 87 -25.87 -49.36 -5.13
CA LYS C 87 -26.17 -48.85 -3.80
C LYS C 87 -25.84 -50.04 -2.90
N ILE C 88 -24.82 -49.89 -2.07
CA ILE C 88 -24.41 -50.98 -1.20
C ILE C 88 -24.76 -50.72 0.25
N THR C 89 -25.23 -51.76 0.94
CA THR C 89 -25.60 -51.68 2.35
C THR C 89 -24.83 -52.80 3.03
N VAL C 90 -23.89 -52.46 3.90
CA VAL C 90 -23.08 -53.47 4.58
C VAL C 90 -23.01 -53.32 6.09
N LYS C 91 -22.90 -54.45 6.77
CA LYS C 91 -22.78 -54.46 8.21
C LYS C 91 -21.29 -54.59 8.48
N THR C 92 -20.73 -53.62 9.20
CA THR C 92 -19.30 -53.64 9.51
C THR C 92 -19.07 -53.57 11.02
N PRO C 93 -17.83 -53.85 11.44
CA PRO C 93 -17.51 -53.80 12.86
C PRO C 93 -17.87 -52.44 13.47
N GLU C 94 -17.65 -51.35 12.73
CA GLU C 94 -17.99 -50.03 13.27
C GLU C 94 -19.45 -49.65 13.03
N TYR C 95 -20.16 -50.46 12.26
CA TYR C 95 -21.58 -50.22 11.99
C TYR C 95 -22.30 -51.56 11.82
N PRO C 96 -22.42 -52.33 12.92
CA PRO C 96 -23.08 -53.64 12.91
C PRO C 96 -24.46 -53.63 12.26
N ARG C 97 -25.24 -52.60 12.56
CA ARG C 97 -26.59 -52.51 12.00
C ARG C 97 -26.57 -52.10 10.52
N GLY C 98 -25.38 -51.74 10.02
CA GLY C 98 -25.26 -51.37 8.62
C GLY C 98 -24.91 -49.92 8.27
N ARG C 99 -24.25 -49.75 7.13
CA ARG C 99 -23.84 -48.44 6.63
C ARG C 99 -23.96 -48.47 5.10
N GLN C 100 -24.20 -47.33 4.48
CA GLN C 100 -24.34 -47.31 3.04
C GLN C 100 -23.37 -46.40 2.27
N PHE C 101 -23.30 -46.65 0.97
CA PHE C 101 -22.46 -45.87 0.07
C PHE C 101 -22.73 -46.36 -1.34
N VAL C 102 -22.38 -45.56 -2.34
CA VAL C 102 -22.61 -45.98 -3.71
C VAL C 102 -21.28 -46.19 -4.42
N VAL C 103 -21.29 -47.09 -5.39
CA VAL C 103 -20.12 -47.42 -6.19
C VAL C 103 -20.49 -47.08 -7.64
N VAL C 104 -19.66 -46.25 -8.30
CA VAL C 104 -19.89 -45.87 -9.68
C VAL C 104 -18.66 -46.32 -10.44
N ALA C 105 -18.85 -46.73 -11.68
CA ALA C 105 -17.73 -47.23 -12.46
C ALA C 105 -17.98 -47.24 -13.95
N ASN C 106 -16.91 -47.11 -14.73
CA ASN C 106 -17.01 -47.17 -16.19
C ASN C 106 -17.08 -48.65 -16.57
N ASP C 107 -17.76 -48.95 -17.67
CA ASP C 107 -17.85 -50.32 -18.16
C ASP C 107 -16.77 -50.42 -19.24
N ILE C 108 -15.61 -50.93 -18.87
CA ILE C 108 -14.50 -51.03 -19.82
C ILE C 108 -14.87 -51.79 -21.11
N THR C 109 -15.87 -52.67 -21.04
CA THR C 109 -16.31 -53.46 -22.19
C THR C 109 -17.26 -52.67 -23.09
N PHE C 110 -17.89 -51.64 -22.54
CA PHE C 110 -18.82 -50.81 -23.31
C PHE C 110 -18.06 -49.65 -23.95
N LYS C 111 -17.64 -49.84 -25.19
CA LYS C 111 -16.92 -48.81 -25.92
C LYS C 111 -15.69 -48.36 -25.14
N ILE C 112 -14.79 -49.30 -24.87
CA ILE C 112 -13.54 -49.04 -24.13
C ILE C 112 -13.69 -48.12 -22.92
N GLY C 113 -14.86 -48.12 -22.30
CA GLY C 113 -15.08 -47.28 -21.13
C GLY C 113 -15.11 -45.78 -21.41
N SER C 114 -15.14 -45.40 -22.67
CA SER C 114 -15.16 -43.99 -23.05
C SER C 114 -16.25 -43.22 -22.31
N PHE C 115 -16.11 -41.90 -22.27
CA PHE C 115 -17.10 -41.04 -21.61
C PHE C 115 -18.01 -40.40 -22.63
N GLY C 116 -19.31 -40.67 -22.52
CA GLY C 116 -20.25 -40.08 -23.45
C GLY C 116 -21.27 -39.26 -22.67
N PRO C 117 -22.02 -38.38 -23.35
CA PRO C 117 -23.02 -37.56 -22.67
C PRO C 117 -23.88 -38.35 -21.68
N GLN C 118 -24.33 -39.52 -22.10
CA GLN C 118 -25.17 -40.34 -21.24
C GLN C 118 -24.39 -40.87 -20.04
N GLU C 119 -23.12 -41.22 -20.27
CA GLU C 119 -22.27 -41.68 -19.18
C GLU C 119 -22.08 -40.52 -18.19
N ASP C 120 -21.77 -39.35 -18.73
CA ASP C 120 -21.57 -38.18 -17.88
C ASP C 120 -22.83 -37.86 -17.10
N GLU C 121 -23.96 -37.79 -17.78
CA GLU C 121 -25.23 -37.48 -17.15
C GLU C 121 -25.51 -38.46 -16.01
N PHE C 122 -25.22 -39.74 -16.23
CA PHE C 122 -25.46 -40.76 -15.21
C PHE C 122 -24.50 -40.59 -14.04
N PHE C 123 -23.23 -40.38 -14.36
CA PHE C 123 -22.20 -40.18 -13.34
C PHE C 123 -22.59 -39.02 -12.43
N ASN C 124 -23.08 -37.95 -13.04
CA ASN C 124 -23.49 -36.79 -12.29
C ASN C 124 -24.72 -37.03 -11.42
N LYS C 125 -25.64 -37.85 -11.93
CA LYS C 125 -26.86 -38.19 -11.19
C LYS C 125 -26.53 -39.02 -9.96
N VAL C 126 -25.58 -39.93 -10.09
CA VAL C 126 -25.19 -40.78 -8.96
C VAL C 126 -24.51 -39.93 -7.89
N THR C 127 -23.63 -39.02 -8.30
CA THR C 127 -22.95 -38.17 -7.34
C THR C 127 -23.96 -37.35 -6.55
N GLU C 128 -24.90 -36.76 -7.28
CA GLU C 128 -25.94 -35.96 -6.63
C GLU C 128 -26.75 -36.86 -5.70
N TYR C 129 -26.95 -38.10 -6.15
CA TYR C 129 -27.68 -39.10 -5.39
C TYR C 129 -27.00 -39.29 -4.05
N ALA C 130 -25.69 -39.58 -4.08
CA ALA C 130 -24.94 -39.82 -2.85
C ALA C 130 -24.90 -38.59 -1.95
N ARG C 131 -24.67 -37.43 -2.57
CA ARG C 131 -24.61 -36.19 -1.81
C ARG C 131 -25.92 -35.92 -1.08
N LYS C 132 -27.04 -36.04 -1.77
CA LYS C 132 -28.32 -35.80 -1.14
C LYS C 132 -28.50 -36.63 0.12
N ARG C 133 -27.95 -37.84 0.13
CA ARG C 133 -28.06 -38.72 1.30
C ARG C 133 -26.86 -38.63 2.24
N GLY C 134 -25.83 -37.91 1.83
CA GLY C 134 -24.65 -37.75 2.65
C GLY C 134 -23.78 -38.99 2.77
N ILE C 135 -23.96 -39.96 1.88
CA ILE C 135 -23.20 -41.20 1.95
C ILE C 135 -22.02 -41.25 0.99
N PRO C 136 -20.96 -41.99 1.36
CA PRO C 136 -19.77 -42.08 0.52
C PRO C 136 -20.04 -42.42 -0.95
N ARG C 137 -19.18 -41.90 -1.83
CA ARG C 137 -19.29 -42.13 -3.27
C ARG C 137 -17.98 -42.74 -3.77
N ILE C 138 -17.97 -44.05 -3.96
CA ILE C 138 -16.76 -44.72 -4.44
C ILE C 138 -16.76 -44.71 -5.97
N TYR C 139 -15.64 -44.35 -6.58
CA TYR C 139 -15.55 -44.33 -8.05
C TYR C 139 -14.49 -45.32 -8.54
N LEU C 140 -14.87 -46.15 -9.49
CA LEU C 140 -13.95 -47.15 -10.07
C LEU C 140 -13.59 -46.66 -11.46
N ALA C 141 -12.39 -46.13 -11.59
CA ALA C 141 -11.92 -45.58 -12.85
C ALA C 141 -11.30 -46.64 -13.77
N ALA C 142 -11.92 -46.80 -14.94
CA ALA C 142 -11.47 -47.76 -15.93
C ALA C 142 -12.04 -47.30 -17.27
N ASN C 143 -11.51 -46.21 -17.78
CA ASN C 143 -11.99 -45.65 -19.03
C ASN C 143 -10.85 -45.36 -19.98
N SER C 144 -11.15 -44.65 -21.07
CA SER C 144 -10.14 -44.28 -22.06
C SER C 144 -10.47 -42.89 -22.62
N GLY C 145 -10.64 -41.93 -21.71
CA GLY C 145 -10.95 -40.56 -22.10
C GLY C 145 -12.37 -40.37 -22.61
N ALA C 146 -12.60 -39.26 -23.30
CA ALA C 146 -13.93 -38.96 -23.86
C ALA C 146 -14.19 -39.82 -25.10
N ARG C 147 -15.47 -40.08 -25.35
CA ARG C 147 -15.89 -40.88 -26.49
C ARG C 147 -15.52 -40.21 -27.81
N ILE C 148 -15.05 -41.00 -28.78
CA ILE C 148 -14.65 -40.47 -30.08
C ILE C 148 -15.42 -41.06 -31.25
N GLY C 149 -14.82 -40.96 -32.44
CA GLY C 149 -15.42 -41.50 -33.65
C GLY C 149 -16.88 -41.18 -33.95
N MET C 150 -17.68 -42.23 -34.06
CA MET C 150 -19.11 -42.09 -34.35
C MET C 150 -19.35 -41.27 -35.62
N GLY C 220 -15.64 -38.72 -36.80
CA GLY C 220 -14.62 -38.82 -35.76
C GLY C 220 -14.57 -37.62 -34.85
N VAL C 221 -15.58 -37.48 -33.98
CA VAL C 221 -15.66 -36.36 -33.05
C VAL C 221 -15.56 -36.82 -31.59
N GLU C 222 -15.02 -35.96 -30.73
CA GLU C 222 -14.86 -36.27 -29.31
C GLU C 222 -16.00 -35.74 -28.43
N CYS C 223 -16.36 -36.50 -27.39
CA CYS C 223 -17.44 -36.10 -26.48
C CYS C 223 -17.07 -34.83 -25.74
N ILE C 224 -18.08 -34.06 -25.34
CA ILE C 224 -17.83 -32.81 -24.64
C ILE C 224 -18.96 -32.44 -23.69
N ARG C 225 -20.19 -32.72 -24.09
CA ARG C 225 -21.36 -32.40 -23.26
C ARG C 225 -21.36 -33.23 -21.97
N GLY C 226 -21.17 -32.56 -20.84
CA GLY C 226 -21.17 -33.27 -19.57
C GLY C 226 -19.80 -33.41 -18.95
N SER C 227 -18.79 -33.11 -19.75
CA SER C 227 -17.41 -33.21 -19.29
C SER C 227 -17.18 -32.29 -18.08
N GLY C 228 -17.50 -31.01 -18.25
CA GLY C 228 -17.31 -30.06 -17.17
C GLY C 228 -18.36 -30.28 -16.07
N LEU C 229 -19.50 -30.83 -16.47
CA LEU C 229 -20.56 -31.09 -15.52
C LEU C 229 -20.11 -32.04 -14.41
N ILE C 230 -19.42 -33.12 -14.78
CA ILE C 230 -18.96 -34.09 -13.77
C ILE C 230 -17.69 -33.66 -13.05
N ALA C 231 -16.93 -32.75 -13.68
CA ALA C 231 -15.71 -32.25 -13.04
C ALA C 231 -16.16 -31.40 -11.84
N GLY C 232 -17.04 -30.44 -12.10
CA GLY C 232 -17.53 -29.58 -11.04
C GLY C 232 -18.30 -30.33 -9.98
N ALA C 233 -18.96 -31.41 -10.41
CA ALA C 233 -19.75 -32.23 -9.50
C ALA C 233 -18.85 -32.97 -8.51
N THR C 234 -17.70 -33.42 -8.99
CA THR C 234 -16.75 -34.16 -8.17
C THR C 234 -16.06 -33.17 -7.22
N SER C 235 -15.76 -31.99 -7.76
CA SER C 235 -15.15 -30.92 -6.99
C SER C 235 -16.06 -30.61 -5.79
N ARG C 236 -17.35 -30.45 -6.03
CA ARG C 236 -18.28 -30.15 -4.94
C ARG C 236 -18.43 -31.32 -3.96
N ALA C 237 -18.45 -32.53 -4.50
CA ALA C 237 -18.59 -33.74 -3.69
C ALA C 237 -17.53 -33.90 -2.60
N TYR C 238 -16.28 -33.59 -2.94
CA TYR C 238 -15.16 -33.70 -1.98
C TYR C 238 -15.35 -32.81 -0.76
N HIS C 239 -16.13 -31.74 -0.90
CA HIS C 239 -16.39 -30.84 0.22
C HIS C 239 -17.65 -31.25 0.94
N ASP C 240 -18.39 -32.17 0.33
CA ASP C 240 -19.67 -32.61 0.87
C ASP C 240 -19.68 -33.99 1.53
N ILE C 241 -19.24 -34.99 0.77
CA ILE C 241 -19.20 -36.36 1.23
C ILE C 241 -17.82 -36.97 1.05
N PHE C 242 -17.62 -38.16 1.61
CA PHE C 242 -16.35 -38.87 1.49
C PHE C 242 -16.26 -39.37 0.05
N THR C 243 -15.21 -38.94 -0.65
CA THR C 243 -15.02 -39.36 -2.03
C THR C 243 -13.70 -40.13 -2.13
N ILE C 244 -13.72 -41.24 -2.84
CA ILE C 244 -12.53 -42.04 -3.05
C ILE C 244 -12.65 -42.69 -4.43
N THR C 245 -11.51 -42.84 -5.09
CA THR C 245 -11.46 -43.40 -6.45
C THR C 245 -10.43 -44.52 -6.53
N LEU C 246 -10.80 -45.62 -7.16
CA LEU C 246 -9.87 -46.75 -7.33
C LEU C 246 -9.55 -46.84 -8.82
N VAL C 247 -8.28 -46.71 -9.15
CA VAL C 247 -7.86 -46.78 -10.54
C VAL C 247 -7.56 -48.23 -10.90
N THR C 248 -8.59 -48.93 -11.38
CA THR C 248 -8.50 -50.33 -11.75
C THR C 248 -8.02 -50.55 -13.18
N CYS C 249 -8.08 -49.52 -14.01
CA CYS C 249 -7.65 -49.62 -15.39
C CYS C 249 -7.28 -48.23 -15.92
N ARG C 250 -6.55 -48.16 -17.03
CA ARG C 250 -6.17 -46.87 -17.59
C ARG C 250 -7.24 -45.81 -17.35
N SER C 251 -6.85 -44.64 -16.87
CA SER C 251 -7.79 -43.54 -16.65
C SER C 251 -7.24 -42.39 -17.49
N VAL C 252 -8.02 -41.95 -18.48
CA VAL C 252 -7.58 -40.93 -19.41
C VAL C 252 -8.40 -39.63 -19.46
N GLY C 253 -7.70 -38.53 -19.76
CA GLY C 253 -8.35 -37.23 -19.87
C GLY C 253 -9.29 -36.84 -18.76
N ILE C 254 -10.57 -36.67 -19.08
CA ILE C 254 -11.55 -36.29 -18.07
C ILE C 254 -11.49 -37.29 -16.92
N GLY C 255 -11.17 -38.54 -17.26
CA GLY C 255 -11.06 -39.59 -16.26
C GLY C 255 -9.93 -39.34 -15.29
N ALA C 256 -8.81 -38.84 -15.82
CA ALA C 256 -7.64 -38.55 -14.99
C ALA C 256 -7.97 -37.44 -14.00
N TYR C 257 -8.62 -36.38 -14.46
CA TYR C 257 -8.99 -35.28 -13.59
C TYR C 257 -9.97 -35.72 -12.51
N LEU C 258 -10.84 -36.66 -12.84
CA LEU C 258 -11.82 -37.12 -11.87
C LEU C 258 -11.15 -37.81 -10.68
N VAL C 259 -10.10 -38.58 -10.93
CA VAL C 259 -9.43 -39.23 -9.81
C VAL C 259 -8.80 -38.16 -8.91
N ARG C 260 -8.34 -37.07 -9.52
CA ARG C 260 -7.74 -35.98 -8.76
C ARG C 260 -8.81 -35.21 -8.02
N LEU C 261 -9.87 -34.78 -8.72
CA LEU C 261 -10.96 -34.02 -8.10
C LEU C 261 -11.54 -34.72 -6.87
N GLY C 262 -11.49 -36.05 -6.84
CA GLY C 262 -12.01 -36.77 -5.70
C GLY C 262 -10.92 -36.89 -4.66
N GLN C 263 -9.75 -36.34 -4.98
CA GLN C 263 -8.60 -36.35 -4.09
C GLN C 263 -8.09 -37.72 -3.66
N ARG C 264 -8.83 -38.39 -2.78
CA ARG C 264 -8.43 -39.70 -2.28
C ARG C 264 -8.40 -40.74 -3.42
N ALA C 265 -7.24 -41.34 -3.66
CA ALA C 265 -7.14 -42.31 -4.74
C ALA C 265 -6.17 -43.47 -4.53
N ILE C 266 -6.59 -44.66 -4.93
CA ILE C 266 -5.74 -45.84 -4.81
C ILE C 266 -5.45 -46.32 -6.23
N GLN C 267 -4.17 -46.43 -6.57
CA GLN C 267 -3.77 -46.86 -7.89
C GLN C 267 -3.25 -48.30 -7.93
N VAL C 268 -3.88 -49.13 -8.77
CA VAL C 268 -3.44 -50.50 -8.89
C VAL C 268 -2.24 -50.49 -9.84
N GLU C 269 -1.16 -51.16 -9.42
CA GLU C 269 0.06 -51.24 -10.23
C GLU C 269 -0.28 -51.67 -11.65
N GLY C 270 0.28 -50.99 -12.64
CA GLY C 270 0.01 -51.33 -14.02
C GLY C 270 -1.07 -50.51 -14.67
N GLN C 271 -1.86 -49.79 -13.87
CA GLN C 271 -2.93 -48.94 -14.40
C GLN C 271 -2.50 -47.45 -14.37
N PRO C 272 -2.26 -46.86 -15.54
CA PRO C 272 -1.83 -45.45 -15.63
C PRO C 272 -2.94 -44.40 -15.57
N ILE C 273 -2.59 -43.24 -15.05
CA ILE C 273 -3.50 -42.09 -14.93
C ILE C 273 -2.86 -41.07 -15.88
N ILE C 274 -3.43 -40.91 -17.07
CA ILE C 274 -2.83 -40.02 -18.03
C ILE C 274 -3.83 -39.08 -18.71
N LEU C 275 -3.28 -38.01 -19.29
CA LEU C 275 -4.09 -37.03 -20.00
C LEU C 275 -4.09 -37.39 -21.48
N THR C 276 -2.91 -37.75 -21.98
CA THR C 276 -2.77 -38.15 -23.38
C THR C 276 -1.77 -39.30 -23.39
N GLY C 277 -2.10 -40.33 -24.17
CA GLY C 277 -1.24 -41.51 -24.26
C GLY C 277 0.09 -41.23 -24.92
N ALA C 278 1.04 -42.14 -24.73
CA ALA C 278 2.37 -42.00 -25.30
C ALA C 278 2.36 -41.89 -26.83
N PRO C 279 1.63 -42.78 -27.51
CA PRO C 279 1.57 -42.74 -28.98
C PRO C 279 1.22 -41.34 -29.48
N ALA C 280 0.20 -40.74 -28.88
CA ALA C 280 -0.23 -39.40 -29.27
C ALA C 280 0.87 -38.35 -29.06
N ILE C 281 1.61 -38.47 -27.96
CA ILE C 281 2.68 -37.52 -27.68
C ILE C 281 3.87 -37.74 -28.60
N ASN C 282 4.28 -38.99 -28.79
CA ASN C 282 5.39 -39.29 -29.68
C ASN C 282 5.11 -38.76 -31.09
N LYS C 283 3.85 -38.90 -31.52
CA LYS C 283 3.41 -38.44 -32.83
C LYS C 283 3.56 -36.92 -32.92
N MET C 284 3.37 -36.25 -31.79
CA MET C 284 3.46 -34.80 -31.71
C MET C 284 4.89 -34.29 -31.65
N LEU C 285 5.72 -34.97 -30.87
CA LEU C 285 7.12 -34.58 -30.70
C LEU C 285 7.96 -35.00 -31.91
N GLY C 286 7.52 -36.05 -32.59
CA GLY C 286 8.24 -36.53 -33.76
C GLY C 286 8.86 -37.90 -33.53
N ARG C 287 9.84 -37.96 -32.64
CA ARG C 287 10.52 -39.22 -32.33
C ARG C 287 9.85 -39.96 -31.17
N GLU C 288 9.82 -41.27 -31.25
CA GLU C 288 9.21 -42.08 -30.20
C GLU C 288 10.09 -42.03 -28.93
N VAL C 289 9.76 -41.11 -28.03
CA VAL C 289 10.52 -40.94 -26.79
C VAL C 289 9.95 -41.80 -25.65
N TYR C 290 8.64 -41.98 -25.65
CA TYR C 290 7.98 -42.77 -24.63
C TYR C 290 7.63 -44.13 -25.19
N THR C 291 7.81 -45.17 -24.39
CA THR C 291 7.53 -46.53 -24.83
C THR C 291 6.34 -47.12 -24.08
N SER C 292 5.82 -46.38 -23.11
CA SER C 292 4.69 -46.85 -22.32
C SER C 292 4.01 -45.75 -21.54
N ASN C 293 2.69 -45.87 -21.40
CA ASN C 293 1.92 -44.89 -20.66
C ASN C 293 2.29 -44.87 -19.17
N LEU C 294 2.93 -45.93 -18.70
CA LEU C 294 3.35 -46.01 -17.31
C LEU C 294 4.46 -45.01 -17.00
N GLN C 295 5.00 -44.41 -18.06
CA GLN C 295 6.06 -43.42 -17.92
C GLN C 295 5.43 -42.04 -17.73
N LEU C 296 4.16 -41.95 -18.09
CA LEU C 296 3.44 -40.69 -17.97
C LEU C 296 2.57 -40.66 -16.73
N GLY C 297 1.77 -41.71 -16.54
CA GLY C 297 0.87 -41.76 -15.40
C GLY C 297 0.90 -43.04 -14.60
N GLY C 298 2.07 -43.68 -14.59
CA GLY C 298 2.23 -44.92 -13.85
C GLY C 298 2.35 -44.63 -12.36
N THR C 299 2.27 -45.68 -11.54
CA THR C 299 2.37 -45.48 -10.10
C THR C 299 3.67 -44.81 -9.69
N GLN C 300 4.76 -45.10 -10.37
CA GLN C 300 6.04 -44.48 -10.00
C GLN C 300 6.02 -42.98 -10.27
N ILE C 301 4.95 -42.52 -10.90
CA ILE C 301 4.82 -41.09 -11.18
C ILE C 301 3.76 -40.48 -10.23
N MET C 302 2.55 -41.03 -10.23
CA MET C 302 1.44 -40.51 -9.42
C MET C 302 1.51 -40.79 -7.92
N TYR C 303 2.07 -41.94 -7.57
CA TYR C 303 2.23 -42.35 -6.18
C TYR C 303 3.33 -41.49 -5.59
N ASN C 304 4.28 -41.08 -6.42
CA ASN C 304 5.38 -40.24 -5.96
C ASN C 304 4.96 -38.79 -5.97
N ASN C 305 3.98 -38.47 -6.82
CA ASN C 305 3.41 -37.13 -6.98
C ASN C 305 2.56 -36.76 -5.80
N GLY C 306 1.80 -37.74 -5.33
CA GLY C 306 0.89 -37.53 -4.23
C GLY C 306 -0.52 -37.57 -4.78
N VAL C 307 -0.67 -37.88 -6.08
CA VAL C 307 -2.01 -37.99 -6.68
C VAL C 307 -2.56 -39.34 -6.26
N SER C 308 -1.69 -40.32 -6.06
CA SER C 308 -2.14 -41.62 -5.62
C SER C 308 -1.75 -41.74 -4.17
N HIS C 309 -2.76 -41.79 -3.30
CA HIS C 309 -2.48 -41.89 -1.88
C HIS C 309 -1.92 -43.26 -1.60
N LEU C 310 -2.38 -44.25 -2.35
CA LEU C 310 -1.96 -45.65 -2.16
C LEU C 310 -1.83 -46.48 -3.43
N THR C 311 -1.11 -47.58 -3.29
CA THR C 311 -0.90 -48.51 -4.38
C THR C 311 -1.52 -49.87 -4.04
N ALA C 312 -1.95 -50.59 -5.08
CA ALA C 312 -2.56 -51.90 -4.92
C ALA C 312 -2.05 -52.89 -5.96
N VAL C 313 -1.81 -54.13 -5.53
CA VAL C 313 -1.32 -55.17 -6.42
C VAL C 313 -2.38 -55.58 -7.44
N ASP C 314 -3.63 -55.67 -6.99
CA ASP C 314 -4.71 -56.05 -7.88
C ASP C 314 -6.04 -55.45 -7.39
N ASP C 315 -7.10 -55.60 -8.16
CA ASP C 315 -8.40 -55.05 -7.78
C ASP C 315 -8.85 -55.42 -6.38
N LEU C 316 -8.70 -56.70 -6.01
CA LEU C 316 -9.12 -57.12 -4.68
C LEU C 316 -8.44 -56.30 -3.59
N ALA C 317 -7.11 -56.17 -3.65
CA ALA C 317 -6.38 -55.41 -2.63
C ALA C 317 -6.91 -53.98 -2.59
N GLY C 318 -7.14 -53.40 -3.76
CA GLY C 318 -7.66 -52.05 -3.84
C GLY C 318 -8.96 -51.88 -3.08
N VAL C 319 -9.90 -52.79 -3.30
CA VAL C 319 -11.20 -52.77 -2.64
C VAL C 319 -11.00 -52.93 -1.12
N GLU C 320 -10.03 -53.74 -0.72
CA GLU C 320 -9.80 -53.91 0.70
C GLU C 320 -9.33 -52.60 1.30
N LYS C 321 -8.41 -51.93 0.63
CA LYS C 321 -7.91 -50.64 1.13
C LYS C 321 -9.05 -49.63 1.21
N ILE C 322 -9.93 -49.61 0.21
CA ILE C 322 -11.05 -48.69 0.24
C ILE C 322 -11.89 -48.97 1.48
N VAL C 323 -12.24 -50.25 1.67
CA VAL C 323 -13.05 -50.67 2.81
C VAL C 323 -12.36 -50.33 4.12
N GLU C 324 -11.05 -50.51 4.18
CA GLU C 324 -10.34 -50.20 5.42
C GLU C 324 -10.38 -48.70 5.68
N TRP C 325 -10.14 -47.92 4.64
CA TRP C 325 -10.15 -46.47 4.75
C TRP C 325 -11.52 -46.00 5.28
N MET C 326 -12.59 -46.61 4.79
CA MET C 326 -13.93 -46.24 5.24
C MET C 326 -14.21 -46.58 6.70
N SER C 327 -13.42 -47.48 7.28
CA SER C 327 -13.68 -47.87 8.67
C SER C 327 -13.45 -46.72 9.65
N TYR C 328 -12.80 -45.64 9.20
CA TYR C 328 -12.57 -44.50 10.08
C TYR C 328 -13.56 -43.38 9.80
N VAL C 329 -14.35 -43.54 8.75
CA VAL C 329 -15.26 -42.50 8.33
C VAL C 329 -16.72 -42.66 8.74
N PRO C 330 -17.38 -41.55 9.12
CA PRO C 330 -18.79 -41.65 9.53
C PRO C 330 -19.61 -42.32 8.42
N ALA C 331 -20.71 -42.96 8.82
CA ALA C 331 -21.60 -43.64 7.89
C ALA C 331 -22.12 -42.64 6.87
N LYS C 332 -22.41 -41.43 7.32
CA LYS C 332 -22.89 -40.37 6.44
C LYS C 332 -22.52 -39.01 7.01
N ARG C 333 -22.54 -38.00 6.16
CA ARG C 333 -22.21 -36.65 6.56
C ARG C 333 -22.84 -36.23 7.88
N ASN C 334 -22.03 -35.60 8.73
CA ASN C 334 -22.44 -35.10 10.03
C ASN C 334 -22.73 -36.12 11.13
N MET C 335 -22.51 -37.40 10.86
CA MET C 335 -22.71 -38.38 11.91
C MET C 335 -21.43 -38.44 12.75
N PRO C 336 -21.53 -38.94 13.98
CA PRO C 336 -20.33 -39.01 14.83
C PRO C 336 -19.27 -39.91 14.18
N VAL C 337 -18.00 -39.65 14.47
CA VAL C 337 -16.96 -40.51 13.90
C VAL C 337 -17.17 -41.93 14.46
N PRO C 338 -17.13 -42.94 13.59
CA PRO C 338 -17.32 -44.35 13.98
C PRO C 338 -16.27 -44.84 14.96
N ILE C 339 -16.70 -45.05 16.20
CA ILE C 339 -15.82 -45.53 17.26
C ILE C 339 -15.80 -47.05 17.29
N LEU C 340 -14.60 -47.63 17.26
CA LEU C 340 -14.45 -49.07 17.29
C LEU C 340 -13.32 -49.47 18.22
N GLU C 341 -13.66 -49.90 19.42
CA GLU C 341 -12.63 -50.32 20.37
C GLU C 341 -12.10 -51.70 20.03
N THR C 342 -10.82 -51.93 20.33
CA THR C 342 -10.20 -53.23 20.07
C THR C 342 -9.51 -53.73 21.33
N LYS C 343 -8.79 -54.84 21.23
CA LYS C 343 -8.10 -55.40 22.39
C LYS C 343 -7.27 -54.35 23.12
N ASP C 344 -6.74 -53.38 22.39
CA ASP C 344 -5.92 -52.33 23.01
C ASP C 344 -6.77 -51.19 23.56
N THR C 345 -7.04 -51.23 24.86
CA THR C 345 -7.84 -50.18 25.50
C THR C 345 -6.99 -48.98 25.88
N TRP C 346 -7.65 -47.88 26.20
CA TRP C 346 -6.99 -46.65 26.56
C TRP C 346 -6.15 -46.73 27.81
N ASP C 347 -6.62 -47.50 28.79
CA ASP C 347 -5.94 -47.59 30.06
C ASP C 347 -4.61 -48.34 30.08
N ARG C 348 -3.55 -47.66 29.66
CA ARG C 348 -2.22 -48.23 29.63
C ARG C 348 -1.22 -47.14 29.28
N PRO C 349 0.02 -47.26 29.75
CA PRO C 349 1.05 -46.25 29.46
C PRO C 349 1.59 -46.44 28.04
N VAL C 350 2.44 -45.54 27.59
CA VAL C 350 3.04 -45.64 26.27
C VAL C 350 4.42 -46.26 26.43
N ASP C 351 4.64 -47.41 25.80
CA ASP C 351 5.93 -48.11 25.90
C ASP C 351 7.04 -47.42 25.13
N PHE C 352 7.06 -47.59 23.82
CA PHE C 352 8.11 -46.98 23.01
C PHE C 352 8.28 -45.49 23.33
N THR C 353 9.53 -45.07 23.42
CA THR C 353 9.85 -43.67 23.72
C THR C 353 11.11 -43.25 23.00
N PRO C 354 11.05 -42.16 22.22
CA PRO C 354 12.22 -41.68 21.47
C PRO C 354 13.34 -41.21 22.41
N THR C 355 14.58 -41.21 21.92
CA THR C 355 15.73 -40.78 22.71
C THR C 355 16.43 -39.63 21.99
N ASN C 356 16.97 -38.68 22.76
CA ASN C 356 17.67 -37.52 22.18
C ASN C 356 18.81 -37.95 21.28
N ASP C 357 19.50 -39.00 21.69
CA ASP C 357 20.63 -39.51 20.93
C ASP C 357 20.37 -40.93 20.45
N GLU C 358 19.49 -41.06 19.46
CA GLU C 358 19.16 -42.36 18.90
C GLU C 358 18.09 -42.23 17.82
N THR C 359 18.44 -42.64 16.62
CA THR C 359 17.55 -42.60 15.48
C THR C 359 16.31 -43.45 15.72
N TYR C 360 15.17 -42.99 15.23
CA TYR C 360 13.92 -43.72 15.40
C TYR C 360 12.96 -43.46 14.26
N ASP C 361 11.99 -44.35 14.07
CA ASP C 361 10.98 -44.19 13.04
C ASP C 361 9.75 -43.65 13.77
N VAL C 362 9.34 -42.43 13.43
CA VAL C 362 8.19 -41.80 14.05
C VAL C 362 6.99 -42.74 14.09
N ARG C 363 6.89 -43.61 13.10
CA ARG C 363 5.80 -44.55 13.05
C ARG C 363 5.75 -45.44 14.30
N TRP C 364 6.87 -45.61 14.97
CA TRP C 364 6.90 -46.43 16.17
C TRP C 364 6.15 -45.72 17.30
N MET C 365 6.37 -44.41 17.41
CA MET C 365 5.71 -43.60 18.45
C MET C 365 4.19 -43.63 18.25
N ILE C 366 3.78 -43.75 16.99
CA ILE C 366 2.38 -43.78 16.60
C ILE C 366 1.71 -45.14 16.85
N GLU C 367 2.17 -46.17 16.17
CA GLU C 367 1.55 -47.49 16.32
C GLU C 367 2.35 -48.53 17.10
N GLY C 368 3.41 -48.10 17.78
CA GLY C 368 4.22 -49.04 18.53
C GLY C 368 5.20 -49.77 17.62
N ARG C 369 6.12 -50.52 18.22
CA ARG C 369 7.12 -51.26 17.46
C ARG C 369 7.31 -52.69 17.98
N GLU C 370 7.81 -53.57 17.14
CA GLU C 370 8.06 -54.96 17.52
C GLU C 370 9.50 -55.11 17.98
N THR C 371 9.69 -55.49 19.24
CA THR C 371 11.02 -55.67 19.80
C THR C 371 11.33 -57.16 19.93
N GLU C 372 12.62 -57.47 19.94
CA GLU C 372 13.05 -58.86 20.08
C GLU C 372 12.60 -59.41 21.43
N SER C 373 12.27 -58.51 22.35
CA SER C 373 11.84 -58.87 23.70
C SER C 373 10.37 -58.53 23.97
N GLY C 374 9.56 -58.58 22.91
CA GLY C 374 8.15 -58.26 23.05
C GLY C 374 7.73 -57.08 22.19
N PHE C 375 6.48 -56.66 22.35
CA PHE C 375 5.91 -55.55 21.58
C PHE C 375 5.75 -54.29 22.43
N GLU C 376 6.30 -53.18 21.96
CA GLU C 376 6.20 -51.91 22.67
C GLU C 376 5.04 -51.10 22.11
N TYR C 377 3.97 -50.99 22.89
CA TYR C 377 2.80 -50.24 22.46
C TYR C 377 3.14 -48.78 22.22
N GLY C 378 2.42 -48.15 21.29
CA GLY C 378 2.66 -46.75 20.98
C GLY C 378 1.53 -45.88 21.50
N LEU C 379 1.52 -44.62 21.09
CA LEU C 379 0.49 -43.69 21.52
C LEU C 379 -0.91 -44.12 21.08
N PHE C 380 -1.02 -44.73 19.91
CA PHE C 380 -2.33 -45.16 19.42
C PHE C 380 -2.54 -46.68 19.46
N ASP C 381 -3.79 -47.09 19.24
CA ASP C 381 -4.19 -48.48 19.27
C ASP C 381 -3.37 -49.35 18.32
N LYS C 382 -3.00 -50.54 18.79
CA LYS C 382 -2.22 -51.48 18.00
C LYS C 382 -2.93 -51.85 16.69
N GLY C 383 -2.16 -51.86 15.61
CA GLY C 383 -2.71 -52.21 14.30
C GLY C 383 -3.77 -51.26 13.77
N SER C 384 -3.85 -50.05 14.32
CA SER C 384 -4.86 -49.08 13.89
C SER C 384 -4.36 -48.02 12.91
N PHE C 385 -3.04 -47.87 12.83
CA PHE C 385 -2.45 -46.89 11.92
C PHE C 385 -2.61 -47.30 10.47
N PHE C 386 -3.18 -46.39 9.67
CA PHE C 386 -3.41 -46.62 8.24
C PHE C 386 -2.76 -45.46 7.46
N GLU C 387 -1.46 -45.56 7.20
CA GLU C 387 -0.71 -44.52 6.48
C GLU C 387 -1.18 -44.29 5.04
N THR C 388 -1.25 -43.02 4.62
CA THR C 388 -1.65 -42.69 3.26
C THR C 388 -0.66 -41.69 2.68
N LEU C 389 -0.64 -41.56 1.35
CA LEU C 389 0.31 -40.65 0.69
C LEU C 389 1.72 -41.00 1.15
N SER C 390 1.97 -42.30 1.30
CA SER C 390 3.24 -42.77 1.77
C SER C 390 4.35 -42.70 0.73
N GLY C 391 3.99 -42.58 -0.55
CA GLY C 391 5.01 -42.51 -1.58
C GLY C 391 5.39 -41.09 -1.95
N TRP C 392 4.87 -40.11 -1.23
CA TRP C 392 5.12 -38.70 -1.51
C TRP C 392 5.57 -37.90 -0.29
N ALA C 393 6.47 -36.94 -0.52
CA ALA C 393 6.96 -36.07 0.56
C ALA C 393 7.14 -36.81 1.88
N LYS C 394 8.00 -37.82 1.86
CA LYS C 394 8.26 -38.65 3.03
C LYS C 394 8.75 -37.90 4.28
N GLY C 395 9.01 -36.60 4.14
CA GLY C 395 9.45 -35.83 5.29
C GLY C 395 8.34 -35.72 6.33
N VAL C 396 7.11 -35.98 5.92
CA VAL C 396 5.93 -35.93 6.79
C VAL C 396 5.21 -37.27 6.70
N VAL C 397 4.65 -37.72 7.82
CA VAL C 397 3.94 -38.98 7.86
C VAL C 397 2.50 -38.73 8.23
N VAL C 398 1.58 -39.12 7.35
CA VAL C 398 0.15 -38.92 7.58
C VAL C 398 -0.63 -40.23 7.46
N GLY C 399 -1.67 -40.37 8.26
CA GLY C 399 -2.49 -41.58 8.23
C GLY C 399 -3.66 -41.44 9.19
N ARG C 400 -4.48 -42.48 9.27
CA ARG C 400 -5.60 -42.49 10.19
C ARG C 400 -5.17 -43.48 11.28
N ALA C 401 -5.72 -43.31 12.49
CA ALA C 401 -5.42 -44.20 13.61
C ALA C 401 -6.61 -44.14 14.55
N ARG C 402 -6.51 -44.81 15.69
CA ARG C 402 -7.57 -44.80 16.69
C ARG C 402 -6.96 -44.64 18.08
N LEU C 403 -7.65 -43.92 18.95
CA LEU C 403 -7.20 -43.67 20.31
C LEU C 403 -8.26 -44.23 21.24
N GLY C 404 -7.98 -45.43 21.78
CA GLY C 404 -8.92 -46.08 22.67
C GLY C 404 -10.22 -46.35 21.92
N GLY C 405 -10.10 -46.49 20.60
CA GLY C 405 -11.27 -46.74 19.77
C GLY C 405 -11.67 -45.52 18.94
N ILE C 406 -11.29 -44.33 19.38
CA ILE C 406 -11.66 -43.10 18.66
C ILE C 406 -10.83 -42.89 17.39
N PRO C 407 -11.49 -42.76 16.23
CA PRO C 407 -10.76 -42.56 14.98
C PRO C 407 -10.30 -41.11 14.83
N LEU C 408 -9.15 -40.92 14.17
CA LEU C 408 -8.64 -39.57 13.95
C LEU C 408 -7.51 -39.58 12.93
N GLY C 409 -7.22 -38.40 12.38
CA GLY C 409 -6.15 -38.25 11.44
C GLY C 409 -4.91 -37.90 12.22
N VAL C 410 -3.77 -38.44 11.81
CA VAL C 410 -2.52 -38.18 12.50
C VAL C 410 -1.47 -37.68 11.52
N ILE C 411 -0.58 -36.83 12.02
CA ILE C 411 0.49 -36.28 11.22
C ILE C 411 1.74 -36.31 12.08
N GLY C 412 2.76 -37.01 11.61
CA GLY C 412 3.99 -37.10 12.35
C GLY C 412 5.15 -36.58 11.52
N VAL C 413 6.27 -36.28 12.16
CA VAL C 413 7.41 -35.76 11.45
C VAL C 413 8.53 -36.77 11.35
N GLU C 414 9.00 -37.01 10.13
CA GLU C 414 10.09 -37.94 9.88
C GLU C 414 11.37 -37.27 10.32
N THR C 415 12.11 -37.92 11.21
CA THR C 415 13.37 -37.35 11.69
C THR C 415 14.51 -37.70 10.73
N ARG C 416 14.45 -38.92 10.17
CA ARG C 416 15.46 -39.38 9.22
C ARG C 416 15.45 -38.61 7.91
N THR C 417 16.62 -38.24 7.42
CA THR C 417 16.71 -37.52 6.16
C THR C 417 16.11 -38.36 5.05
N VAL C 418 15.47 -37.71 4.08
CA VAL C 418 14.83 -38.40 2.96
C VAL C 418 15.63 -38.24 1.67
N GLU C 419 15.79 -39.35 0.95
CA GLU C 419 16.51 -39.40 -0.31
C GLU C 419 15.51 -39.39 -1.46
N ASN C 420 15.06 -38.20 -1.86
CA ASN C 420 14.09 -38.07 -2.93
C ASN C 420 14.78 -38.19 -4.29
N LEU C 421 14.55 -39.30 -4.98
CA LEU C 421 15.17 -39.55 -6.28
C LEU C 421 14.21 -39.22 -7.43
N ILE C 422 14.52 -38.14 -8.16
CA ILE C 422 13.69 -37.73 -9.29
C ILE C 422 14.19 -38.32 -10.61
N PRO C 423 13.28 -38.88 -11.42
CA PRO C 423 13.61 -39.50 -12.71
C PRO C 423 14.22 -38.47 -13.65
N ALA C 424 14.44 -38.88 -14.90
CA ALA C 424 15.02 -38.01 -15.90
C ALA C 424 14.02 -37.79 -17.04
N ASP C 425 13.76 -36.54 -17.39
CA ASP C 425 12.82 -36.23 -18.46
C ASP C 425 13.25 -36.94 -19.76
N PRO C 426 12.50 -37.97 -20.18
CA PRO C 426 12.80 -38.72 -21.41
C PRO C 426 12.93 -37.84 -22.64
N ALA C 427 11.98 -36.92 -22.82
CA ALA C 427 11.97 -36.03 -23.96
C ALA C 427 13.11 -35.01 -23.92
N ASN C 428 13.98 -35.15 -22.92
CA ASN C 428 15.10 -34.24 -22.78
C ASN C 428 16.41 -35.00 -22.80
N PRO C 429 17.14 -34.96 -23.92
CA PRO C 429 18.42 -35.66 -24.09
C PRO C 429 19.45 -35.38 -22.97
N ASN C 430 19.56 -34.11 -22.59
CA ASN C 430 20.48 -33.66 -21.54
C ASN C 430 19.82 -33.71 -20.15
N SER C 431 19.13 -34.81 -19.88
CA SER C 431 18.44 -35.00 -18.60
C SER C 431 18.87 -36.29 -17.92
N ALA C 432 19.28 -36.16 -16.66
CA ALA C 432 19.70 -37.33 -15.89
C ALA C 432 18.98 -37.30 -14.55
N GLU C 433 18.75 -38.48 -13.97
CA GLU C 433 18.07 -38.57 -12.70
C GLU C 433 18.79 -37.75 -11.64
N THR C 434 18.02 -37.16 -10.73
CA THR C 434 18.58 -36.33 -9.66
C THR C 434 18.23 -36.89 -8.28
N LEU C 435 19.11 -36.62 -7.32
CA LEU C 435 18.91 -37.07 -5.95
C LEU C 435 18.78 -35.85 -5.03
N ILE C 436 17.61 -35.68 -4.45
CA ILE C 436 17.38 -34.56 -3.56
C ILE C 436 17.42 -35.05 -2.11
N GLN C 437 18.28 -34.42 -1.31
CA GLN C 437 18.44 -34.74 0.09
C GLN C 437 17.41 -33.89 0.84
N GLU C 438 16.50 -34.53 1.58
CA GLU C 438 15.51 -33.75 2.33
C GLU C 438 15.75 -33.95 3.82
N PRO C 439 16.31 -32.94 4.49
CA PRO C 439 16.60 -32.99 5.94
C PRO C 439 15.33 -33.21 6.77
N GLY C 440 15.45 -34.03 7.79
CA GLY C 440 14.32 -34.31 8.65
C GLY C 440 13.93 -33.11 9.49
N GLN C 441 12.71 -33.15 10.03
CA GLN C 441 12.19 -32.06 10.87
C GLN C 441 12.27 -30.68 10.23
N VAL C 442 12.45 -30.66 8.90
CA VAL C 442 12.51 -29.39 8.19
C VAL C 442 11.47 -29.40 7.08
N TRP C 443 10.62 -28.37 7.05
CA TRP C 443 9.60 -28.28 6.01
C TRP C 443 10.19 -27.91 4.65
N HIS C 444 9.63 -28.50 3.60
CA HIS C 444 10.04 -28.23 2.22
C HIS C 444 8.73 -28.05 1.45
N PRO C 445 8.80 -27.47 0.24
CA PRO C 445 7.58 -27.28 -0.54
C PRO C 445 6.67 -28.51 -0.59
N ASN C 446 7.25 -29.68 -0.88
CA ASN C 446 6.44 -30.88 -0.94
C ASN C 446 5.86 -31.28 0.43
N SER C 447 6.70 -31.42 1.44
CA SER C 447 6.17 -31.82 2.73
C SER C 447 5.20 -30.79 3.31
N ALA C 448 5.30 -29.52 2.90
CA ALA C 448 4.36 -28.51 3.41
C ALA C 448 3.01 -28.71 2.72
N PHE C 449 3.06 -28.94 1.41
CA PHE C 449 1.88 -29.20 0.59
C PHE C 449 1.17 -30.45 1.14
N LYS C 450 1.95 -31.48 1.45
CA LYS C 450 1.39 -32.72 1.96
C LYS C 450 0.68 -32.47 3.28
N THR C 451 1.33 -31.74 4.17
CA THR C 451 0.73 -31.41 5.46
C THR C 451 -0.66 -30.77 5.25
N ALA C 452 -0.74 -29.74 4.40
CA ALA C 452 -2.01 -29.06 4.14
C ALA C 452 -3.04 -29.99 3.52
N GLN C 453 -2.60 -30.83 2.59
CA GLN C 453 -3.47 -31.75 1.90
C GLN C 453 -4.03 -32.77 2.89
N ALA C 454 -3.19 -33.22 3.82
CA ALA C 454 -3.63 -34.18 4.82
C ALA C 454 -4.72 -33.54 5.69
N ILE C 455 -4.47 -32.31 6.13
CA ILE C 455 -5.42 -31.57 6.96
C ILE C 455 -6.77 -31.43 6.23
N ASN C 456 -6.73 -31.02 4.97
CA ASN C 456 -7.96 -30.87 4.21
C ASN C 456 -8.70 -32.19 3.99
N ASP C 457 -7.96 -33.27 3.71
CA ASP C 457 -8.58 -34.57 3.49
C ASP C 457 -9.16 -35.13 4.80
N PHE C 458 -8.59 -34.76 5.96
CA PHE C 458 -9.12 -35.23 7.23
C PHE C 458 -10.42 -34.49 7.51
N ASN C 459 -10.46 -33.22 7.14
CA ASN C 459 -11.59 -32.35 7.39
C ASN C 459 -12.78 -32.54 6.44
N ASN C 460 -12.54 -32.62 5.14
CA ASN C 460 -13.64 -32.79 4.19
C ASN C 460 -14.00 -34.29 4.05
N GLY C 461 -15.29 -34.58 4.07
CA GLY C 461 -15.77 -35.96 3.93
C GLY C 461 -15.43 -36.87 5.09
N GLU C 462 -14.17 -36.85 5.50
CA GLU C 462 -13.75 -37.70 6.61
C GLU C 462 -14.27 -37.12 7.93
N GLN C 463 -14.35 -35.79 8.02
CA GLN C 463 -14.83 -35.06 9.21
C GLN C 463 -14.23 -35.61 10.50
N LEU C 464 -12.97 -35.99 10.43
CA LEU C 464 -12.25 -36.56 11.56
C LEU C 464 -11.51 -35.56 12.45
N PRO C 465 -11.31 -35.93 13.72
CA PRO C 465 -10.59 -35.04 14.64
C PRO C 465 -9.14 -35.23 14.16
N MET C 466 -8.23 -34.41 14.66
CA MET C 466 -6.84 -34.55 14.23
C MET C 466 -5.79 -34.28 15.30
N MET C 467 -4.68 -35.02 15.26
CA MET C 467 -3.56 -34.78 16.19
C MET C 467 -2.31 -34.61 15.33
N ILE C 468 -1.52 -33.59 15.65
CA ILE C 468 -0.29 -33.36 14.91
C ILE C 468 0.87 -33.44 15.90
N LEU C 469 1.78 -34.39 15.71
CA LEU C 469 2.95 -34.49 16.58
C LEU C 469 3.95 -33.46 16.04
N ALA C 470 3.69 -32.17 16.30
CA ALA C 470 4.54 -31.09 15.83
C ALA C 470 5.99 -31.30 16.25
N ASN C 471 6.90 -31.33 15.28
CA ASN C 471 8.31 -31.54 15.57
C ASN C 471 9.17 -31.08 14.38
N TRP C 472 9.09 -29.79 14.09
CA TRP C 472 9.79 -29.16 12.97
C TRP C 472 10.77 -28.07 13.45
N ARG C 473 11.95 -28.02 12.84
CA ARG C 473 12.92 -26.99 13.20
C ARG C 473 12.52 -25.72 12.49
N GLY C 474 11.70 -25.88 11.45
CA GLY C 474 11.23 -24.73 10.70
C GLY C 474 11.09 -24.97 9.21
N PHE C 475 10.98 -23.86 8.47
CA PHE C 475 10.84 -23.88 7.03
C PHE C 475 12.19 -23.64 6.35
N SER C 476 12.51 -24.44 5.35
CA SER C 476 13.75 -24.29 4.61
C SER C 476 13.75 -22.97 3.84
N GLY C 477 14.64 -22.05 4.22
CA GLY C 477 14.71 -20.77 3.56
C GLY C 477 15.76 -20.66 2.49
N GLY C 478 16.20 -21.81 1.98
CA GLY C 478 17.21 -21.83 0.94
C GLY C 478 16.65 -21.26 -0.35
N GLN C 479 17.55 -20.86 -1.23
CA GLN C 479 17.13 -20.30 -2.51
C GLN C 479 16.24 -21.22 -3.33
N ARG C 480 16.66 -22.48 -3.43
CA ARG C 480 15.90 -23.46 -4.21
C ARG C 480 14.47 -23.62 -3.68
N ASP C 481 14.34 -23.92 -2.39
CA ASP C 481 13.02 -24.10 -1.76
C ASP C 481 12.19 -22.82 -1.76
N MET C 482 12.84 -21.66 -1.61
CA MET C 482 12.10 -20.41 -1.64
C MET C 482 11.64 -20.20 -3.08
N PHE C 483 12.49 -20.58 -4.03
CA PHE C 483 12.14 -20.43 -5.44
C PHE C 483 11.00 -21.40 -5.77
N ASN C 484 10.98 -22.56 -5.14
CA ASN C 484 9.89 -23.51 -5.39
C ASN C 484 8.61 -23.16 -4.65
N GLU C 485 8.51 -21.91 -4.21
CA GLU C 485 7.30 -21.39 -3.56
C GLU C 485 6.91 -21.95 -2.20
N ILE C 486 7.90 -22.27 -1.38
CA ILE C 486 7.64 -22.80 -0.04
C ILE C 486 6.60 -21.93 0.69
N LEU C 487 6.68 -20.62 0.55
CA LEU C 487 5.74 -19.72 1.20
C LEU C 487 4.28 -19.99 0.80
N LYS C 488 4.07 -20.38 -0.45
CA LYS C 488 2.70 -20.64 -0.91
C LYS C 488 2.12 -21.87 -0.22
N TYR C 489 2.94 -22.93 -0.12
CA TYR C 489 2.48 -24.17 0.47
C TYR C 489 2.40 -24.08 1.98
N GLY C 490 3.27 -23.29 2.56
CA GLY C 490 3.24 -23.10 4.00
C GLY C 490 1.91 -22.44 4.34
N SER C 491 1.53 -21.45 3.56
CA SER C 491 0.27 -20.76 3.80
C SER C 491 -0.95 -21.68 3.64
N PHE C 492 -0.83 -22.73 2.82
CA PHE C 492 -1.94 -23.66 2.62
C PHE C 492 -2.26 -24.34 3.95
N ILE C 493 -1.22 -24.59 4.74
CA ILE C 493 -1.41 -25.24 6.04
C ILE C 493 -2.30 -24.34 6.91
N VAL C 494 -2.03 -23.04 6.90
CA VAL C 494 -2.81 -22.09 7.68
C VAL C 494 -4.26 -22.13 7.20
N ASP C 495 -4.47 -22.00 5.89
CA ASP C 495 -5.83 -22.03 5.34
C ASP C 495 -6.55 -23.31 5.77
N ALA C 496 -5.87 -24.45 5.68
CA ALA C 496 -6.48 -25.73 6.06
C ALA C 496 -6.87 -25.76 7.54
N LEU C 497 -6.03 -25.20 8.38
CA LEU C 497 -6.31 -25.17 9.81
C LEU C 497 -7.50 -24.26 10.06
N VAL C 498 -7.55 -23.13 9.37
CA VAL C 498 -8.65 -22.20 9.53
C VAL C 498 -10.00 -22.87 9.24
N ASP C 499 -10.01 -23.73 8.24
CA ASP C 499 -11.22 -24.43 7.82
C ASP C 499 -11.61 -25.66 8.64
N TYR C 500 -10.70 -26.13 9.48
CA TYR C 500 -10.99 -27.33 10.26
C TYR C 500 -12.23 -27.20 11.13
N LYS C 501 -13.13 -28.17 11.01
CA LYS C 501 -14.39 -28.16 11.77
C LYS C 501 -14.46 -29.16 12.93
N GLN C 502 -13.36 -29.82 13.26
CA GLN C 502 -13.37 -30.77 14.38
C GLN C 502 -12.18 -30.56 15.32
N PRO C 503 -12.25 -31.12 16.54
CA PRO C 503 -11.17 -30.99 17.53
C PRO C 503 -9.78 -31.27 16.97
N ILE C 504 -8.85 -30.37 17.28
CA ILE C 504 -7.46 -30.53 16.85
C ILE C 504 -6.57 -30.51 18.07
N ILE C 505 -5.57 -31.38 18.07
CA ILE C 505 -4.62 -31.44 19.16
C ILE C 505 -3.20 -31.34 18.59
N ILE C 506 -2.46 -30.32 19.02
CA ILE C 506 -1.07 -30.16 18.58
C ILE C 506 -0.23 -30.61 19.77
N TYR C 507 0.61 -31.61 19.57
CA TYR C 507 1.43 -32.16 20.63
C TYR C 507 2.91 -32.29 20.26
N ILE C 508 3.77 -31.52 20.93
CA ILE C 508 5.21 -31.59 20.69
C ILE C 508 5.70 -32.78 21.50
N PRO C 509 6.01 -33.89 20.81
CA PRO C 509 6.47 -35.11 21.47
C PRO C 509 7.82 -34.98 22.17
N PRO C 510 8.23 -36.02 22.90
CA PRO C 510 9.53 -35.98 23.59
C PRO C 510 10.63 -35.85 22.55
N THR C 511 11.70 -35.15 22.91
CA THR C 511 12.83 -34.92 22.02
C THR C 511 12.37 -34.05 20.85
N GLY C 512 11.12 -33.62 20.91
CA GLY C 512 10.58 -32.78 19.85
C GLY C 512 10.87 -31.32 20.06
N GLU C 513 10.62 -30.52 19.03
CA GLU C 513 10.85 -29.08 19.12
C GLU C 513 9.96 -28.36 18.12
N LEU C 514 9.78 -27.06 18.35
CA LEU C 514 8.97 -26.25 17.49
C LEU C 514 9.52 -24.85 17.58
N ARG C 515 10.23 -24.42 16.54
CA ARG C 515 10.84 -23.10 16.52
C ARG C 515 9.91 -22.00 15.99
N GLY C 516 10.29 -20.74 16.22
CA GLY C 516 9.49 -19.62 15.77
C GLY C 516 9.14 -19.65 14.30
N GLY C 517 9.92 -20.41 13.53
CA GLY C 517 9.64 -20.49 12.11
C GLY C 517 8.50 -21.45 11.80
N SER C 518 8.40 -22.52 12.59
CA SER C 518 7.37 -23.52 12.39
C SER C 518 6.15 -23.30 13.26
N TRP C 519 6.34 -22.61 14.36
CA TRP C 519 5.26 -22.33 15.28
C TRP C 519 4.18 -21.50 14.58
N VAL C 520 4.61 -20.62 13.68
CA VAL C 520 3.67 -19.77 12.97
C VAL C 520 2.52 -20.51 12.29
N VAL C 521 2.78 -21.66 11.66
CA VAL C 521 1.71 -22.39 10.99
C VAL C 521 0.95 -23.43 11.82
N VAL C 522 1.32 -23.61 13.08
CA VAL C 522 0.61 -24.57 13.92
C VAL C 522 0.14 -23.98 15.24
N ASP C 523 0.21 -22.66 15.37
CA ASP C 523 -0.22 -22.02 16.60
C ASP C 523 -1.75 -22.09 16.74
N PRO C 524 -2.25 -22.65 17.85
CA PRO C 524 -3.69 -22.79 18.14
C PRO C 524 -4.48 -21.52 17.92
N THR C 525 -3.78 -20.40 17.96
CA THR C 525 -4.42 -19.10 17.79
C THR C 525 -4.97 -18.94 16.38
N ILE C 526 -4.51 -19.79 15.46
CA ILE C 526 -4.94 -19.78 14.08
C ILE C 526 -6.43 -20.12 14.02
N ASN C 527 -6.83 -21.04 14.88
CA ASN C 527 -8.20 -21.51 14.96
C ASN C 527 -8.46 -21.90 16.42
N ALA C 528 -8.68 -20.90 17.26
CA ALA C 528 -8.92 -21.09 18.69
C ALA C 528 -10.10 -22.01 18.96
N ASP C 529 -11.11 -21.94 18.10
CA ASP C 529 -12.27 -22.78 18.30
C ASP C 529 -11.96 -24.28 18.34
N GLN C 530 -11.01 -24.75 17.52
CA GLN C 530 -10.72 -26.17 17.49
C GLN C 530 -9.33 -26.61 17.92
N MET C 531 -8.40 -25.68 17.98
CA MET C 531 -7.03 -26.03 18.30
C MET C 531 -6.61 -25.83 19.75
N GLU C 532 -5.73 -26.72 20.21
CA GLU C 532 -5.16 -26.70 21.55
C GLU C 532 -3.76 -27.27 21.40
N MET C 533 -2.79 -26.70 22.10
CA MET C 533 -1.43 -27.23 21.97
C MET C 533 -0.92 -27.77 23.29
N TYR C 534 -0.12 -28.84 23.21
CA TYR C 534 0.46 -29.46 24.40
C TYR C 534 1.94 -29.75 24.15
N ALA C 535 2.78 -29.47 25.14
CA ALA C 535 4.21 -29.73 25.01
C ALA C 535 4.64 -30.77 26.04
N ASP C 536 5.46 -31.73 25.61
CA ASP C 536 5.95 -32.76 26.51
C ASP C 536 6.98 -32.10 27.42
N VAL C 537 7.14 -32.63 28.64
CA VAL C 537 8.11 -32.07 29.57
C VAL C 537 9.51 -32.26 29.02
N ASN C 538 9.69 -33.24 28.14
CA ASN C 538 10.98 -33.55 27.52
C ASN C 538 11.05 -33.08 26.08
N ALA C 539 10.71 -31.82 25.84
CA ALA C 539 10.73 -31.27 24.50
C ALA C 539 11.57 -30.00 24.46
N ARG C 540 11.21 -29.09 23.56
CA ARG C 540 11.93 -27.82 23.40
C ARG C 540 11.13 -26.87 22.50
N ALA C 541 10.68 -25.75 23.06
CA ALA C 541 9.91 -24.78 22.31
C ALA C 541 10.33 -23.34 22.57
N GLY C 542 10.81 -22.67 21.52
CA GLY C 542 11.24 -21.30 21.64
C GLY C 542 11.43 -20.66 20.27
N VAL C 543 11.48 -19.33 20.23
CA VAL C 543 11.67 -18.59 18.98
C VAL C 543 13.00 -18.98 18.31
N LEU C 544 14.03 -19.23 19.14
CA LEU C 544 15.36 -19.60 18.65
C LEU C 544 15.88 -20.88 19.29
N GLU C 545 16.75 -21.59 18.58
CA GLU C 545 17.35 -22.84 19.07
C GLU C 545 18.28 -22.51 20.25
N PRO C 546 18.28 -23.36 21.30
CA PRO C 546 19.14 -23.13 22.47
C PRO C 546 20.59 -22.83 22.11
N ASP C 617 13.57 -21.90 26.33
CA ASP C 617 12.78 -22.73 25.42
C ASP C 617 12.15 -23.90 26.18
N ARG C 618 11.94 -23.72 27.49
CA ARG C 618 11.36 -24.77 28.34
C ARG C 618 9.84 -24.83 28.24
N SER C 619 9.30 -26.01 28.50
CA SER C 619 7.85 -26.24 28.44
C SER C 619 7.09 -25.40 29.47
N SER C 620 7.62 -25.34 30.69
CA SER C 620 6.99 -24.58 31.78
C SER C 620 6.98 -23.08 31.49
N ARG C 621 7.91 -22.64 30.66
CA ARG C 621 8.03 -21.23 30.30
C ARG C 621 6.80 -20.86 29.48
N MET C 622 6.28 -21.83 28.73
CA MET C 622 5.10 -21.62 27.89
C MET C 622 3.80 -21.63 28.72
N VAL C 623 3.75 -22.54 29.70
CA VAL C 623 2.58 -22.67 30.57
C VAL C 623 2.35 -21.36 31.34
N ALA C 624 3.45 -20.69 31.69
CA ALA C 624 3.39 -19.43 32.43
C ALA C 624 2.82 -18.32 31.55
N LYS C 625 3.28 -18.28 30.30
CA LYS C 625 2.83 -17.29 29.33
C LYS C 625 1.35 -17.51 28.97
N GLY C 626 1.01 -18.72 28.55
CA GLY C 626 -0.36 -19.04 28.18
C GLY C 626 -0.52 -19.41 26.72
N VAL C 627 0.56 -19.90 26.11
CA VAL C 627 0.55 -20.30 24.70
C VAL C 627 0.13 -21.76 24.53
N ILE C 628 0.52 -22.61 25.47
CA ILE C 628 0.15 -24.02 25.40
C ILE C 628 -0.91 -24.28 26.47
N SER C 629 -1.62 -25.39 26.32
CA SER C 629 -2.68 -25.77 27.27
C SER C 629 -2.14 -26.44 28.53
N LYS C 630 -1.10 -27.25 28.39
CA LYS C 630 -0.54 -27.95 29.54
C LYS C 630 0.67 -28.79 29.16
N GLU C 631 1.50 -29.08 30.15
CA GLU C 631 2.67 -29.93 29.93
C GLU C 631 2.19 -31.36 30.14
N LEU C 632 2.73 -32.30 29.36
CA LEU C 632 2.33 -33.69 29.47
C LEU C 632 3.53 -34.62 29.46
N GLU C 633 3.32 -35.83 29.97
CA GLU C 633 4.37 -36.83 30.00
C GLU C 633 4.04 -37.94 29.02
N TRP C 634 4.91 -38.12 28.04
CA TRP C 634 4.73 -39.14 27.01
C TRP C 634 4.09 -40.42 27.49
N THR C 635 4.54 -40.92 28.64
CA THR C 635 4.02 -42.18 29.19
C THR C 635 2.51 -42.16 29.42
N GLU C 636 1.99 -41.05 29.92
CA GLU C 636 0.57 -40.91 30.21
C GLU C 636 -0.22 -40.23 29.09
N ALA C 637 0.47 -39.88 28.01
CA ALA C 637 -0.14 -39.20 26.87
C ALA C 637 -1.36 -39.91 26.29
N ARG C 638 -1.31 -41.24 26.24
CA ARG C 638 -2.43 -41.99 25.70
C ARG C 638 -3.67 -41.86 26.57
N ARG C 639 -3.47 -41.92 27.89
CA ARG C 639 -4.58 -41.83 28.82
C ARG C 639 -5.19 -40.44 28.83
N PHE C 640 -4.34 -39.42 28.91
CA PHE C 640 -4.81 -38.05 28.93
C PHE C 640 -5.58 -37.67 27.66
N PHE C 641 -4.97 -37.89 26.51
CA PHE C 641 -5.61 -37.56 25.23
C PHE C 641 -6.90 -38.31 24.97
N PHE C 642 -6.96 -39.58 25.37
CA PHE C 642 -8.18 -40.34 25.14
C PHE C 642 -9.38 -39.63 25.76
N TRP C 643 -9.25 -39.24 27.03
CA TRP C 643 -10.34 -38.56 27.70
C TRP C 643 -10.49 -37.14 27.20
N ARG C 644 -9.39 -36.47 26.94
CA ARG C 644 -9.48 -35.10 26.46
C ARG C 644 -10.31 -35.07 25.17
N LEU C 645 -9.92 -35.89 24.19
CA LEU C 645 -10.62 -35.94 22.93
C LEU C 645 -12.08 -36.36 23.09
N ARG C 646 -12.31 -37.37 23.92
CA ARG C 646 -13.65 -37.88 24.15
C ARG C 646 -14.51 -36.78 24.77
N ARG C 647 -13.91 -36.03 25.68
CA ARG C 647 -14.64 -34.94 26.30
C ARG C 647 -14.95 -33.88 25.24
N ARG C 648 -13.94 -33.51 24.46
CA ARG C 648 -14.11 -32.53 23.41
C ARG C 648 -15.20 -32.93 22.42
N LEU C 649 -15.17 -34.17 21.94
CA LEU C 649 -16.19 -34.61 21.01
C LEU C 649 -17.58 -34.48 21.64
N ASN C 650 -17.68 -34.71 22.94
CA ASN C 650 -18.97 -34.59 23.59
C ASN C 650 -19.46 -33.17 23.67
N GLU C 651 -18.56 -32.24 23.99
CA GLU C 651 -19.00 -30.85 24.07
C GLU C 651 -19.31 -30.28 22.67
N GLU C 652 -18.54 -30.68 21.66
CA GLU C 652 -18.79 -30.21 20.29
C GLU C 652 -20.20 -30.58 19.85
N TYR C 653 -20.56 -31.83 20.09
CA TYR C 653 -21.88 -32.33 19.73
C TYR C 653 -22.94 -31.44 20.38
N LEU C 654 -22.73 -31.08 21.64
CA LEU C 654 -23.66 -30.22 22.33
C LEU C 654 -23.70 -28.84 21.70
N ILE C 655 -22.55 -28.33 21.30
CA ILE C 655 -22.52 -27.00 20.69
C ILE C 655 -23.30 -26.99 19.38
N LYS C 656 -23.18 -28.04 18.58
CA LYS C 656 -23.92 -28.09 17.32
C LYS C 656 -25.42 -28.13 17.54
N ARG C 657 -25.89 -29.05 18.37
CA ARG C 657 -27.32 -29.16 18.63
C ARG C 657 -27.83 -27.83 19.15
N LEU C 658 -26.95 -27.05 19.74
CA LEU C 658 -27.33 -25.76 20.29
C LEU C 658 -27.23 -24.67 19.24
N SER C 659 -26.31 -24.86 18.29
CA SER C 659 -26.10 -23.89 17.21
C SER C 659 -27.20 -23.95 16.19
N HIS C 660 -27.74 -25.15 15.98
CA HIS C 660 -28.81 -25.35 15.02
C HIS C 660 -30.14 -24.78 15.51
N GLN C 661 -30.08 -23.85 16.45
CA GLN C 661 -31.29 -23.22 16.97
C GLN C 661 -31.53 -21.89 16.29
N VAL C 662 -32.80 -21.52 16.13
CA VAL C 662 -33.17 -20.26 15.50
C VAL C 662 -32.54 -19.14 16.32
N GLY C 663 -31.81 -18.26 15.65
CA GLY C 663 -31.13 -17.19 16.34
C GLY C 663 -29.66 -17.54 16.36
N GLU C 664 -28.80 -16.53 16.45
CA GLU C 664 -27.36 -16.78 16.45
C GLU C 664 -26.70 -16.36 17.77
N ALA C 665 -25.50 -16.87 18.01
CA ALA C 665 -24.75 -16.57 19.23
C ALA C 665 -23.31 -17.05 19.09
N SER C 666 -22.38 -16.36 19.75
CA SER C 666 -20.98 -16.75 19.66
C SER C 666 -20.76 -18.14 20.23
N ARG C 667 -19.60 -18.70 19.91
CA ARG C 667 -19.27 -20.03 20.40
C ARG C 667 -18.96 -19.93 21.89
N LEU C 668 -18.48 -18.76 22.31
CA LEU C 668 -18.14 -18.57 23.71
C LEU C 668 -19.42 -18.63 24.55
N GLU C 669 -20.53 -18.18 23.97
CA GLU C 669 -21.81 -18.18 24.65
C GLU C 669 -22.47 -19.55 24.67
N LYS C 670 -22.26 -20.32 23.61
CA LYS C 670 -22.84 -21.66 23.53
C LYS C 670 -22.21 -22.62 24.55
N ILE C 671 -20.88 -22.60 24.67
CA ILE C 671 -20.21 -23.47 25.63
C ILE C 671 -20.55 -23.06 27.05
N ALA C 672 -20.60 -21.76 27.29
CA ALA C 672 -20.93 -21.23 28.61
C ALA C 672 -22.29 -21.81 29.05
N ARG C 673 -23.28 -21.72 28.18
CA ARG C 673 -24.60 -22.24 28.46
C ARG C 673 -24.51 -23.73 28.77
N ILE C 674 -23.93 -24.47 27.82
CA ILE C 674 -23.78 -25.92 27.98
C ILE C 674 -23.12 -26.28 29.30
N ARG C 675 -21.99 -25.65 29.58
CA ARG C 675 -21.28 -25.94 30.80
C ARG C 675 -22.04 -25.55 32.07
N SER C 676 -23.07 -24.71 31.92
CA SER C 676 -23.86 -24.29 33.07
C SER C 676 -24.88 -25.38 33.41
N TRP C 677 -24.96 -26.39 32.57
CA TRP C 677 -25.88 -27.49 32.80
C TRP C 677 -25.20 -28.59 33.60
N TYR C 678 -23.87 -28.54 33.68
CA TYR C 678 -23.13 -29.53 34.42
C TYR C 678 -23.45 -29.36 35.91
N PRO C 679 -23.49 -30.47 36.66
CA PRO C 679 -23.77 -30.40 38.09
C PRO C 679 -22.74 -29.53 38.80
N ALA C 680 -23.19 -28.77 39.80
CA ALA C 680 -22.29 -27.89 40.54
C ALA C 680 -21.02 -28.59 41.03
N SER C 681 -21.13 -29.87 41.36
CA SER C 681 -19.96 -30.59 41.87
C SER C 681 -19.00 -31.10 40.80
N VAL C 682 -19.39 -30.97 39.54
CA VAL C 682 -18.53 -31.41 38.46
C VAL C 682 -17.41 -30.42 38.19
N ASP C 683 -16.19 -30.93 38.06
CA ASP C 683 -15.04 -30.08 37.79
C ASP C 683 -14.86 -29.94 36.27
N HIS C 684 -15.11 -28.74 35.77
CA HIS C 684 -15.00 -28.47 34.34
C HIS C 684 -13.66 -28.86 33.75
N GLU C 685 -12.60 -28.78 34.56
CA GLU C 685 -11.28 -29.13 34.08
C GLU C 685 -11.10 -30.64 33.99
N ASP C 686 -11.96 -31.41 34.62
CA ASP C 686 -11.85 -32.87 34.58
C ASP C 686 -12.51 -33.45 33.34
N ASP C 687 -11.69 -33.85 32.37
CA ASP C 687 -12.17 -34.40 31.11
C ASP C 687 -13.04 -35.65 31.23
N ARG C 688 -12.59 -36.60 32.03
CA ARG C 688 -13.30 -37.85 32.22
C ARG C 688 -14.64 -37.68 32.91
N GLN C 689 -14.68 -36.75 33.86
CA GLN C 689 -15.89 -36.49 34.61
C GLN C 689 -16.94 -35.81 33.71
N VAL C 690 -16.51 -34.80 32.97
CA VAL C 690 -17.43 -34.10 32.07
C VAL C 690 -17.97 -35.04 30.99
N ALA C 691 -17.07 -35.80 30.38
CA ALA C 691 -17.50 -36.74 29.35
C ALA C 691 -18.47 -37.76 29.92
N THR C 692 -18.13 -38.32 31.08
CA THR C 692 -18.98 -39.33 31.71
C THR C 692 -20.37 -38.81 32.04
N TRP C 693 -20.46 -37.58 32.53
CA TRP C 693 -21.75 -37.02 32.87
C TRP C 693 -22.59 -36.82 31.62
N ILE C 694 -21.99 -36.21 30.60
CA ILE C 694 -22.70 -35.95 29.35
C ILE C 694 -23.25 -37.24 28.75
N GLU C 695 -22.41 -38.26 28.69
CA GLU C 695 -22.85 -39.54 28.14
C GLU C 695 -23.98 -40.15 28.98
N GLU C 696 -23.97 -39.87 30.29
CA GLU C 696 -25.02 -40.38 31.16
C GLU C 696 -26.32 -39.61 31.08
N ASN C 697 -26.26 -38.39 30.53
CA ASN C 697 -27.45 -37.57 30.43
C ASN C 697 -27.84 -37.13 29.02
N TYR C 698 -27.43 -37.88 28.00
CA TYR C 698 -27.77 -37.53 26.61
C TYR C 698 -29.23 -37.13 26.45
N LYS C 699 -30.14 -38.06 26.79
CA LYS C 699 -31.58 -37.83 26.69
C LYS C 699 -32.00 -36.65 27.55
N THR C 700 -31.42 -36.53 28.74
CA THR C 700 -31.76 -35.42 29.64
C THR C 700 -31.34 -34.09 29.05
N LEU C 701 -30.11 -34.03 28.54
CA LEU C 701 -29.59 -32.81 27.92
C LEU C 701 -30.43 -32.51 26.68
N ASP C 702 -30.89 -33.56 26.02
CA ASP C 702 -31.70 -33.41 24.83
C ASP C 702 -32.94 -32.58 25.14
N ASP C 703 -33.63 -32.93 26.22
CA ASP C 703 -34.81 -32.19 26.61
C ASP C 703 -34.45 -30.72 26.86
N LYS C 704 -33.31 -30.46 27.49
CA LYS C 704 -32.87 -29.10 27.75
C LYS C 704 -32.66 -28.32 26.44
N LEU C 705 -32.10 -29.00 25.43
CA LEU C 705 -31.88 -28.37 24.13
C LEU C 705 -33.20 -28.04 23.47
N LYS C 706 -34.10 -29.01 23.38
CA LYS C 706 -35.40 -28.78 22.76
C LYS C 706 -36.11 -27.59 23.39
N GLY C 707 -35.89 -27.37 24.67
CA GLY C 707 -36.52 -26.24 25.34
C GLY C 707 -35.78 -24.97 24.99
N LEU C 708 -34.45 -25.05 24.95
CA LEU C 708 -33.60 -23.90 24.63
C LEU C 708 -33.82 -23.45 23.18
N LYS C 709 -34.04 -24.41 22.30
CA LYS C 709 -34.23 -24.11 20.87
C LYS C 709 -35.64 -23.67 20.47
N LEU C 710 -36.60 -23.74 21.40
CA LEU C 710 -37.95 -23.32 21.09
C LEU C 710 -38.40 -22.17 21.99
N GLU C 711 -37.87 -22.12 23.21
CA GLU C 711 -38.23 -21.05 24.13
C GLU C 711 -37.46 -19.77 23.75
N SER C 712 -36.73 -19.87 22.64
CA SER C 712 -35.94 -18.76 22.12
C SER C 712 -36.39 -18.56 20.67
N PHE C 713 -37.47 -19.24 20.32
CA PHE C 713 -38.04 -19.15 18.97
C PHE C 713 -38.73 -17.81 18.81
N ALA C 714 -39.00 -17.15 19.93
CA ALA C 714 -39.66 -15.85 19.92
C ALA C 714 -38.70 -14.74 20.31
N GLN C 715 -37.53 -15.12 20.79
CA GLN C 715 -36.54 -14.13 21.21
C GLN C 715 -35.43 -13.98 20.16
N ASP C 716 -34.63 -15.03 20.00
CA ASP C 716 -33.52 -15.04 19.04
C ASP C 716 -33.97 -14.71 17.62
N LEU C 717 -35.20 -15.07 17.27
CA LEU C 717 -35.71 -14.81 15.92
C LEU C 717 -37.18 -14.38 15.92
N ALA C 718 -37.45 -13.24 16.57
CA ALA C 718 -38.81 -12.69 16.65
C ALA C 718 -38.81 -11.36 17.40
N LYS C 719 -37.62 -10.93 17.83
CA LYS C 719 -37.47 -9.66 18.54
C LYS C 719 -36.16 -8.98 18.18
N LYS C 720 -35.09 -9.60 18.40
#